data_1GDJ
# 
_entry.id   1GDJ 
# 
_audit_conform.dict_name       mmcif_pdbx.dic 
_audit_conform.dict_version    5.385 
_audit_conform.dict_location   http://mmcif.pdb.org/dictionaries/ascii/mmcif_pdbx.dic 
# 
loop_
_database_2.database_id 
_database_2.database_code 
_database_2.pdbx_database_accession 
_database_2.pdbx_DOI 
PDB   1GDJ         pdb_00001gdj 10.2210/pdb1gdj/pdb 
WWPDB D_1000173532 ?            ?                   
# 
loop_
_pdbx_audit_revision_history.ordinal 
_pdbx_audit_revision_history.data_content_type 
_pdbx_audit_revision_history.major_revision 
_pdbx_audit_revision_history.minor_revision 
_pdbx_audit_revision_history.revision_date 
1 'Structure model' 1 0 1995-02-27 
2 'Structure model' 1 1 2008-03-24 
3 'Structure model' 1 2 2011-07-13 
4 'Structure model' 1 3 2014-10-29 
5 'Structure model' 1 4 2017-11-29 
6 'Structure model' 1 5 2024-02-07 
# 
_pdbx_audit_revision_details.ordinal             1 
_pdbx_audit_revision_details.revision_ordinal    1 
_pdbx_audit_revision_details.data_content_type   'Structure model' 
_pdbx_audit_revision_details.provider            repository 
_pdbx_audit_revision_details.type                'Initial release' 
_pdbx_audit_revision_details.description         ? 
_pdbx_audit_revision_details.details             ? 
# 
loop_
_pdbx_audit_revision_group.ordinal 
_pdbx_audit_revision_group.revision_ordinal 
_pdbx_audit_revision_group.data_content_type 
_pdbx_audit_revision_group.group 
1 2 'Structure model' 'Version format compliance' 
2 3 'Structure model' 'Version format compliance' 
3 4 'Structure model' 'Derived calculations'      
4 5 'Structure model' 'Derived calculations'      
5 5 'Structure model' Other                       
6 6 'Structure model' 'Data collection'           
7 6 'Structure model' 'Database references'       
8 6 'Structure model' 'Derived calculations'      
# 
loop_
_pdbx_audit_revision_category.ordinal 
_pdbx_audit_revision_category.revision_ordinal 
_pdbx_audit_revision_category.data_content_type 
_pdbx_audit_revision_category.category 
1 5 'Structure model' pdbx_database_status 
2 5 'Structure model' struct_conf          
3 5 'Structure model' struct_conf_type     
4 6 'Structure model' chem_comp_atom       
5 6 'Structure model' chem_comp_bond       
6 6 'Structure model' database_2           
7 6 'Structure model' struct_ref_seq_dif   
8 6 'Structure model' struct_site          
# 
loop_
_pdbx_audit_revision_item.ordinal 
_pdbx_audit_revision_item.revision_ordinal 
_pdbx_audit_revision_item.data_content_type 
_pdbx_audit_revision_item.item 
1 5 'Structure model' '_pdbx_database_status.process_site'  
2 6 'Structure model' '_database_2.pdbx_DOI'                
3 6 'Structure model' '_database_2.pdbx_database_accession' 
4 6 'Structure model' '_struct_ref_seq_dif.details'         
5 6 'Structure model' '_struct_site.pdbx_auth_asym_id'      
6 6 'Structure model' '_struct_site.pdbx_auth_comp_id'      
7 6 'Structure model' '_struct_site.pdbx_auth_seq_id'       
# 
_pdbx_database_PDB_obs_spr.id               SPRSDE 
_pdbx_database_PDB_obs_spr.date             1995-02-27 
_pdbx_database_PDB_obs_spr.pdb_id           1GDJ 
_pdbx_database_PDB_obs_spr.replace_pdb_id   '1LH4 2LH4' 
_pdbx_database_PDB_obs_spr.details          ? 
# 
_pdbx_database_status.status_code                     REL 
_pdbx_database_status.entry_id                        1GDJ 
_pdbx_database_status.recvd_initial_deposition_date   1994-09-14 
_pdbx_database_status.deposit_site                    ? 
_pdbx_database_status.process_site                    BNL 
_pdbx_database_status.SG_entry                        . 
_pdbx_database_status.status_code_sf                  ? 
_pdbx_database_status.status_code_mr                  ? 
_pdbx_database_status.status_code_cs                  ? 
_pdbx_database_status.pdb_format_compatible           Y 
_pdbx_database_status.methods_development_category    ? 
_pdbx_database_status.status_code_nmr_data            ? 
# 
loop_
_audit_author.name 
_audit_author.pdbx_ordinal 
'Harutyunyan, E.' 1 
'Safonova, T.'    2 
'Kuranova, I.'    3 
# 
loop_
_citation.id 
_citation.title 
_citation.journal_abbrev 
_citation.journal_volume 
_citation.page_first 
_citation.page_last 
_citation.year 
_citation.journal_id_ASTM 
_citation.country 
_citation.journal_id_ISSN 
_citation.journal_id_CSD 
_citation.book_publisher 
_citation.pdbx_database_id_PubMed 
_citation.pdbx_database_id_DOI 
primary 'The Structure of Deoxy- and Oxy-Leghaemoglobin from Lupin' J.Mol.Biol.                           251 104  115 1995 JMOBAK 
UK 0022-2836 0070 ? 7643380 10.1006/jmbi.1995.0419 
1       
'Crystal Structure of Ferric Complexes of the Yellow Lupin Leghemoglobin with Isoquinoline at 1.8 Angstroms Resolution (Russian)' 
Bioorg.Khim.                          17  1605 ?   1991 BIKHD7 UR 0132-3423 0364 ? ?       ?                      
2       
'X-Ray Structure of Ferrous Complexes of the Yellow Lupin Leghemoglobin with Co and No at 1.8 Angstroms Resolution (Russian)' 
Bioorg.Khim.                          14  1509 ?   1988 BIKHD7 UR 0132-3423 0364 ? ?       ?                      
3       
;X-Ray Structural Investigation of Leghemoglobin. Vi. Structure of Acetate-Ferrileghemoglobin at a Resolution of 2.0 Angstroms (Russian)
;
Kristallografiya                      25  80   ?   1980 KRISAJ UR 0023-4761 0041 ? ?       ?                      
4       
'X-Ray Structural Investigation of Leghemoglobin. Vi. Structure of Acetate-Ferrileghemoglobin at a Resolution of 2.0 Angstroms' 
'Sov.Phys.Crystallogr.(Engl.Transl.)' 25  43   ?   1980 SPHCA6 US 0038-5638 0902 ? ?       ?                      
5       'X-Ray Diffraction Study of Leghemoglobin. Iv. Determination of the Structure with 2.8 Angstroms Resolution (Russian)' 
Kristallografiya                      23  517  ?   1978 KRISAJ UR 0023-4761 0041 ? ?       ?                      
6       'X-Ray Structural Investigation of Leghemoglobin. Iv. Structure Determination at a Resolution of 2.8 Angstroms' 
'Sov.Phys.Crystallogr.(Engl.Transl.)' 23  287  ?   1978 SPHCA6 US 0038-5638 0902 ? ?       ?                      
7       'Spatial Structure of Lupine Leghemoglobin with the 2.8 Angstroms Resolution (Russian)' 'Dokl.Akad.Nauk Sssr' 233 238  ?   
1977 DANKAS UR 0002-3264 0093 ? ?       ?                      
8       'Three-Dimensional Structure of Lupine Leghemoglobin with a Resolution of 2.8 Angstroms' 'Dokl.Biochem.(Engl.Transl.)' 233 
67   ?   1977 DBIOAM US 0012-4958 0903 ? ?       ?                      
9       'X-Ray Structural Study of Leghemoglobin. III. Crystallographic Data on the Structure of the First Component (Russian)' 
Kristallografiya                      22  634  ?   1977 KRISAJ UR 0023-4761 0041 ? ?       ?                      
10      'X-Ray Structural Study of Leghemoglobin. III. Crystallographic Data Regarding the Structure of the First Component' 
'Sov.Phys.Crystallogr.(Engl.Transl.)' 22  362  ?   1977 SPHCA6 US 0038-5638 0902 ? ?       ?                      
11      'The Haem-Accessibility in Leghaemoglobin of Lupinus Luteus as Observed by Proton Magnetic Relaxation' 
'Int.J.Pept.Protein Res.'             8   427  ?   1976 IJPPC3 DK 0367-8377 0215 ? ?       ?                      
12      'X-Ray Study of Leghemoglobin. II. Determination of the Structure with Resolution of 5 Angstroms' 
'Sov.Phys.Crystallogr.(Engl.Transl.)' 19  602  ?   1975 SPHCA6 US 0038-5638 0902 ? ?       ?                      
13      'X-Ray Study of Leghemoglobin. I.Purification, Crystallization, and Preparation of Derivatives Containing Heavy Atoms' 
'Sov.Phys.Crystallogr.(Engl.Transl.)' 19  598  ?   1975 SPHCA6 US 0038-5638 0902 ? ?       ?                      
14      'Structure of Leghaemoglobin from Lupin Root Nodules at 5 Angstroms Resolution' Nature                                254 
163  ?   1975 NATUAS UK 0028-0836 0006 ? ?       ?                      
15      'The X-Ray Structural Study of Leghemoglobin. II. Determination of the Structure at 5 Angstroms Resolution (Russian)' 
Kristallografiya                      19  971  ?   1974 KRISAJ UR 0023-4761 0041 ? ?       ?                      
16      
;The X-Ray Structural Study of Leghemoglobin. I. Purification, Crystallization, and Production of Derivatives Containing Heavy Atoms (Russian)
;
Kristallografiya                      19  964  ?   1974 KRISAJ UR 0023-4761 0041 ? ?       ?                      
17      
'X-Ray Determination of Three-Dimensional Structure of Leghemoglobin from Lupinus Luteus L. At 5 Angstroms Resolution (Russian)' 
'Dokl.Akad.Nauk Sssr'                 216 690  ?   1974 DANKAS UR 0002-3264 0093 ? ?       ?                      
18      
;X-Ray Diffraction Determination of the Three-Dimensional Structure of Leghemoglobin of Lupinus Luteus L. With 5 Angstroms Resolution
;
'Dokl.Biochem.(Engl.Transl.)'         216 226  ?   1974 DBIOAM US 0012-4958 0903 ? ?       ?                      
19      'Cell Parameters of Crystalline Plant (Lupinus Luteus (Lupine)) Hemoglobin (Russian)' Kristallografiya 16  237  ?   1971 
KRISAJ UR 0023-4761 0041 ? ?       ?                      
20      'Unit-Cell Parameters of Crystalline Plant Hemoglobin' 'Sov.Phys.Crystallogr.(Engl.Transl.)' 16  193  ?   1971 SPHCA6 US 
0038-5638 0902 ? ?       ?                      
# 
loop_
_citation_author.citation_id 
_citation_author.name 
_citation_author.ordinal 
_citation_author.identifier_ORCID 
primary 'Harutyunyan, H.E.'   1   ? 
primary 'Safonova, T.N.'      2   ? 
primary 'Kuranova, I.P.'      3   ? 
primary 'Popov, A.N.'         4   ? 
primary 'Teplyakov, A.V.'     5   ? 
primary 'Obmolova, G.V.'      6   ? 
primary 'Rusakov, A.A.'       7   ? 
primary 'Vainshtein, B.K.'    8   ? 
primary 'Dodson, G.G.'        9   ? 
primary 'Wilson, J.C.'        10  ? 
primary 'Perutz, M.F.'        11  ? 
1       'Safonova, T.N.'      12  ? 
1       'Teplyakov, A.V.'     13  ? 
1       'Obmolova, G.V.'      14  ? 
1       'Popov, A.N.'         15  ? 
1       'Kuranova, I.P.'      16  ? 
1       'Harutyunyan, E.G.'   17  ? 
2       'Obmolova, G.V.'      18  ? 
2       'Safonova, T.N.'      19  ? 
2       'Teplyakov, A.V.'     20  ? 
2       'Popov, A.N.'         21  ? 
2       'Kuranova, I.P.'      22  ? 
2       'Harutyunyan, E.G.'   23  ? 
2       'Vainshtein, B.K.'    24  ? 
3       'Arutyunyan, E.G.'    25  ? 
3       'Kuranova, I.P.'      26  ? 
3       'Vainshtein, B.K.'    27  ? 
3       'Steigemann, W.'      28  ? 
4       'Arutyunyan, E.G.'    29  ? 
4       'Kuranova, I.P.'      30  ? 
4       'Vainshtein, B.K.'    31  ? 
4       'Steigemann, W.'      32  ? 
5       'Vainshtein, B.K.'    33  ? 
5       'Arutyunyan, E.G.'    34  ? 
5       'Kuranova, I.P.'      35  ? 
5       'Borisov, V.V.'       36  ? 
5       'Sosfenov, N.I.'      37  ? 
5       'Pavlovskii, A.G.'    38  ? 
5       'Grebenko, A.I.'      39  ? 
5       'Nekrasov, Yu.V.'     40  ? 
6       'Vainshtein, B.K.'    41  ? 
6       'Arutyunyan, E.G.'    42  ? 
6       'Kuranova, I.P.'      43  ? 
6       'Borisov, V.V.'       44  ? 
6       'Sosfenov, N.I.'      45  ? 
6       'Pavlovskii, A.G.'    46  ? 
6       'Grebenko, A.I.'      47  ? 
6       'Nekrasov, Yu.V.'     48  ? 
7       'Vainshtein, B.K.'    49  ? 
7       'Arutiunian, E.G.'    50  ? 
7       'Kuranova, I.P.'      51  ? 
7       'Borisov, V.V.'       52  ? 
7       'Sosfenov, N.I.'      53  ? 
7       'Pavlovskii, A.G.'    54  ? 
7       'Grebenko, A.I.'      55  ? 
7       'Konareva, N.V.'      56  ? 
7       'Nekrasov, Iu.V.'     57  ? 
8       'Vainshtein, B.K.'    58  ? 
8       'Arutyunyan, E.G.'    59  ? 
8       'Kuranova, I.P.'      60  ? 
8       'Borisov, V.V.'       61  ? 
8       'Sosfenov, N.I.'      62  ? 
8       'Pavlovskii, A.G.'    63  ? 
8       'Grebenko, A.I.'      64  ? 
8       'Konareva, N.V.'      65  ? 
8       'Nekrasov, Yu.V.'     66  ? 
9       'Arutyunyan, E.G.'    67  ? 
9       'Kuranova, I.P.'      68  ? 
9       'Grebenko, A.I.'      69  ? 
9       'Voronova, A.A.'      70  ? 
10      'Arutyunyan, E.G.'    71  ? 
10      'Kuranova, I.P.'      72  ? 
10      'Grebenko, A.I.'      73  ? 
10      'Voronova, A.A.'      74  ? 
11      'Vuk-Pavlovic, S.'    75  ? 
11      'Benko, B.'           76  ? 
11      'Maricic, S.'         77  ? 
11      'Lahajnar, G.'        78  ? 
11      'Kuranova, I.P.'      79  ? 
11      'Vainshtein, B.K.'    80  ? 
12      'Vainshtein, B.K.'    81  ? 
12      'Arutyunyan, E.G.'    82  ? 
12      'Kuranova, I.P.'      83  ? 
12      'Borisov, V.V.'       84  ? 
12      'Sosfenov, N.I.'      85  ? 
12      'Pavlovskii, A.G.'    86  ? 
12      'Grebenko, A.I.'      87  ? 
12      'Konareva, N.V.'      88  ? 
13      'Vainshtein, B.K.'    89  ? 
13      'Arutyunyan, E.G.'    90  ? 
13      'Kuranova, I.P.'      91  ? 
13      'Borisov, V.V.'       92  ? 
13      'Sosfenov, N.I.'      93  ? 
13      'Pavlovskii, A.G.'    94  ? 
13      'Grebenko, A.I.'      95  ? 
13      'Konareva, N.V.'      96  ? 
14      'Vainshtein, B.K.'    97  ? 
14      'Harutyunyan, E.H.'   98  ? 
14      'Kuranova, I.P.'      99  ? 
14      'Borisov, V.V.'       100 ? 
14      'Sosfenov, N.I.'      101 ? 
14      'Pavlovsky, A.G.'     102 ? 
14      'Grebenko, A.I.'      103 ? 
14      'Konareva, N.V.'      104 ? 
15      'Vainshtein, B.K.'    105 ? 
15      'Arutyunyan, E.G.'    106 ? 
15      'Kuranova, I.P.'      107 ? 
15      'Borisov, V.V.'       108 ? 
15      'Sosfenov, N.I.'      109 ? 
15      'Pavlovskii, A.G.'    110 ? 
15      'Grebenko, A.I.'      111 ? 
15      'Konareva, N.V.'      112 ? 
16      'Vainshtein, B.K.'    113 ? 
16      'Arutyunyan, E.G.'    114 ? 
16      'Kuranova, I.P.'      115 ? 
16      'Borisov, V.V.'       116 ? 
16      'Sosfenov, N.I.'      117 ? 
16      'Pavlovskii, A.G.'    118 ? 
16      'Grebenko, A.I.'      119 ? 
16      'Konareva, N.V.'      120 ? 
17      'Vainshtein, B.K.'    121 ? 
17      'Arutiunian, E.G.'    122 ? 
17      'Kuranova, I.P.'      123 ? 
17      'Borisov, V.V.'       124 ? 
17      'Sosfenov, N.I.'      125 ? 
17      'Pavlovskii, A.G.'    126 ? 
17      'Grebenko, A.I.'      127 ? 
17      'Konareva, N.V.'      128 ? 
18      'Vainshtein, B.K.'    129 ? 
18      'Arutyunyan, E.G.'    130 ? 
18      'Kuranova, I.P.'      131 ? 
18      'Borisov, V.V.'       132 ? 
18      'Sosfenov, N.I.'      133 ? 
18      'Pavlovskii, A.G.'    134 ? 
18      'Grebenko, A.I.'      135 ? 
18      'Konareva, N.V.'      136 ? 
19      'Arutyunyan, E.G.'    137 ? 
19      'Zaitsev, V.N.'       138 ? 
19      'Zhiznevskaya, G.Ya.' 139 ? 
19      'Borodenko, L.I.'     140 ? 
20      'Arutyunyan, E.G.'    141 ? 
20      'Zaitsev, V.N.'       142 ? 
20      'Zhiznevskaya, G.Ya.' 143 ? 
20      'Borodenko, L.I.'     144 ? 
# 
loop_
_entity.id 
_entity.type 
_entity.src_method 
_entity.pdbx_description 
_entity.formula_weight 
_entity.pdbx_number_of_molecules 
_entity.pdbx_ec 
_entity.pdbx_mutation 
_entity.pdbx_fragment 
_entity.details 
1 polymer     man 'LEGHEMOGLOBIN (DEOXY)'           16674.070 1   ? ? ? ? 
2 non-polymer syn 'PROTOPORPHYRIN IX CONTAINING FE' 616.487   1   ? ? ? ? 
3 water       nat water                             18.015    243 ? ? ? ? 
# 
_entity_poly.entity_id                      1 
_entity_poly.type                           'polypeptide(L)' 
_entity_poly.nstd_linkage                   no 
_entity_poly.nstd_monomer                   no 
_entity_poly.pdbx_seq_one_letter_code       
;GALTESQAALVKSSWEEFNANIPKHTHRFFILVLEIAPAAKDLFSFLKGTSEVPQNNPELQAHAGKVFKLVYEAAIQLEV
TGVVVTDATLKNLGSVHVSKGVADAHFPVVKEAILKTIKEVVGAKWSEELNSAWTIAYDELAIVIKKEMDDAA
;
_entity_poly.pdbx_seq_one_letter_code_can   
;GALTESQAALVKSSWEEFNANIPKHTHRFFILVLEIAPAAKDLFSFLKGTSEVPQNNPELQAHAGKVFKLVYEAAIQLEV
TGVVVTDATLKNLGSVHVSKGVADAHFPVVKEAILKTIKEVVGAKWSEELNSAWTIAYDELAIVIKKEMDDAA
;
_entity_poly.pdbx_strand_id                 A 
_entity_poly.pdbx_target_identifier         ? 
# 
loop_
_pdbx_entity_nonpoly.entity_id 
_pdbx_entity_nonpoly.name 
_pdbx_entity_nonpoly.comp_id 
2 'PROTOPORPHYRIN IX CONTAINING FE' HEM 
3 water                             HOH 
# 
loop_
_entity_poly_seq.entity_id 
_entity_poly_seq.num 
_entity_poly_seq.mon_id 
_entity_poly_seq.hetero 
1 1   GLY n 
1 2   ALA n 
1 3   LEU n 
1 4   THR n 
1 5   GLU n 
1 6   SER n 
1 7   GLN n 
1 8   ALA n 
1 9   ALA n 
1 10  LEU n 
1 11  VAL n 
1 12  LYS n 
1 13  SER n 
1 14  SER n 
1 15  TRP n 
1 16  GLU n 
1 17  GLU n 
1 18  PHE n 
1 19  ASN n 
1 20  ALA n 
1 21  ASN n 
1 22  ILE n 
1 23  PRO n 
1 24  LYS n 
1 25  HIS n 
1 26  THR n 
1 27  HIS n 
1 28  ARG n 
1 29  PHE n 
1 30  PHE n 
1 31  ILE n 
1 32  LEU n 
1 33  VAL n 
1 34  LEU n 
1 35  GLU n 
1 36  ILE n 
1 37  ALA n 
1 38  PRO n 
1 39  ALA n 
1 40  ALA n 
1 41  LYS n 
1 42  ASP n 
1 43  LEU n 
1 44  PHE n 
1 45  SER n 
1 46  PHE n 
1 47  LEU n 
1 48  LYS n 
1 49  GLY n 
1 50  THR n 
1 51  SER n 
1 52  GLU n 
1 53  VAL n 
1 54  PRO n 
1 55  GLN n 
1 56  ASN n 
1 57  ASN n 
1 58  PRO n 
1 59  GLU n 
1 60  LEU n 
1 61  GLN n 
1 62  ALA n 
1 63  HIS n 
1 64  ALA n 
1 65  GLY n 
1 66  LYS n 
1 67  VAL n 
1 68  PHE n 
1 69  LYS n 
1 70  LEU n 
1 71  VAL n 
1 72  TYR n 
1 73  GLU n 
1 74  ALA n 
1 75  ALA n 
1 76  ILE n 
1 77  GLN n 
1 78  LEU n 
1 79  GLU n 
1 80  VAL n 
1 81  THR n 
1 82  GLY n 
1 83  VAL n 
1 84  VAL n 
1 85  VAL n 
1 86  THR n 
1 87  ASP n 
1 88  ALA n 
1 89  THR n 
1 90  LEU n 
1 91  LYS n 
1 92  ASN n 
1 93  LEU n 
1 94  GLY n 
1 95  SER n 
1 96  VAL n 
1 97  HIS n 
1 98  VAL n 
1 99  SER n 
1 100 LYS n 
1 101 GLY n 
1 102 VAL n 
1 103 ALA n 
1 104 ASP n 
1 105 ALA n 
1 106 HIS n 
1 107 PHE n 
1 108 PRO n 
1 109 VAL n 
1 110 VAL n 
1 111 LYS n 
1 112 GLU n 
1 113 ALA n 
1 114 ILE n 
1 115 LEU n 
1 116 LYS n 
1 117 THR n 
1 118 ILE n 
1 119 LYS n 
1 120 GLU n 
1 121 VAL n 
1 122 VAL n 
1 123 GLY n 
1 124 ALA n 
1 125 LYS n 
1 126 TRP n 
1 127 SER n 
1 128 GLU n 
1 129 GLU n 
1 130 LEU n 
1 131 ASN n 
1 132 SER n 
1 133 ALA n 
1 134 TRP n 
1 135 THR n 
1 136 ILE n 
1 137 ALA n 
1 138 TYR n 
1 139 ASP n 
1 140 GLU n 
1 141 LEU n 
1 142 ALA n 
1 143 ILE n 
1 144 VAL n 
1 145 ILE n 
1 146 LYS n 
1 147 LYS n 
1 148 GLU n 
1 149 MET n 
1 150 ASP n 
1 151 ASP n 
1 152 ALA n 
1 153 ALA n 
# 
_entity_src_gen.entity_id                          1 
_entity_src_gen.pdbx_src_id                        1 
_entity_src_gen.pdbx_alt_source_flag               sample 
_entity_src_gen.pdbx_seq_type                      ? 
_entity_src_gen.pdbx_beg_seq_num                   ? 
_entity_src_gen.pdbx_end_seq_num                   ? 
_entity_src_gen.gene_src_common_name               'yellow lupine' 
_entity_src_gen.gene_src_genus                     Lupinus 
_entity_src_gen.pdbx_gene_src_gene                 ? 
_entity_src_gen.gene_src_species                   ? 
_entity_src_gen.gene_src_strain                    ? 
_entity_src_gen.gene_src_tissue                    ? 
_entity_src_gen.gene_src_tissue_fraction           ? 
_entity_src_gen.gene_src_details                   ? 
_entity_src_gen.pdbx_gene_src_fragment             ? 
_entity_src_gen.pdbx_gene_src_scientific_name      'Lupinus luteus' 
_entity_src_gen.pdbx_gene_src_ncbi_taxonomy_id     3873 
_entity_src_gen.pdbx_gene_src_variant              ? 
_entity_src_gen.pdbx_gene_src_cell_line            ? 
_entity_src_gen.pdbx_gene_src_atcc                 ? 
_entity_src_gen.pdbx_gene_src_organ                ? 
_entity_src_gen.pdbx_gene_src_organelle            ? 
_entity_src_gen.pdbx_gene_src_cell                 ? 
_entity_src_gen.pdbx_gene_src_cellular_location    ? 
_entity_src_gen.host_org_common_name               ? 
_entity_src_gen.pdbx_host_org_scientific_name      ? 
_entity_src_gen.pdbx_host_org_ncbi_taxonomy_id     ? 
_entity_src_gen.host_org_genus                     ? 
_entity_src_gen.pdbx_host_org_gene                 ? 
_entity_src_gen.pdbx_host_org_organ                ? 
_entity_src_gen.host_org_species                   ? 
_entity_src_gen.pdbx_host_org_tissue               ? 
_entity_src_gen.pdbx_host_org_tissue_fraction      ? 
_entity_src_gen.pdbx_host_org_strain               ? 
_entity_src_gen.pdbx_host_org_variant              ? 
_entity_src_gen.pdbx_host_org_cell_line            ? 
_entity_src_gen.pdbx_host_org_atcc                 ? 
_entity_src_gen.pdbx_host_org_culture_collection   ? 
_entity_src_gen.pdbx_host_org_cell                 ? 
_entity_src_gen.pdbx_host_org_organelle            ? 
_entity_src_gen.pdbx_host_org_cellular_location    ? 
_entity_src_gen.pdbx_host_org_vector_type          ? 
_entity_src_gen.pdbx_host_org_vector               ? 
_entity_src_gen.host_org_details                   ? 
_entity_src_gen.expression_system_id               ? 
_entity_src_gen.plasmid_name                       ? 
_entity_src_gen.plasmid_details                    ? 
_entity_src_gen.pdbx_description                   ? 
# 
loop_
_chem_comp.id 
_chem_comp.type 
_chem_comp.mon_nstd_flag 
_chem_comp.name 
_chem_comp.pdbx_synonyms 
_chem_comp.formula 
_chem_comp.formula_weight 
ALA 'L-peptide linking' y ALANINE                           ?    'C3 H7 N O2'       89.093  
ARG 'L-peptide linking' y ARGININE                          ?    'C6 H15 N4 O2 1'   175.209 
ASN 'L-peptide linking' y ASPARAGINE                        ?    'C4 H8 N2 O3'      132.118 
ASP 'L-peptide linking' y 'ASPARTIC ACID'                   ?    'C4 H7 N O4'       133.103 
GLN 'L-peptide linking' y GLUTAMINE                         ?    'C5 H10 N2 O3'     146.144 
GLU 'L-peptide linking' y 'GLUTAMIC ACID'                   ?    'C5 H9 N O4'       147.129 
GLY 'peptide linking'   y GLYCINE                           ?    'C2 H5 N O2'       75.067  
HEM non-polymer         . 'PROTOPORPHYRIN IX CONTAINING FE' HEME 'C34 H32 Fe N4 O4' 616.487 
HIS 'L-peptide linking' y HISTIDINE                         ?    'C6 H10 N3 O2 1'   156.162 
HOH non-polymer         . WATER                             ?    'H2 O'             18.015  
ILE 'L-peptide linking' y ISOLEUCINE                        ?    'C6 H13 N O2'      131.173 
LEU 'L-peptide linking' y LEUCINE                           ?    'C6 H13 N O2'      131.173 
LYS 'L-peptide linking' y LYSINE                            ?    'C6 H15 N2 O2 1'   147.195 
MET 'L-peptide linking' y METHIONINE                        ?    'C5 H11 N O2 S'    149.211 
PHE 'L-peptide linking' y PHENYLALANINE                     ?    'C9 H11 N O2'      165.189 
PRO 'L-peptide linking' y PROLINE                           ?    'C5 H9 N O2'       115.130 
SER 'L-peptide linking' y SERINE                            ?    'C3 H7 N O3'       105.093 
THR 'L-peptide linking' y THREONINE                         ?    'C4 H9 N O3'       119.119 
TRP 'L-peptide linking' y TRYPTOPHAN                        ?    'C11 H12 N2 O2'    204.225 
TYR 'L-peptide linking' y TYROSINE                          ?    'C9 H11 N O3'      181.189 
VAL 'L-peptide linking' y VALINE                            ?    'C5 H11 N O2'      117.146 
# 
loop_
_pdbx_poly_seq_scheme.asym_id 
_pdbx_poly_seq_scheme.entity_id 
_pdbx_poly_seq_scheme.seq_id 
_pdbx_poly_seq_scheme.mon_id 
_pdbx_poly_seq_scheme.ndb_seq_num 
_pdbx_poly_seq_scheme.pdb_seq_num 
_pdbx_poly_seq_scheme.auth_seq_num 
_pdbx_poly_seq_scheme.pdb_mon_id 
_pdbx_poly_seq_scheme.auth_mon_id 
_pdbx_poly_seq_scheme.pdb_strand_id 
_pdbx_poly_seq_scheme.pdb_ins_code 
_pdbx_poly_seq_scheme.hetero 
A 1 1   GLY 1   1   1   GLY GLY A . n 
A 1 2   ALA 2   2   2   ALA ALA A . n 
A 1 3   LEU 3   3   3   LEU LEU A . n 
A 1 4   THR 4   4   4   THR THR A . n 
A 1 5   GLU 5   5   5   GLU GLU A . n 
A 1 6   SER 6   6   6   SER SER A . n 
A 1 7   GLN 7   7   7   GLN GLN A . n 
A 1 8   ALA 8   8   8   ALA ALA A . n 
A 1 9   ALA 9   9   9   ALA ALA A . n 
A 1 10  LEU 10  10  10  LEU LEU A . n 
A 1 11  VAL 11  11  11  VAL VAL A . n 
A 1 12  LYS 12  12  12  LYS LYS A . n 
A 1 13  SER 13  13  13  SER SER A . n 
A 1 14  SER 14  14  14  SER SER A . n 
A 1 15  TRP 15  15  15  TRP TRP A . n 
A 1 16  GLU 16  16  16  GLU GLU A . n 
A 1 17  GLU 17  17  17  GLU GLU A . n 
A 1 18  PHE 18  18  18  PHE PHE A . n 
A 1 19  ASN 19  19  19  ASN ASN A . n 
A 1 20  ALA 20  20  20  ALA ALA A . n 
A 1 21  ASN 21  21  21  ASN ASN A . n 
A 1 22  ILE 22  22  22  ILE ILE A . n 
A 1 23  PRO 23  23  23  PRO PRO A . n 
A 1 24  LYS 24  24  24  LYS LYS A . n 
A 1 25  HIS 25  25  25  HIS HIS A . n 
A 1 26  THR 26  26  26  THR THR A . n 
A 1 27  HIS 27  27  27  HIS HIS A . n 
A 1 28  ARG 28  28  28  ARG ARG A . n 
A 1 29  PHE 29  29  29  PHE PHE A . n 
A 1 30  PHE 30  30  30  PHE PHE A . n 
A 1 31  ILE 31  31  31  ILE ILE A . n 
A 1 32  LEU 32  32  32  LEU LEU A . n 
A 1 33  VAL 33  33  33  VAL VAL A . n 
A 1 34  LEU 34  34  34  LEU LEU A . n 
A 1 35  GLU 35  35  35  GLU GLU A . n 
A 1 36  ILE 36  36  36  ILE ILE A . n 
A 1 37  ALA 37  37  37  ALA ALA A . n 
A 1 38  PRO 38  38  38  PRO PRO A . n 
A 1 39  ALA 39  39  39  ALA ALA A . n 
A 1 40  ALA 40  40  40  ALA ALA A . n 
A 1 41  LYS 41  41  41  LYS LYS A . n 
A 1 42  ASP 42  42  42  ASP ASP A . n 
A 1 43  LEU 43  43  43  LEU LEU A . n 
A 1 44  PHE 44  44  44  PHE PHE A . n 
A 1 45  SER 45  45  45  SER SER A . n 
A 1 46  PHE 46  46  46  PHE PHE A . n 
A 1 47  LEU 47  47  47  LEU LEU A . n 
A 1 48  LYS 48  48  48  LYS LYS A . n 
A 1 49  GLY 49  49  49  GLY GLY A . n 
A 1 50  THR 50  50  50  THR THR A . n 
A 1 51  SER 51  51  51  SER SER A . n 
A 1 52  GLU 52  52  52  GLU GLU A . n 
A 1 53  VAL 53  53  53  VAL VAL A . n 
A 1 54  PRO 54  54  54  PRO PRO A . n 
A 1 55  GLN 55  55  55  GLN GLN A . n 
A 1 56  ASN 56  56  56  ASN ASN A . n 
A 1 57  ASN 57  57  57  ASN ASN A . n 
A 1 58  PRO 58  58  58  PRO PRO A . n 
A 1 59  GLU 59  59  59  GLU GLU A . n 
A 1 60  LEU 60  60  60  LEU LEU A . n 
A 1 61  GLN 61  61  61  GLN GLN A . n 
A 1 62  ALA 62  62  62  ALA ALA A . n 
A 1 63  HIS 63  63  63  HIS HIS A . n 
A 1 64  ALA 64  64  64  ALA ALA A . n 
A 1 65  GLY 65  65  65  GLY GLY A . n 
A 1 66  LYS 66  66  66  LYS LYS A . n 
A 1 67  VAL 67  67  67  VAL VAL A . n 
A 1 68  PHE 68  68  68  PHE PHE A . n 
A 1 69  LYS 69  69  69  LYS LYS A . n 
A 1 70  LEU 70  70  70  LEU LEU A . n 
A 1 71  VAL 71  71  71  VAL VAL A . n 
A 1 72  TYR 72  72  72  TYR TYR A . n 
A 1 73  GLU 73  73  73  GLU GLU A . n 
A 1 74  ALA 74  74  74  ALA ALA A . n 
A 1 75  ALA 75  75  75  ALA ALA A . n 
A 1 76  ILE 76  76  76  ILE ILE A . n 
A 1 77  GLN 77  77  77  GLN GLN A . n 
A 1 78  LEU 78  78  78  LEU LEU A . n 
A 1 79  GLU 79  79  79  GLU GLU A . n 
A 1 80  VAL 80  80  80  VAL VAL A . n 
A 1 81  THR 81  81  81  THR THR A . n 
A 1 82  GLY 82  82  82  GLY GLY A . n 
A 1 83  VAL 83  83  83  VAL VAL A . n 
A 1 84  VAL 84  84  84  VAL VAL A . n 
A 1 85  VAL 85  85  85  VAL VAL A . n 
A 1 86  THR 86  86  86  THR THR A . n 
A 1 87  ASP 87  87  87  ASP ASP A . n 
A 1 88  ALA 88  88  88  ALA ALA A . n 
A 1 89  THR 89  89  89  THR THR A . n 
A 1 90  LEU 90  90  90  LEU LEU A . n 
A 1 91  LYS 91  91  91  LYS LYS A . n 
A 1 92  ASN 92  92  92  ASN ASN A . n 
A 1 93  LEU 93  93  93  LEU LEU A . n 
A 1 94  GLY 94  94  94  GLY GLY A . n 
A 1 95  SER 95  95  95  SER SER A . n 
A 1 96  VAL 96  96  96  VAL VAL A . n 
A 1 97  HIS 97  97  97  HIS HIS A . n 
A 1 98  VAL 98  98  98  VAL VAL A . n 
A 1 99  SER 99  99  99  SER SER A . n 
A 1 100 LYS 100 100 100 LYS LYS A . n 
A 1 101 GLY 101 101 101 GLY GLY A . n 
A 1 102 VAL 102 102 102 VAL VAL A . n 
A 1 103 ALA 103 103 103 ALA ALA A . n 
A 1 104 ASP 104 104 104 ASP ASP A . n 
A 1 105 ALA 105 105 105 ALA ALA A . n 
A 1 106 HIS 106 106 106 HIS HIS A . n 
A 1 107 PHE 107 107 107 PHE PHE A . n 
A 1 108 PRO 108 108 108 PRO PRO A . n 
A 1 109 VAL 109 109 109 VAL VAL A . n 
A 1 110 VAL 110 110 110 VAL VAL A . n 
A 1 111 LYS 111 111 111 LYS LYS A . n 
A 1 112 GLU 112 112 112 GLU GLU A . n 
A 1 113 ALA 113 113 113 ALA ALA A . n 
A 1 114 ILE 114 114 114 ILE ILE A . n 
A 1 115 LEU 115 115 115 LEU LEU A . n 
A 1 116 LYS 116 116 116 LYS LYS A . n 
A 1 117 THR 117 117 117 THR THR A . n 
A 1 118 ILE 118 118 118 ILE ILE A . n 
A 1 119 LYS 119 119 119 LYS LYS A . n 
A 1 120 GLU 120 120 120 GLU GLU A . n 
A 1 121 VAL 121 121 121 VAL VAL A . n 
A 1 122 VAL 122 122 122 VAL VAL A . n 
A 1 123 GLY 123 123 123 GLY GLY A . n 
A 1 124 ALA 124 124 124 ALA ALA A . n 
A 1 125 LYS 125 125 125 LYS LYS A . n 
A 1 126 TRP 126 126 126 TRP TRP A . n 
A 1 127 SER 127 127 127 SER SER A . n 
A 1 128 GLU 128 128 128 GLU GLU A . n 
A 1 129 GLU 129 129 129 GLU GLU A . n 
A 1 130 LEU 130 130 130 LEU LEU A . n 
A 1 131 ASN 131 131 131 ASN ASN A . n 
A 1 132 SER 132 132 132 SER SER A . n 
A 1 133 ALA 133 133 133 ALA ALA A . n 
A 1 134 TRP 134 134 134 TRP TRP A . n 
A 1 135 THR 135 135 135 THR THR A . n 
A 1 136 ILE 136 136 136 ILE ILE A . n 
A 1 137 ALA 137 137 137 ALA ALA A . n 
A 1 138 TYR 138 138 138 TYR TYR A . n 
A 1 139 ASP 139 139 139 ASP ASP A . n 
A 1 140 GLU 140 140 140 GLU GLU A . n 
A 1 141 LEU 141 141 141 LEU LEU A . n 
A 1 142 ALA 142 142 142 ALA ALA A . n 
A 1 143 ILE 143 143 143 ILE ILE A . n 
A 1 144 VAL 144 144 144 VAL VAL A . n 
A 1 145 ILE 145 145 145 ILE ILE A . n 
A 1 146 LYS 146 146 146 LYS LYS A . n 
A 1 147 LYS 147 147 147 LYS LYS A . n 
A 1 148 GLU 148 148 148 GLU GLU A . n 
A 1 149 MET 149 149 149 MET MET A . n 
A 1 150 ASP 150 150 150 ASP ASP A . n 
A 1 151 ASP 151 151 151 ASP ASP A . n 
A 1 152 ALA 152 152 152 ALA ALA A . n 
A 1 153 ALA 153 153 153 ALA ALA A . n 
# 
loop_
_pdbx_nonpoly_scheme.asym_id 
_pdbx_nonpoly_scheme.entity_id 
_pdbx_nonpoly_scheme.mon_id 
_pdbx_nonpoly_scheme.ndb_seq_num 
_pdbx_nonpoly_scheme.pdb_seq_num 
_pdbx_nonpoly_scheme.auth_seq_num 
_pdbx_nonpoly_scheme.pdb_mon_id 
_pdbx_nonpoly_scheme.auth_mon_id 
_pdbx_nonpoly_scheme.pdb_strand_id 
_pdbx_nonpoly_scheme.pdb_ins_code 
B 2 HEM 1   154 154 HEM HEM A . 
C 3 HOH 1   156 156 HOH HOH A . 
C 3 HOH 2   157 157 HOH HOH A . 
C 3 HOH 3   158 158 HOH HOH A . 
C 3 HOH 4   159 159 HOH HOH A . 
C 3 HOH 5   160 160 HOH HOH A . 
C 3 HOH 6   161 161 HOH HOH A . 
C 3 HOH 7   162 162 HOH HOH A . 
C 3 HOH 8   163 163 HOH HOH A . 
C 3 HOH 9   164 164 HOH HOH A . 
C 3 HOH 10  165 165 HOH HOH A . 
C 3 HOH 11  166 166 HOH HOH A . 
C 3 HOH 12  167 167 HOH HOH A . 
C 3 HOH 13  168 168 HOH HOH A . 
C 3 HOH 14  169 169 HOH HOH A . 
C 3 HOH 15  170 170 HOH HOH A . 
C 3 HOH 16  171 171 HOH HOH A . 
C 3 HOH 17  172 172 HOH HOH A . 
C 3 HOH 18  173 173 HOH HOH A . 
C 3 HOH 19  174 174 HOH HOH A . 
C 3 HOH 20  175 175 HOH HOH A . 
C 3 HOH 21  176 176 HOH HOH A . 
C 3 HOH 22  177 177 HOH HOH A . 
C 3 HOH 23  178 178 HOH HOH A . 
C 3 HOH 24  179 179 HOH HOH A . 
C 3 HOH 25  180 180 HOH HOH A . 
C 3 HOH 26  181 181 HOH HOH A . 
C 3 HOH 27  182 182 HOH HOH A . 
C 3 HOH 28  183 183 HOH HOH A . 
C 3 HOH 29  184 184 HOH HOH A . 
C 3 HOH 30  185 185 HOH HOH A . 
C 3 HOH 31  186 186 HOH HOH A . 
C 3 HOH 32  187 187 HOH HOH A . 
C 3 HOH 33  188 188 HOH HOH A . 
C 3 HOH 34  189 189 HOH HOH A . 
C 3 HOH 35  190 190 HOH HOH A . 
C 3 HOH 36  191 191 HOH HOH A . 
C 3 HOH 37  192 192 HOH HOH A . 
C 3 HOH 38  193 193 HOH HOH A . 
C 3 HOH 39  194 194 HOH HOH A . 
C 3 HOH 40  195 195 HOH HOH A . 
C 3 HOH 41  196 196 HOH HOH A . 
C 3 HOH 42  197 197 HOH HOH A . 
C 3 HOH 43  198 198 HOH HOH A . 
C 3 HOH 44  200 200 HOH HOH A . 
C 3 HOH 45  201 201 HOH HOH A . 
C 3 HOH 46  202 202 HOH HOH A . 
C 3 HOH 47  203 203 HOH HOH A . 
C 3 HOH 48  204 204 HOH HOH A . 
C 3 HOH 49  205 205 HOH HOH A . 
C 3 HOH 50  206 206 HOH HOH A . 
C 3 HOH 51  207 207 HOH HOH A . 
C 3 HOH 52  208 208 HOH HOH A . 
C 3 HOH 53  209 209 HOH HOH A . 
C 3 HOH 54  210 210 HOH HOH A . 
C 3 HOH 55  211 211 HOH HOH A . 
C 3 HOH 56  212 212 HOH HOH A . 
C 3 HOH 57  214 214 HOH HOH A . 
C 3 HOH 58  215 215 HOH HOH A . 
C 3 HOH 59  217 217 HOH HOH A . 
C 3 HOH 60  218 218 HOH HOH A . 
C 3 HOH 61  219 219 HOH HOH A . 
C 3 HOH 62  220 220 HOH HOH A . 
C 3 HOH 63  221 221 HOH HOH A . 
C 3 HOH 64  222 222 HOH HOH A . 
C 3 HOH 65  223 223 HOH HOH A . 
C 3 HOH 66  225 225 HOH HOH A . 
C 3 HOH 67  226 226 HOH HOH A . 
C 3 HOH 68  228 228 HOH HOH A . 
C 3 HOH 69  229 229 HOH HOH A . 
C 3 HOH 70  230 230 HOH HOH A . 
C 3 HOH 71  231 231 HOH HOH A . 
C 3 HOH 72  232 232 HOH HOH A . 
C 3 HOH 73  233 233 HOH HOH A . 
C 3 HOH 74  234 234 HOH HOH A . 
C 3 HOH 75  235 235 HOH HOH A . 
C 3 HOH 76  238 238 HOH HOH A . 
C 3 HOH 77  239 239 HOH HOH A . 
C 3 HOH 78  240 240 HOH HOH A . 
C 3 HOH 79  241 241 HOH HOH A . 
C 3 HOH 80  244 244 HOH HOH A . 
C 3 HOH 81  246 246 HOH HOH A . 
C 3 HOH 82  247 247 HOH HOH A . 
C 3 HOH 83  248 248 HOH HOH A . 
C 3 HOH 84  249 249 HOH HOH A . 
C 3 HOH 85  250 250 HOH HOH A . 
C 3 HOH 86  251 251 HOH HOH A . 
C 3 HOH 87  252 252 HOH HOH A . 
C 3 HOH 88  253 253 HOH HOH A . 
C 3 HOH 89  254 254 HOH HOH A . 
C 3 HOH 90  255 255 HOH HOH A . 
C 3 HOH 91  258 258 HOH HOH A . 
C 3 HOH 92  259 259 HOH HOH A . 
C 3 HOH 93  260 260 HOH HOH A . 
C 3 HOH 94  261 261 HOH HOH A . 
C 3 HOH 95  263 263 HOH HOH A . 
C 3 HOH 96  264 264 HOH HOH A . 
C 3 HOH 97  266 266 HOH HOH A . 
C 3 HOH 98  267 267 HOH HOH A . 
C 3 HOH 99  268 268 HOH HOH A . 
C 3 HOH 100 269 269 HOH HOH A . 
C 3 HOH 101 270 270 HOH HOH A . 
C 3 HOH 102 271 271 HOH HOH A . 
C 3 HOH 103 272 272 HOH HOH A . 
C 3 HOH 104 274 274 HOH HOH A . 
C 3 HOH 105 275 275 HOH HOH A . 
C 3 HOH 106 276 276 HOH HOH A . 
C 3 HOH 107 278 278 HOH HOH A . 
C 3 HOH 108 279 279 HOH HOH A . 
C 3 HOH 109 280 280 HOH HOH A . 
C 3 HOH 110 281 281 HOH HOH A . 
C 3 HOH 111 283 283 HOH HOH A . 
C 3 HOH 112 285 285 HOH HOH A . 
C 3 HOH 113 286 286 HOH HOH A . 
C 3 HOH 114 287 287 HOH HOH A . 
C 3 HOH 115 288 288 HOH HOH A . 
C 3 HOH 116 289 289 HOH HOH A . 
C 3 HOH 117 291 291 HOH HOH A . 
C 3 HOH 118 292 292 HOH HOH A . 
C 3 HOH 119 293 293 HOH HOH A . 
C 3 HOH 120 294 294 HOH HOH A . 
C 3 HOH 121 295 295 HOH HOH A . 
C 3 HOH 122 297 297 HOH HOH A . 
C 3 HOH 123 298 298 HOH HOH A . 
C 3 HOH 124 299 299 HOH HOH A . 
C 3 HOH 125 300 300 HOH HOH A . 
C 3 HOH 126 301 301 HOH HOH A . 
C 3 HOH 127 302 302 HOH HOH A . 
C 3 HOH 128 303 303 HOH HOH A . 
C 3 HOH 129 304 304 HOH HOH A . 
C 3 HOH 130 305 305 HOH HOH A . 
C 3 HOH 131 306 306 HOH HOH A . 
C 3 HOH 132 307 307 HOH HOH A . 
C 3 HOH 133 309 309 HOH HOH A . 
C 3 HOH 134 310 310 HOH HOH A . 
C 3 HOH 135 311 311 HOH HOH A . 
C 3 HOH 136 312 312 HOH HOH A . 
C 3 HOH 137 313 313 HOH HOH A . 
C 3 HOH 138 315 315 HOH HOH A . 
C 3 HOH 139 316 316 HOH HOH A . 
C 3 HOH 140 317 317 HOH HOH A . 
C 3 HOH 141 318 318 HOH HOH A . 
C 3 HOH 142 319 319 HOH HOH A . 
C 3 HOH 143 320 320 HOH HOH A . 
C 3 HOH 144 323 323 HOH HOH A . 
C 3 HOH 145 324 324 HOH HOH A . 
C 3 HOH 146 325 325 HOH HOH A . 
C 3 HOH 147 327 327 HOH HOH A . 
C 3 HOH 148 330 330 HOH HOH A . 
C 3 HOH 149 331 331 HOH HOH A . 
C 3 HOH 150 332 332 HOH HOH A . 
C 3 HOH 151 337 337 HOH HOH A . 
C 3 HOH 152 338 338 HOH HOH A . 
C 3 HOH 153 340 340 HOH HOH A . 
C 3 HOH 154 341 341 HOH HOH A . 
C 3 HOH 155 342 342 HOH HOH A . 
C 3 HOH 156 344 344 HOH HOH A . 
C 3 HOH 157 345 345 HOH HOH A . 
C 3 HOH 158 346 346 HOH HOH A . 
C 3 HOH 159 348 348 HOH HOH A . 
C 3 HOH 160 349 349 HOH HOH A . 
C 3 HOH 161 350 350 HOH HOH A . 
C 3 HOH 162 351 351 HOH HOH A . 
C 3 HOH 163 352 352 HOH HOH A . 
C 3 HOH 164 353 353 HOH HOH A . 
C 3 HOH 165 354 354 HOH HOH A . 
C 3 HOH 166 356 356 HOH HOH A . 
C 3 HOH 167 359 359 HOH HOH A . 
C 3 HOH 168 361 361 HOH HOH A . 
C 3 HOH 169 363 363 HOH HOH A . 
C 3 HOH 170 364 364 HOH HOH A . 
C 3 HOH 171 365 365 HOH HOH A . 
C 3 HOH 172 367 367 HOH HOH A . 
C 3 HOH 173 368 368 HOH HOH A . 
C 3 HOH 174 369 369 HOH HOH A . 
C 3 HOH 175 371 371 HOH HOH A . 
C 3 HOH 176 372 372 HOH HOH A . 
C 3 HOH 177 373 373 HOH HOH A . 
C 3 HOH 178 374 374 HOH HOH A . 
C 3 HOH 179 377 377 HOH HOH A . 
C 3 HOH 180 379 379 HOH HOH A . 
C 3 HOH 181 381 381 HOH HOH A . 
C 3 HOH 182 383 383 HOH HOH A . 
C 3 HOH 183 384 384 HOH HOH A . 
C 3 HOH 184 385 385 HOH HOH A . 
C 3 HOH 185 387 387 HOH HOH A . 
C 3 HOH 186 388 388 HOH HOH A . 
C 3 HOH 187 389 389 HOH HOH A . 
C 3 HOH 188 390 390 HOH HOH A . 
C 3 HOH 189 391 391 HOH HOH A . 
C 3 HOH 190 392 392 HOH HOH A . 
C 3 HOH 191 393 393 HOH HOH A . 
C 3 HOH 192 395 395 HOH HOH A . 
C 3 HOH 193 396 396 HOH HOH A . 
C 3 HOH 194 397 397 HOH HOH A . 
C 3 HOH 195 398 398 HOH HOH A . 
C 3 HOH 196 400 400 HOH HOH A . 
C 3 HOH 197 401 401 HOH HOH A . 
C 3 HOH 198 402 402 HOH HOH A . 
C 3 HOH 199 403 403 HOH HOH A . 
C 3 HOH 200 404 404 HOH HOH A . 
C 3 HOH 201 405 405 HOH HOH A . 
C 3 HOH 202 406 406 HOH HOH A . 
C 3 HOH 203 407 407 HOH HOH A . 
C 3 HOH 204 408 408 HOH HOH A . 
C 3 HOH 205 409 409 HOH HOH A . 
C 3 HOH 206 410 410 HOH HOH A . 
C 3 HOH 207 411 411 HOH HOH A . 
C 3 HOH 208 412 412 HOH HOH A . 
C 3 HOH 209 413 413 HOH HOH A . 
C 3 HOH 210 414 414 HOH HOH A . 
C 3 HOH 211 415 415 HOH HOH A . 
C 3 HOH 212 416 416 HOH HOH A . 
C 3 HOH 213 417 417 HOH HOH A . 
C 3 HOH 214 418 418 HOH HOH A . 
C 3 HOH 215 419 419 HOH HOH A . 
C 3 HOH 216 420 420 HOH HOH A . 
C 3 HOH 217 421 421 HOH HOH A . 
C 3 HOH 218 422 422 HOH HOH A . 
C 3 HOH 219 423 423 HOH HOH A . 
C 3 HOH 220 424 424 HOH HOH A . 
C 3 HOH 221 425 425 HOH HOH A . 
C 3 HOH 222 426 426 HOH HOH A . 
C 3 HOH 223 427 427 HOH HOH A . 
C 3 HOH 224 428 428 HOH HOH A . 
C 3 HOH 225 429 429 HOH HOH A . 
C 3 HOH 226 430 430 HOH HOH A . 
C 3 HOH 227 431 431 HOH HOH A . 
C 3 HOH 228 432 432 HOH HOH A . 
C 3 HOH 229 433 433 HOH HOH A . 
C 3 HOH 230 434 434 HOH HOH A . 
C 3 HOH 231 435 435 HOH HOH A . 
C 3 HOH 232 436 436 HOH HOH A . 
C 3 HOH 233 437 437 HOH HOH A . 
C 3 HOH 234 438 438 HOH HOH A . 
C 3 HOH 235 439 439 HOH HOH A . 
C 3 HOH 236 440 440 HOH HOH A . 
C 3 HOH 237 441 441 HOH HOH A . 
C 3 HOH 238 442 442 HOH HOH A . 
C 3 HOH 239 443 443 HOH HOH A . 
C 3 HOH 240 444 444 HOH HOH A . 
C 3 HOH 241 445 445 HOH HOH A . 
C 3 HOH 242 452 452 HOH HOH A . 
C 3 HOH 243 453 453 HOH HOH A . 
# 
_software.name             PROLSQ 
_software.classification   refinement 
_software.version          . 
_software.citation_id      ? 
_software.pdbx_ordinal     1 
# 
_cell.entry_id           1GDJ 
_cell.length_a           93.480 
_cell.length_b           51.600 
_cell.length_c           38.330 
_cell.angle_alpha        90.00 
_cell.angle_beta         98.80 
_cell.angle_gamma        90.00 
_cell.Z_PDB              4 
_cell.pdbx_unique_axis   ? 
# 
_symmetry.entry_id                         1GDJ 
_symmetry.space_group_name_H-M             'C 1 2 1' 
_symmetry.pdbx_full_space_group_name_H-M   ? 
_symmetry.cell_setting                     ? 
_symmetry.Int_Tables_number                5 
# 
_exptl.entry_id          1GDJ 
_exptl.method            'X-RAY DIFFRACTION' 
_exptl.crystals_number   ? 
# 
_exptl_crystal.id                    1 
_exptl_crystal.density_meas          ? 
_exptl_crystal.density_Matthews      2.74 
_exptl_crystal.density_percent_sol   55.09 
_exptl_crystal.description           ? 
# 
_diffrn.id                     1 
_diffrn.crystal_id             1 
_diffrn.ambient_temp           ? 
_diffrn.ambient_temp_details   ? 
# 
_refine.entry_id                                 1GDJ 
_refine.ls_number_reflns_obs                     14374 
_refine.ls_number_reflns_all                     ? 
_refine.pdbx_ls_sigma_I                          ? 
_refine.pdbx_ls_sigma_F                          1.0 
_refine.pdbx_data_cutoff_high_absF               ? 
_refine.pdbx_data_cutoff_low_absF                ? 
_refine.pdbx_data_cutoff_high_rms_absF           ? 
_refine.ls_d_res_low                             8.0 
_refine.ls_d_res_high                            1.7 
_refine.ls_percent_reflns_obs                    ? 
_refine.ls_R_factor_obs                          0.1650000 
_refine.ls_R_factor_all                          ? 
_refine.ls_R_factor_R_work                       ? 
_refine.ls_R_factor_R_free                       ? 
_refine.ls_R_factor_R_free_error                 ? 
_refine.ls_R_factor_R_free_error_details         ? 
_refine.ls_percent_reflns_R_free                 ? 
_refine.ls_number_reflns_R_free                  ? 
_refine.ls_number_parameters                     ? 
_refine.ls_number_restraints                     ? 
_refine.occupancy_min                            ? 
_refine.occupancy_max                            ? 
_refine.B_iso_mean                               ? 
_refine.aniso_B[1][1]                            ? 
_refine.aniso_B[2][2]                            ? 
_refine.aniso_B[3][3]                            ? 
_refine.aniso_B[1][2]                            ? 
_refine.aniso_B[1][3]                            ? 
_refine.aniso_B[2][3]                            ? 
_refine.solvent_model_details                    ? 
_refine.solvent_model_param_ksol                 ? 
_refine.solvent_model_param_bsol                 ? 
_refine.pdbx_ls_cross_valid_method               ? 
_refine.details                                  
;THE FIRST AND LAST RESIDUES OF THE PROTEIN CHAIN ARE
POORLY REVEALED IN THE ELECTRON DENSITY SYNTHESIS.
;
_refine.pdbx_starting_model                      ? 
_refine.pdbx_method_to_determine_struct          ? 
_refine.pdbx_isotropic_thermal_model             ? 
_refine.pdbx_stereochemistry_target_values       ? 
_refine.pdbx_stereochem_target_val_spec_case     ? 
_refine.pdbx_R_Free_selection_details            ? 
_refine.pdbx_overall_ESU_R                       ? 
_refine.pdbx_overall_ESU_R_Free                  ? 
_refine.overall_SU_ML                            ? 
_refine.overall_SU_B                             ? 
_refine.pdbx_refine_id                           'X-RAY DIFFRACTION' 
_refine.pdbx_diffrn_id                           1 
_refine.pdbx_TLS_residual_ADP_flag               ? 
_refine.correlation_coeff_Fo_to_Fc               ? 
_refine.correlation_coeff_Fo_to_Fc_free          ? 
_refine.pdbx_solvent_vdw_probe_radii             ? 
_refine.pdbx_solvent_ion_probe_radii             ? 
_refine.pdbx_solvent_shrinkage_radii             ? 
_refine.pdbx_overall_phase_error                 ? 
_refine.overall_SU_R_Cruickshank_DPI             ? 
_refine.pdbx_overall_SU_R_free_Cruickshank_DPI   ? 
_refine.pdbx_overall_SU_R_Blow_DPI               ? 
_refine.pdbx_overall_SU_R_free_Blow_DPI          ? 
# 
_refine_hist.pdbx_refine_id                   'X-RAY DIFFRACTION' 
_refine_hist.cycle_id                         LAST 
_refine_hist.pdbx_number_atoms_protein        1177 
_refine_hist.pdbx_number_atoms_nucleic_acid   0 
_refine_hist.pdbx_number_atoms_ligand         43 
_refine_hist.number_atoms_solvent             243 
_refine_hist.number_atoms_total               1463 
_refine_hist.d_res_high                       1.7 
_refine_hist.d_res_low                        8.0 
# 
_struct.entry_id                  1GDJ 
_struct.title                     
'CRYSTAL STRUCTURE OF FERRIC COMPLEXES OF THE YELLOW LUPIN LEGHEMOGLOBIN WITH ISOQUINOLINE AT 1.8 ANGSTROMS RESOLUTION (RUSSIAN)' 
_struct.pdbx_model_details        ? 
_struct.pdbx_CASP_flag            ? 
_struct.pdbx_model_type_details   ? 
# 
_struct_keywords.entry_id        1GDJ 
_struct_keywords.pdbx_keywords   'OXYGEN TRANSPORT' 
_struct_keywords.text            'OXYGEN TRANSPORT' 
# 
loop_
_struct_asym.id 
_struct_asym.pdbx_blank_PDB_chainid_flag 
_struct_asym.pdbx_modified 
_struct_asym.entity_id 
_struct_asym.details 
A N N 1 ? 
B N N 2 ? 
C N N 3 ? 
# 
_struct_ref.id                         1 
_struct_ref.db_name                    UNP 
_struct_ref.db_code                    LGB2_LUPLU 
_struct_ref.entity_id                  1 
_struct_ref.pdbx_db_accession          P02240 
_struct_ref.pdbx_align_begin           1 
_struct_ref.pdbx_seq_one_letter_code   
;GALTESQAALVKSSWEEFNANIPKHTHRFFILVLEIAPAAKDLFSFLKGTSEVPQNNPELQAHAGKVFKLVYEAAIQLQV
TGVVVTDATLKNLGSVHVSKGVADAHFPVVKEAILKTIKEVVGAKWSEELNSAWTIAYDELAIVIKKEMNDAA
;
_struct_ref.pdbx_db_isoform            ? 
# 
_struct_ref_seq.align_id                      1 
_struct_ref_seq.ref_id                        1 
_struct_ref_seq.pdbx_PDB_id_code              1GDJ 
_struct_ref_seq.pdbx_strand_id                A 
_struct_ref_seq.seq_align_beg                 1 
_struct_ref_seq.pdbx_seq_align_beg_ins_code   ? 
_struct_ref_seq.seq_align_end                 153 
_struct_ref_seq.pdbx_seq_align_end_ins_code   ? 
_struct_ref_seq.pdbx_db_accession             P02240 
_struct_ref_seq.db_align_beg                  1 
_struct_ref_seq.pdbx_db_align_beg_ins_code    ? 
_struct_ref_seq.db_align_end                  153 
_struct_ref_seq.pdbx_db_align_end_ins_code    ? 
_struct_ref_seq.pdbx_auth_seq_align_beg       1 
_struct_ref_seq.pdbx_auth_seq_align_end       153 
# 
loop_
_struct_ref_seq_dif.align_id 
_struct_ref_seq_dif.pdbx_pdb_id_code 
_struct_ref_seq_dif.mon_id 
_struct_ref_seq_dif.pdbx_pdb_strand_id 
_struct_ref_seq_dif.seq_num 
_struct_ref_seq_dif.pdbx_pdb_ins_code 
_struct_ref_seq_dif.pdbx_seq_db_name 
_struct_ref_seq_dif.pdbx_seq_db_accession_code 
_struct_ref_seq_dif.db_mon_id 
_struct_ref_seq_dif.pdbx_seq_db_seq_num 
_struct_ref_seq_dif.details 
_struct_ref_seq_dif.pdbx_auth_seq_num 
_struct_ref_seq_dif.pdbx_ordinal 
1 1GDJ GLU A 79  ? UNP P02240 GLN 79  conflict 79  1 
1 1GDJ ASP A 150 ? UNP P02240 ASN 150 conflict 150 2 
# 
_pdbx_struct_assembly.id                   1 
_pdbx_struct_assembly.details              author_defined_assembly 
_pdbx_struct_assembly.method_details       ? 
_pdbx_struct_assembly.oligomeric_details   monomeric 
_pdbx_struct_assembly.oligomeric_count     1 
# 
_pdbx_struct_assembly_gen.assembly_id       1 
_pdbx_struct_assembly_gen.oper_expression   1 
_pdbx_struct_assembly_gen.asym_id_list      A,B,C 
# 
_pdbx_struct_oper_list.id                   1 
_pdbx_struct_oper_list.type                 'identity operation' 
_pdbx_struct_oper_list.name                 1_555 
_pdbx_struct_oper_list.symmetry_operation   x,y,z 
_pdbx_struct_oper_list.matrix[1][1]         1.0000000000 
_pdbx_struct_oper_list.matrix[1][2]         0.0000000000 
_pdbx_struct_oper_list.matrix[1][3]         0.0000000000 
_pdbx_struct_oper_list.vector[1]            0.0000000000 
_pdbx_struct_oper_list.matrix[2][1]         0.0000000000 
_pdbx_struct_oper_list.matrix[2][2]         1.0000000000 
_pdbx_struct_oper_list.matrix[2][3]         0.0000000000 
_pdbx_struct_oper_list.vector[2]            0.0000000000 
_pdbx_struct_oper_list.matrix[3][1]         0.0000000000 
_pdbx_struct_oper_list.matrix[3][2]         0.0000000000 
_pdbx_struct_oper_list.matrix[3][3]         1.0000000000 
_pdbx_struct_oper_list.vector[3]            0.0000000000 
# 
_struct_biol.id   1 
# 
loop_
_struct_conf.conf_type_id 
_struct_conf.id 
_struct_conf.pdbx_PDB_helix_id 
_struct_conf.beg_label_comp_id 
_struct_conf.beg_label_asym_id 
_struct_conf.beg_label_seq_id 
_struct_conf.pdbx_beg_PDB_ins_code 
_struct_conf.end_label_comp_id 
_struct_conf.end_label_asym_id 
_struct_conf.end_label_seq_id 
_struct_conf.pdbx_end_PDB_ins_code 
_struct_conf.beg_auth_comp_id 
_struct_conf.beg_auth_asym_id 
_struct_conf.beg_auth_seq_id 
_struct_conf.end_auth_comp_id 
_struct_conf.end_auth_asym_id 
_struct_conf.end_auth_seq_id 
_struct_conf.pdbx_PDB_helix_class 
_struct_conf.details 
_struct_conf.pdbx_PDB_helix_length 
HELX_P HELX_P1 A THR A 4   ? ALA A 20  ? THR A 4   ALA A 20  1 ? 17 
HELX_P HELX_P2 B ASN A 21  ? ILE A 36  ? ASN A 21  ILE A 36  1 ? 16 
HELX_P HELX_P3 C ALA A 37  ? LEU A 43  ? ALA A 37  LEU A 43  1 ? 7  
HELX_P HELX_P4 D PHE A 44  ? LYS A 48  ? PHE A 44  LYS A 48  1 ? 5  
HELX_P HELX_P5 E ASN A 57  ? GLY A 82  ? ASN A 57  GLY A 82  1 ? 26 
HELX_P HELX_P6 F ALA A 88  ? GLY A 101 ? ALA A 88  GLY A 101 1 ? 14 
HELX_P HELX_P7 G ASP A 104 ? GLY A 123 ? ASP A 104 GLY A 123 1 ? 20 
HELX_P HELX_P8 H SER A 127 ? ALA A 152 ? SER A 127 ALA A 152 1 ? 26 
# 
_struct_conf_type.id          HELX_P 
_struct_conf_type.criteria    ? 
_struct_conf_type.reference   ? 
# 
loop_
_struct_conn.id 
_struct_conn.conn_type_id 
_struct_conn.pdbx_leaving_atom_flag 
_struct_conn.pdbx_PDB_id 
_struct_conn.ptnr1_label_asym_id 
_struct_conn.ptnr1_label_comp_id 
_struct_conn.ptnr1_label_seq_id 
_struct_conn.ptnr1_label_atom_id 
_struct_conn.pdbx_ptnr1_label_alt_id 
_struct_conn.pdbx_ptnr1_PDB_ins_code 
_struct_conn.pdbx_ptnr1_standard_comp_id 
_struct_conn.ptnr1_symmetry 
_struct_conn.ptnr2_label_asym_id 
_struct_conn.ptnr2_label_comp_id 
_struct_conn.ptnr2_label_seq_id 
_struct_conn.ptnr2_label_atom_id 
_struct_conn.pdbx_ptnr2_label_alt_id 
_struct_conn.pdbx_ptnr2_PDB_ins_code 
_struct_conn.ptnr1_auth_asym_id 
_struct_conn.ptnr1_auth_comp_id 
_struct_conn.ptnr1_auth_seq_id 
_struct_conn.ptnr2_auth_asym_id 
_struct_conn.ptnr2_auth_comp_id 
_struct_conn.ptnr2_auth_seq_id 
_struct_conn.ptnr2_symmetry 
_struct_conn.pdbx_ptnr3_label_atom_id 
_struct_conn.pdbx_ptnr3_label_seq_id 
_struct_conn.pdbx_ptnr3_label_comp_id 
_struct_conn.pdbx_ptnr3_label_asym_id 
_struct_conn.pdbx_ptnr3_label_alt_id 
_struct_conn.pdbx_ptnr3_PDB_ins_code 
_struct_conn.details 
_struct_conn.pdbx_dist_value 
_struct_conn.pdbx_value_order 
_struct_conn.pdbx_role 
metalc1 metalc ? ? A HIS 97 NE2 B ? ? 1_555 B HEM . FE ? ? A HIS 97 A HEM 154 1_555 ? ? ? ? ? ? ? 2.122 ? ? 
metalc2 metalc ? ? A HIS 97 NE2 A ? ? 1_555 B HEM . FE ? ? A HIS 97 A HEM 154 1_555 ? ? ? ? ? ? ? 2.249 ? ? 
# 
_struct_conn_type.id          metalc 
_struct_conn_type.criteria    ? 
_struct_conn_type.reference   ? 
# 
loop_
_pdbx_struct_conn_angle.id 
_pdbx_struct_conn_angle.ptnr1_label_atom_id 
_pdbx_struct_conn_angle.ptnr1_label_alt_id 
_pdbx_struct_conn_angle.ptnr1_label_asym_id 
_pdbx_struct_conn_angle.ptnr1_label_comp_id 
_pdbx_struct_conn_angle.ptnr1_label_seq_id 
_pdbx_struct_conn_angle.ptnr1_auth_atom_id 
_pdbx_struct_conn_angle.ptnr1_auth_asym_id 
_pdbx_struct_conn_angle.ptnr1_auth_comp_id 
_pdbx_struct_conn_angle.ptnr1_auth_seq_id 
_pdbx_struct_conn_angle.ptnr1_PDB_ins_code 
_pdbx_struct_conn_angle.ptnr1_symmetry 
_pdbx_struct_conn_angle.ptnr2_label_atom_id 
_pdbx_struct_conn_angle.ptnr2_label_alt_id 
_pdbx_struct_conn_angle.ptnr2_label_asym_id 
_pdbx_struct_conn_angle.ptnr2_label_comp_id 
_pdbx_struct_conn_angle.ptnr2_label_seq_id 
_pdbx_struct_conn_angle.ptnr2_auth_atom_id 
_pdbx_struct_conn_angle.ptnr2_auth_asym_id 
_pdbx_struct_conn_angle.ptnr2_auth_comp_id 
_pdbx_struct_conn_angle.ptnr2_auth_seq_id 
_pdbx_struct_conn_angle.ptnr2_PDB_ins_code 
_pdbx_struct_conn_angle.ptnr2_symmetry 
_pdbx_struct_conn_angle.ptnr3_label_atom_id 
_pdbx_struct_conn_angle.ptnr3_label_alt_id 
_pdbx_struct_conn_angle.ptnr3_label_asym_id 
_pdbx_struct_conn_angle.ptnr3_label_comp_id 
_pdbx_struct_conn_angle.ptnr3_label_seq_id 
_pdbx_struct_conn_angle.ptnr3_auth_atom_id 
_pdbx_struct_conn_angle.ptnr3_auth_asym_id 
_pdbx_struct_conn_angle.ptnr3_auth_comp_id 
_pdbx_struct_conn_angle.ptnr3_auth_seq_id 
_pdbx_struct_conn_angle.ptnr3_PDB_ins_code 
_pdbx_struct_conn_angle.ptnr3_symmetry 
_pdbx_struct_conn_angle.value 
_pdbx_struct_conn_angle.value_esd 
1  NE2 B A HIS 97 ? A HIS 97  ? 1_555 FE ? B HEM . ? A HEM 154 ? 1_555 NA  ? B HEM .  ? A HEM 154 ? 1_555 118.0 ? 
2  NE2 B A HIS 97 ? A HIS 97  ? 1_555 FE ? B HEM . ? A HEM 154 ? 1_555 NB  ? B HEM .  ? A HEM 154 ? 1_555 105.6 ? 
3  NA  ? B HEM .  ? A HEM 154 ? 1_555 FE ? B HEM . ? A HEM 154 ? 1_555 NB  ? B HEM .  ? A HEM 154 ? 1_555 91.7  ? 
4  NE2 B A HIS 97 ? A HIS 97  ? 1_555 FE ? B HEM . ? A HEM 154 ? 1_555 NC  ? B HEM .  ? A HEM 154 ? 1_555 79.9  ? 
5  NA  ? B HEM .  ? A HEM 154 ? 1_555 FE ? B HEM . ? A HEM 154 ? 1_555 NC  ? B HEM .  ? A HEM 154 ? 1_555 162.1 ? 
6  NB  ? B HEM .  ? A HEM 154 ? 1_555 FE ? B HEM . ? A HEM 154 ? 1_555 NC  ? B HEM .  ? A HEM 154 ? 1_555 82.5  ? 
7  NE2 B A HIS 97 ? A HIS 97  ? 1_555 FE ? B HEM . ? A HEM 154 ? 1_555 ND  ? B HEM .  ? A HEM 154 ? 1_555 87.6  ? 
8  NA  ? B HEM .  ? A HEM 154 ? 1_555 FE ? B HEM . ? A HEM 154 ? 1_555 ND  ? B HEM .  ? A HEM 154 ? 1_555 91.5  ? 
9  NB  ? B HEM .  ? A HEM 154 ? 1_555 FE ? B HEM . ? A HEM 154 ? 1_555 ND  ? B HEM .  ? A HEM 154 ? 1_555 162.9 ? 
10 NC  ? B HEM .  ? A HEM 154 ? 1_555 FE ? B HEM . ? A HEM 154 ? 1_555 ND  ? B HEM .  ? A HEM 154 ? 1_555 89.3  ? 
11 NE2 B A HIS 97 ? A HIS 97  ? 1_555 FE ? B HEM . ? A HEM 154 ? 1_555 NE2 A A HIS 97 ? A HIS 97  ? 1_555 16.6  ? 
12 NA  ? B HEM .  ? A HEM 154 ? 1_555 FE ? B HEM . ? A HEM 154 ? 1_555 NE2 A A HIS 97 ? A HIS 97  ? 1_555 104.4 ? 
13 NB  ? B HEM .  ? A HEM 154 ? 1_555 FE ? B HEM . ? A HEM 154 ? 1_555 NE2 A A HIS 97 ? A HIS 97  ? 1_555 97.7  ? 
14 NC  ? B HEM .  ? A HEM 154 ? 1_555 FE ? B HEM . ? A HEM 154 ? 1_555 NE2 A A HIS 97 ? A HIS 97  ? 1_555 93.2  ? 
15 ND  ? B HEM .  ? A HEM 154 ? 1_555 FE ? B HEM . ? A HEM 154 ? 1_555 NE2 A A HIS 97 ? A HIS 97  ? 1_555 97.7  ? 
# 
_struct_site.id                   AC1 
_struct_site.pdbx_evidence_code   Software 
_struct_site.pdbx_auth_asym_id    A 
_struct_site.pdbx_auth_comp_id    HEM 
_struct_site.pdbx_auth_seq_id     154 
_struct_site.pdbx_auth_ins_code   ? 
_struct_site.pdbx_num_residues    15 
_struct_site.details              'BINDING SITE FOR RESIDUE HEM A 154' 
# 
loop_
_struct_site_gen.id 
_struct_site_gen.site_id 
_struct_site_gen.pdbx_num_res 
_struct_site_gen.label_comp_id 
_struct_site_gen.label_asym_id 
_struct_site_gen.label_seq_id 
_struct_site_gen.pdbx_auth_ins_code 
_struct_site_gen.auth_comp_id 
_struct_site_gen.auth_asym_id 
_struct_site_gen.auth_seq_id 
_struct_site_gen.label_atom_id 
_struct_site_gen.label_alt_id 
_struct_site_gen.symmetry 
_struct_site_gen.details 
1  AC1 15 LEU A 43  ? LEU A 43  . ? 1_555 ? 
2  AC1 15 PHE A 44  ? PHE A 44  . ? 1_555 ? 
3  AC1 15 SER A 45  ? SER A 45  . ? 1_555 ? 
4  AC1 15 HIS A 63  ? HIS A 63  . ? 1_555 ? 
5  AC1 15 LYS A 66  ? LYS A 66  . ? 1_555 ? 
6  AC1 15 VAL A 67  ? VAL A 67  . ? 1_555 ? 
7  AC1 15 LEU A 70  ? LEU A 70  . ? 1_555 ? 
8  AC1 15 HIS A 97  ? HIS A 97  . ? 1_555 ? 
9  AC1 15 VAL A 102 ? VAL A 102 . ? 1_555 ? 
10 AC1 15 HIS A 106 ? HIS A 106 . ? 1_555 ? 
11 AC1 15 PHE A 107 ? PHE A 107 . ? 1_555 ? 
12 AC1 15 VAL A 110 ? VAL A 110 . ? 1_555 ? 
13 AC1 15 TYR A 138 ? TYR A 138 . ? 1_555 ? 
14 AC1 15 ILE A 145 ? ILE A 145 . ? 1_555 ? 
15 AC1 15 HOH C .   ? HOH A 419 . ? 1_555 ? 
# 
loop_
_pdbx_validate_close_contact.id 
_pdbx_validate_close_contact.PDB_model_num 
_pdbx_validate_close_contact.auth_atom_id_1 
_pdbx_validate_close_contact.auth_asym_id_1 
_pdbx_validate_close_contact.auth_comp_id_1 
_pdbx_validate_close_contact.auth_seq_id_1 
_pdbx_validate_close_contact.PDB_ins_code_1 
_pdbx_validate_close_contact.label_alt_id_1 
_pdbx_validate_close_contact.auth_atom_id_2 
_pdbx_validate_close_contact.auth_asym_id_2 
_pdbx_validate_close_contact.auth_comp_id_2 
_pdbx_validate_close_contact.auth_seq_id_2 
_pdbx_validate_close_contact.PDB_ins_code_2 
_pdbx_validate_close_contact.label_alt_id_2 
_pdbx_validate_close_contact.dist 
1 1 O A HOH 349 ? ? O A HOH 354 ? ? 2.11 
2 1 O A HOH 352 ? ? O A HOH 404 ? ? 2.15 
# 
_pdbx_validate_symm_contact.id                1 
_pdbx_validate_symm_contact.PDB_model_num     1 
_pdbx_validate_symm_contact.auth_atom_id_1    O 
_pdbx_validate_symm_contact.auth_asym_id_1    A 
_pdbx_validate_symm_contact.auth_comp_id_1    HOH 
_pdbx_validate_symm_contact.auth_seq_id_1     385 
_pdbx_validate_symm_contact.PDB_ins_code_1    ? 
_pdbx_validate_symm_contact.label_alt_id_1    ? 
_pdbx_validate_symm_contact.site_symmetry_1   1_555 
_pdbx_validate_symm_contact.auth_atom_id_2    O 
_pdbx_validate_symm_contact.auth_asym_id_2    A 
_pdbx_validate_symm_contact.auth_comp_id_2    HOH 
_pdbx_validate_symm_contact.auth_seq_id_2     385 
_pdbx_validate_symm_contact.PDB_ins_code_2    ? 
_pdbx_validate_symm_contact.label_alt_id_2    ? 
_pdbx_validate_symm_contact.site_symmetry_2   2_657 
_pdbx_validate_symm_contact.dist              2.06 
# 
loop_
_pdbx_validate_rmsd_angle.id 
_pdbx_validate_rmsd_angle.PDB_model_num 
_pdbx_validate_rmsd_angle.auth_atom_id_1 
_pdbx_validate_rmsd_angle.auth_asym_id_1 
_pdbx_validate_rmsd_angle.auth_comp_id_1 
_pdbx_validate_rmsd_angle.auth_seq_id_1 
_pdbx_validate_rmsd_angle.PDB_ins_code_1 
_pdbx_validate_rmsd_angle.label_alt_id_1 
_pdbx_validate_rmsd_angle.auth_atom_id_2 
_pdbx_validate_rmsd_angle.auth_asym_id_2 
_pdbx_validate_rmsd_angle.auth_comp_id_2 
_pdbx_validate_rmsd_angle.auth_seq_id_2 
_pdbx_validate_rmsd_angle.PDB_ins_code_2 
_pdbx_validate_rmsd_angle.label_alt_id_2 
_pdbx_validate_rmsd_angle.auth_atom_id_3 
_pdbx_validate_rmsd_angle.auth_asym_id_3 
_pdbx_validate_rmsd_angle.auth_comp_id_3 
_pdbx_validate_rmsd_angle.auth_seq_id_3 
_pdbx_validate_rmsd_angle.PDB_ins_code_3 
_pdbx_validate_rmsd_angle.label_alt_id_3 
_pdbx_validate_rmsd_angle.angle_value 
_pdbx_validate_rmsd_angle.angle_target_value 
_pdbx_validate_rmsd_angle.angle_deviation 
_pdbx_validate_rmsd_angle.angle_standard_deviation 
_pdbx_validate_rmsd_angle.linker_flag 
1 1 O  A ALA 2   ? ? C  A ALA 2   ? ? N   A LEU 3   ? ? 111.36 122.70 -11.34 1.60 Y 
2 1 C  A ALA 2   ? ? N  A LEU 3   ? ? CA  A LEU 3   ? ? 178.25 121.70 56.55  2.50 Y 
3 1 CD A ARG 28  ? ? NE A ARG 28  ? ? CZ  A ARG 28  ? ? 133.27 123.60 9.67   1.40 N 
4 1 CB A ASP 104 ? ? CG A ASP 104 ? ? OD1 A ASP 104 ? ? 124.74 118.30 6.44   0.90 N 
5 1 O  A SER 132 ? ? C  A SER 132 ? ? N   A ALA 133 ? ? 111.01 122.70 -11.69 1.60 Y 
6 1 CB A ASP 139 ? ? CG A ASP 139 ? ? OD1 A ASP 139 ? ? 126.67 118.30 8.37   0.90 N 
# 
loop_
_pdbx_validate_torsion.id 
_pdbx_validate_torsion.PDB_model_num 
_pdbx_validate_torsion.auth_comp_id 
_pdbx_validate_torsion.auth_asym_id 
_pdbx_validate_torsion.auth_seq_id 
_pdbx_validate_torsion.PDB_ins_code 
_pdbx_validate_torsion.label_alt_id 
_pdbx_validate_torsion.phi 
_pdbx_validate_torsion.psi 
1 1 ALA A 2 ? ? 34.18 51.73  
2 1 LEU A 3 ? ? 47.97 104.80 
# 
loop_
_chem_comp_atom.comp_id 
_chem_comp_atom.atom_id 
_chem_comp_atom.type_symbol 
_chem_comp_atom.pdbx_aromatic_flag 
_chem_comp_atom.pdbx_stereo_config 
_chem_comp_atom.pdbx_ordinal 
ALA N    N  N N 1   
ALA CA   C  N S 2   
ALA C    C  N N 3   
ALA O    O  N N 4   
ALA CB   C  N N 5   
ALA OXT  O  N N 6   
ALA H    H  N N 7   
ALA H2   H  N N 8   
ALA HA   H  N N 9   
ALA HB1  H  N N 10  
ALA HB2  H  N N 11  
ALA HB3  H  N N 12  
ALA HXT  H  N N 13  
ARG N    N  N N 14  
ARG CA   C  N S 15  
ARG C    C  N N 16  
ARG O    O  N N 17  
ARG CB   C  N N 18  
ARG CG   C  N N 19  
ARG CD   C  N N 20  
ARG NE   N  N N 21  
ARG CZ   C  N N 22  
ARG NH1  N  N N 23  
ARG NH2  N  N N 24  
ARG OXT  O  N N 25  
ARG H    H  N N 26  
ARG H2   H  N N 27  
ARG HA   H  N N 28  
ARG HB2  H  N N 29  
ARG HB3  H  N N 30  
ARG HG2  H  N N 31  
ARG HG3  H  N N 32  
ARG HD2  H  N N 33  
ARG HD3  H  N N 34  
ARG HE   H  N N 35  
ARG HH11 H  N N 36  
ARG HH12 H  N N 37  
ARG HH21 H  N N 38  
ARG HH22 H  N N 39  
ARG HXT  H  N N 40  
ASN N    N  N N 41  
ASN CA   C  N S 42  
ASN C    C  N N 43  
ASN O    O  N N 44  
ASN CB   C  N N 45  
ASN CG   C  N N 46  
ASN OD1  O  N N 47  
ASN ND2  N  N N 48  
ASN OXT  O  N N 49  
ASN H    H  N N 50  
ASN H2   H  N N 51  
ASN HA   H  N N 52  
ASN HB2  H  N N 53  
ASN HB3  H  N N 54  
ASN HD21 H  N N 55  
ASN HD22 H  N N 56  
ASN HXT  H  N N 57  
ASP N    N  N N 58  
ASP CA   C  N S 59  
ASP C    C  N N 60  
ASP O    O  N N 61  
ASP CB   C  N N 62  
ASP CG   C  N N 63  
ASP OD1  O  N N 64  
ASP OD2  O  N N 65  
ASP OXT  O  N N 66  
ASP H    H  N N 67  
ASP H2   H  N N 68  
ASP HA   H  N N 69  
ASP HB2  H  N N 70  
ASP HB3  H  N N 71  
ASP HD2  H  N N 72  
ASP HXT  H  N N 73  
GLN N    N  N N 74  
GLN CA   C  N S 75  
GLN C    C  N N 76  
GLN O    O  N N 77  
GLN CB   C  N N 78  
GLN CG   C  N N 79  
GLN CD   C  N N 80  
GLN OE1  O  N N 81  
GLN NE2  N  N N 82  
GLN OXT  O  N N 83  
GLN H    H  N N 84  
GLN H2   H  N N 85  
GLN HA   H  N N 86  
GLN HB2  H  N N 87  
GLN HB3  H  N N 88  
GLN HG2  H  N N 89  
GLN HG3  H  N N 90  
GLN HE21 H  N N 91  
GLN HE22 H  N N 92  
GLN HXT  H  N N 93  
GLU N    N  N N 94  
GLU CA   C  N S 95  
GLU C    C  N N 96  
GLU O    O  N N 97  
GLU CB   C  N N 98  
GLU CG   C  N N 99  
GLU CD   C  N N 100 
GLU OE1  O  N N 101 
GLU OE2  O  N N 102 
GLU OXT  O  N N 103 
GLU H    H  N N 104 
GLU H2   H  N N 105 
GLU HA   H  N N 106 
GLU HB2  H  N N 107 
GLU HB3  H  N N 108 
GLU HG2  H  N N 109 
GLU HG3  H  N N 110 
GLU HE2  H  N N 111 
GLU HXT  H  N N 112 
GLY N    N  N N 113 
GLY CA   C  N N 114 
GLY C    C  N N 115 
GLY O    O  N N 116 
GLY OXT  O  N N 117 
GLY H    H  N N 118 
GLY H2   H  N N 119 
GLY HA2  H  N N 120 
GLY HA3  H  N N 121 
GLY HXT  H  N N 122 
HEM CHA  C  N N 123 
HEM CHB  C  N N 124 
HEM CHC  C  N N 125 
HEM CHD  C  N N 126 
HEM C1A  C  Y N 127 
HEM C2A  C  Y N 128 
HEM C3A  C  Y N 129 
HEM C4A  C  Y N 130 
HEM CMA  C  N N 131 
HEM CAA  C  N N 132 
HEM CBA  C  N N 133 
HEM CGA  C  N N 134 
HEM O1A  O  N N 135 
HEM O2A  O  N N 136 
HEM C1B  C  N N 137 
HEM C2B  C  N N 138 
HEM C3B  C  N N 139 
HEM C4B  C  N N 140 
HEM CMB  C  N N 141 
HEM CAB  C  N N 142 
HEM CBB  C  N N 143 
HEM C1C  C  Y N 144 
HEM C2C  C  Y N 145 
HEM C3C  C  Y N 146 
HEM C4C  C  Y N 147 
HEM CMC  C  N N 148 
HEM CAC  C  N N 149 
HEM CBC  C  N N 150 
HEM C1D  C  N N 151 
HEM C2D  C  N N 152 
HEM C3D  C  N N 153 
HEM C4D  C  N N 154 
HEM CMD  C  N N 155 
HEM CAD  C  N N 156 
HEM CBD  C  N N 157 
HEM CGD  C  N N 158 
HEM O1D  O  N N 159 
HEM O2D  O  N N 160 
HEM NA   N  Y N 161 
HEM NB   N  N N 162 
HEM NC   N  Y N 163 
HEM ND   N  N N 164 
HEM FE   FE N N 165 
HEM HHB  H  N N 166 
HEM HHC  H  N N 167 
HEM HHD  H  N N 168 
HEM HMA  H  N N 169 
HEM HMAA H  N N 170 
HEM HMAB H  N N 171 
HEM HAA  H  N N 172 
HEM HAAA H  N N 173 
HEM HBA  H  N N 174 
HEM HBAA H  N N 175 
HEM HMB  H  N N 176 
HEM HMBA H  N N 177 
HEM HMBB H  N N 178 
HEM HAB  H  N N 179 
HEM HBB  H  N N 180 
HEM HBBA H  N N 181 
HEM HMC  H  N N 182 
HEM HMCA H  N N 183 
HEM HMCB H  N N 184 
HEM HAC  H  N N 185 
HEM HBC  H  N N 186 
HEM HBCA H  N N 187 
HEM HMD  H  N N 188 
HEM HMDA H  N N 189 
HEM HMDB H  N N 190 
HEM HAD  H  N N 191 
HEM HADA H  N N 192 
HEM HBD  H  N N 193 
HEM HBDA H  N N 194 
HEM H2A  H  N N 195 
HEM H2D  H  N N 196 
HEM HHA  H  N N 197 
HIS N    N  N N 198 
HIS CA   C  N S 199 
HIS C    C  N N 200 
HIS O    O  N N 201 
HIS CB   C  N N 202 
HIS CG   C  Y N 203 
HIS ND1  N  Y N 204 
HIS CD2  C  Y N 205 
HIS CE1  C  Y N 206 
HIS NE2  N  Y N 207 
HIS OXT  O  N N 208 
HIS H    H  N N 209 
HIS H2   H  N N 210 
HIS HA   H  N N 211 
HIS HB2  H  N N 212 
HIS HB3  H  N N 213 
HIS HD1  H  N N 214 
HIS HD2  H  N N 215 
HIS HE1  H  N N 216 
HIS HE2  H  N N 217 
HIS HXT  H  N N 218 
HOH O    O  N N 219 
HOH H1   H  N N 220 
HOH H2   H  N N 221 
ILE N    N  N N 222 
ILE CA   C  N S 223 
ILE C    C  N N 224 
ILE O    O  N N 225 
ILE CB   C  N S 226 
ILE CG1  C  N N 227 
ILE CG2  C  N N 228 
ILE CD1  C  N N 229 
ILE OXT  O  N N 230 
ILE H    H  N N 231 
ILE H2   H  N N 232 
ILE HA   H  N N 233 
ILE HB   H  N N 234 
ILE HG12 H  N N 235 
ILE HG13 H  N N 236 
ILE HG21 H  N N 237 
ILE HG22 H  N N 238 
ILE HG23 H  N N 239 
ILE HD11 H  N N 240 
ILE HD12 H  N N 241 
ILE HD13 H  N N 242 
ILE HXT  H  N N 243 
LEU N    N  N N 244 
LEU CA   C  N S 245 
LEU C    C  N N 246 
LEU O    O  N N 247 
LEU CB   C  N N 248 
LEU CG   C  N N 249 
LEU CD1  C  N N 250 
LEU CD2  C  N N 251 
LEU OXT  O  N N 252 
LEU H    H  N N 253 
LEU H2   H  N N 254 
LEU HA   H  N N 255 
LEU HB2  H  N N 256 
LEU HB3  H  N N 257 
LEU HG   H  N N 258 
LEU HD11 H  N N 259 
LEU HD12 H  N N 260 
LEU HD13 H  N N 261 
LEU HD21 H  N N 262 
LEU HD22 H  N N 263 
LEU HD23 H  N N 264 
LEU HXT  H  N N 265 
LYS N    N  N N 266 
LYS CA   C  N S 267 
LYS C    C  N N 268 
LYS O    O  N N 269 
LYS CB   C  N N 270 
LYS CG   C  N N 271 
LYS CD   C  N N 272 
LYS CE   C  N N 273 
LYS NZ   N  N N 274 
LYS OXT  O  N N 275 
LYS H    H  N N 276 
LYS H2   H  N N 277 
LYS HA   H  N N 278 
LYS HB2  H  N N 279 
LYS HB3  H  N N 280 
LYS HG2  H  N N 281 
LYS HG3  H  N N 282 
LYS HD2  H  N N 283 
LYS HD3  H  N N 284 
LYS HE2  H  N N 285 
LYS HE3  H  N N 286 
LYS HZ1  H  N N 287 
LYS HZ2  H  N N 288 
LYS HZ3  H  N N 289 
LYS HXT  H  N N 290 
MET N    N  N N 291 
MET CA   C  N S 292 
MET C    C  N N 293 
MET O    O  N N 294 
MET CB   C  N N 295 
MET CG   C  N N 296 
MET SD   S  N N 297 
MET CE   C  N N 298 
MET OXT  O  N N 299 
MET H    H  N N 300 
MET H2   H  N N 301 
MET HA   H  N N 302 
MET HB2  H  N N 303 
MET HB3  H  N N 304 
MET HG2  H  N N 305 
MET HG3  H  N N 306 
MET HE1  H  N N 307 
MET HE2  H  N N 308 
MET HE3  H  N N 309 
MET HXT  H  N N 310 
PHE N    N  N N 311 
PHE CA   C  N S 312 
PHE C    C  N N 313 
PHE O    O  N N 314 
PHE CB   C  N N 315 
PHE CG   C  Y N 316 
PHE CD1  C  Y N 317 
PHE CD2  C  Y N 318 
PHE CE1  C  Y N 319 
PHE CE2  C  Y N 320 
PHE CZ   C  Y N 321 
PHE OXT  O  N N 322 
PHE H    H  N N 323 
PHE H2   H  N N 324 
PHE HA   H  N N 325 
PHE HB2  H  N N 326 
PHE HB3  H  N N 327 
PHE HD1  H  N N 328 
PHE HD2  H  N N 329 
PHE HE1  H  N N 330 
PHE HE2  H  N N 331 
PHE HZ   H  N N 332 
PHE HXT  H  N N 333 
PRO N    N  N N 334 
PRO CA   C  N S 335 
PRO C    C  N N 336 
PRO O    O  N N 337 
PRO CB   C  N N 338 
PRO CG   C  N N 339 
PRO CD   C  N N 340 
PRO OXT  O  N N 341 
PRO H    H  N N 342 
PRO HA   H  N N 343 
PRO HB2  H  N N 344 
PRO HB3  H  N N 345 
PRO HG2  H  N N 346 
PRO HG3  H  N N 347 
PRO HD2  H  N N 348 
PRO HD3  H  N N 349 
PRO HXT  H  N N 350 
SER N    N  N N 351 
SER CA   C  N S 352 
SER C    C  N N 353 
SER O    O  N N 354 
SER CB   C  N N 355 
SER OG   O  N N 356 
SER OXT  O  N N 357 
SER H    H  N N 358 
SER H2   H  N N 359 
SER HA   H  N N 360 
SER HB2  H  N N 361 
SER HB3  H  N N 362 
SER HG   H  N N 363 
SER HXT  H  N N 364 
THR N    N  N N 365 
THR CA   C  N S 366 
THR C    C  N N 367 
THR O    O  N N 368 
THR CB   C  N R 369 
THR OG1  O  N N 370 
THR CG2  C  N N 371 
THR OXT  O  N N 372 
THR H    H  N N 373 
THR H2   H  N N 374 
THR HA   H  N N 375 
THR HB   H  N N 376 
THR HG1  H  N N 377 
THR HG21 H  N N 378 
THR HG22 H  N N 379 
THR HG23 H  N N 380 
THR HXT  H  N N 381 
TRP N    N  N N 382 
TRP CA   C  N S 383 
TRP C    C  N N 384 
TRP O    O  N N 385 
TRP CB   C  N N 386 
TRP CG   C  Y N 387 
TRP CD1  C  Y N 388 
TRP CD2  C  Y N 389 
TRP NE1  N  Y N 390 
TRP CE2  C  Y N 391 
TRP CE3  C  Y N 392 
TRP CZ2  C  Y N 393 
TRP CZ3  C  Y N 394 
TRP CH2  C  Y N 395 
TRP OXT  O  N N 396 
TRP H    H  N N 397 
TRP H2   H  N N 398 
TRP HA   H  N N 399 
TRP HB2  H  N N 400 
TRP HB3  H  N N 401 
TRP HD1  H  N N 402 
TRP HE1  H  N N 403 
TRP HE3  H  N N 404 
TRP HZ2  H  N N 405 
TRP HZ3  H  N N 406 
TRP HH2  H  N N 407 
TRP HXT  H  N N 408 
TYR N    N  N N 409 
TYR CA   C  N S 410 
TYR C    C  N N 411 
TYR O    O  N N 412 
TYR CB   C  N N 413 
TYR CG   C  Y N 414 
TYR CD1  C  Y N 415 
TYR CD2  C  Y N 416 
TYR CE1  C  Y N 417 
TYR CE2  C  Y N 418 
TYR CZ   C  Y N 419 
TYR OH   O  N N 420 
TYR OXT  O  N N 421 
TYR H    H  N N 422 
TYR H2   H  N N 423 
TYR HA   H  N N 424 
TYR HB2  H  N N 425 
TYR HB3  H  N N 426 
TYR HD1  H  N N 427 
TYR HD2  H  N N 428 
TYR HE1  H  N N 429 
TYR HE2  H  N N 430 
TYR HH   H  N N 431 
TYR HXT  H  N N 432 
VAL N    N  N N 433 
VAL CA   C  N S 434 
VAL C    C  N N 435 
VAL O    O  N N 436 
VAL CB   C  N N 437 
VAL CG1  C  N N 438 
VAL CG2  C  N N 439 
VAL OXT  O  N N 440 
VAL H    H  N N 441 
VAL H2   H  N N 442 
VAL HA   H  N N 443 
VAL HB   H  N N 444 
VAL HG11 H  N N 445 
VAL HG12 H  N N 446 
VAL HG13 H  N N 447 
VAL HG21 H  N N 448 
VAL HG22 H  N N 449 
VAL HG23 H  N N 450 
VAL HXT  H  N N 451 
# 
loop_
_chem_comp_bond.comp_id 
_chem_comp_bond.atom_id_1 
_chem_comp_bond.atom_id_2 
_chem_comp_bond.value_order 
_chem_comp_bond.pdbx_aromatic_flag 
_chem_comp_bond.pdbx_stereo_config 
_chem_comp_bond.pdbx_ordinal 
ALA N   CA   sing N N 1   
ALA N   H    sing N N 2   
ALA N   H2   sing N N 3   
ALA CA  C    sing N N 4   
ALA CA  CB   sing N N 5   
ALA CA  HA   sing N N 6   
ALA C   O    doub N N 7   
ALA C   OXT  sing N N 8   
ALA CB  HB1  sing N N 9   
ALA CB  HB2  sing N N 10  
ALA CB  HB3  sing N N 11  
ALA OXT HXT  sing N N 12  
ARG N   CA   sing N N 13  
ARG N   H    sing N N 14  
ARG N   H2   sing N N 15  
ARG CA  C    sing N N 16  
ARG CA  CB   sing N N 17  
ARG CA  HA   sing N N 18  
ARG C   O    doub N N 19  
ARG C   OXT  sing N N 20  
ARG CB  CG   sing N N 21  
ARG CB  HB2  sing N N 22  
ARG CB  HB3  sing N N 23  
ARG CG  CD   sing N N 24  
ARG CG  HG2  sing N N 25  
ARG CG  HG3  sing N N 26  
ARG CD  NE   sing N N 27  
ARG CD  HD2  sing N N 28  
ARG CD  HD3  sing N N 29  
ARG NE  CZ   sing N N 30  
ARG NE  HE   sing N N 31  
ARG CZ  NH1  sing N N 32  
ARG CZ  NH2  doub N N 33  
ARG NH1 HH11 sing N N 34  
ARG NH1 HH12 sing N N 35  
ARG NH2 HH21 sing N N 36  
ARG NH2 HH22 sing N N 37  
ARG OXT HXT  sing N N 38  
ASN N   CA   sing N N 39  
ASN N   H    sing N N 40  
ASN N   H2   sing N N 41  
ASN CA  C    sing N N 42  
ASN CA  CB   sing N N 43  
ASN CA  HA   sing N N 44  
ASN C   O    doub N N 45  
ASN C   OXT  sing N N 46  
ASN CB  CG   sing N N 47  
ASN CB  HB2  sing N N 48  
ASN CB  HB3  sing N N 49  
ASN CG  OD1  doub N N 50  
ASN CG  ND2  sing N N 51  
ASN ND2 HD21 sing N N 52  
ASN ND2 HD22 sing N N 53  
ASN OXT HXT  sing N N 54  
ASP N   CA   sing N N 55  
ASP N   H    sing N N 56  
ASP N   H2   sing N N 57  
ASP CA  C    sing N N 58  
ASP CA  CB   sing N N 59  
ASP CA  HA   sing N N 60  
ASP C   O    doub N N 61  
ASP C   OXT  sing N N 62  
ASP CB  CG   sing N N 63  
ASP CB  HB2  sing N N 64  
ASP CB  HB3  sing N N 65  
ASP CG  OD1  doub N N 66  
ASP CG  OD2  sing N N 67  
ASP OD2 HD2  sing N N 68  
ASP OXT HXT  sing N N 69  
GLN N   CA   sing N N 70  
GLN N   H    sing N N 71  
GLN N   H2   sing N N 72  
GLN CA  C    sing N N 73  
GLN CA  CB   sing N N 74  
GLN CA  HA   sing N N 75  
GLN C   O    doub N N 76  
GLN C   OXT  sing N N 77  
GLN CB  CG   sing N N 78  
GLN CB  HB2  sing N N 79  
GLN CB  HB3  sing N N 80  
GLN CG  CD   sing N N 81  
GLN CG  HG2  sing N N 82  
GLN CG  HG3  sing N N 83  
GLN CD  OE1  doub N N 84  
GLN CD  NE2  sing N N 85  
GLN NE2 HE21 sing N N 86  
GLN NE2 HE22 sing N N 87  
GLN OXT HXT  sing N N 88  
GLU N   CA   sing N N 89  
GLU N   H    sing N N 90  
GLU N   H2   sing N N 91  
GLU CA  C    sing N N 92  
GLU CA  CB   sing N N 93  
GLU CA  HA   sing N N 94  
GLU C   O    doub N N 95  
GLU C   OXT  sing N N 96  
GLU CB  CG   sing N N 97  
GLU CB  HB2  sing N N 98  
GLU CB  HB3  sing N N 99  
GLU CG  CD   sing N N 100 
GLU CG  HG2  sing N N 101 
GLU CG  HG3  sing N N 102 
GLU CD  OE1  doub N N 103 
GLU CD  OE2  sing N N 104 
GLU OE2 HE2  sing N N 105 
GLU OXT HXT  sing N N 106 
GLY N   CA   sing N N 107 
GLY N   H    sing N N 108 
GLY N   H2   sing N N 109 
GLY CA  C    sing N N 110 
GLY CA  HA2  sing N N 111 
GLY CA  HA3  sing N N 112 
GLY C   O    doub N N 113 
GLY C   OXT  sing N N 114 
GLY OXT HXT  sing N N 115 
HEM CHA C1A  sing N N 116 
HEM CHA C4D  doub N N 117 
HEM CHA HHA  sing N N 118 
HEM CHB C4A  sing N N 119 
HEM CHB C1B  doub N N 120 
HEM CHB HHB  sing N N 121 
HEM CHC C4B  sing N N 122 
HEM CHC C1C  doub N N 123 
HEM CHC HHC  sing N N 124 
HEM CHD C4C  doub N N 125 
HEM CHD C1D  sing N N 126 
HEM CHD HHD  sing N N 127 
HEM C1A C2A  doub Y N 128 
HEM C1A NA   sing Y N 129 
HEM C2A C3A  sing Y N 130 
HEM C2A CAA  sing N N 131 
HEM C3A C4A  doub Y N 132 
HEM C3A CMA  sing N N 133 
HEM C4A NA   sing Y N 134 
HEM CMA HMA  sing N N 135 
HEM CMA HMAA sing N N 136 
HEM CMA HMAB sing N N 137 
HEM CAA CBA  sing N N 138 
HEM CAA HAA  sing N N 139 
HEM CAA HAAA sing N N 140 
HEM CBA CGA  sing N N 141 
HEM CBA HBA  sing N N 142 
HEM CBA HBAA sing N N 143 
HEM CGA O1A  doub N N 144 
HEM CGA O2A  sing N N 145 
HEM C1B C2B  sing N N 146 
HEM C1B NB   sing N N 147 
HEM C2B C3B  doub N N 148 
HEM C2B CMB  sing N N 149 
HEM C3B C4B  sing N N 150 
HEM C3B CAB  sing N N 151 
HEM C4B NB   doub N N 152 
HEM CMB HMB  sing N N 153 
HEM CMB HMBA sing N N 154 
HEM CMB HMBB sing N N 155 
HEM CAB CBB  doub N N 156 
HEM CAB HAB  sing N N 157 
HEM CBB HBB  sing N N 158 
HEM CBB HBBA sing N N 159 
HEM C1C C2C  sing Y N 160 
HEM C1C NC   sing Y N 161 
HEM C2C C3C  doub Y N 162 
HEM C2C CMC  sing N N 163 
HEM C3C C4C  sing Y N 164 
HEM C3C CAC  sing N N 165 
HEM C4C NC   sing Y N 166 
HEM CMC HMC  sing N N 167 
HEM CMC HMCA sing N N 168 
HEM CMC HMCB sing N N 169 
HEM CAC CBC  doub N N 170 
HEM CAC HAC  sing N N 171 
HEM CBC HBC  sing N N 172 
HEM CBC HBCA sing N N 173 
HEM C1D C2D  sing N N 174 
HEM C1D ND   doub N N 175 
HEM C2D C3D  doub N N 176 
HEM C2D CMD  sing N N 177 
HEM C3D C4D  sing N N 178 
HEM C3D CAD  sing N N 179 
HEM C4D ND   sing N N 180 
HEM CMD HMD  sing N N 181 
HEM CMD HMDA sing N N 182 
HEM CMD HMDB sing N N 183 
HEM CAD CBD  sing N N 184 
HEM CAD HAD  sing N N 185 
HEM CAD HADA sing N N 186 
HEM CBD CGD  sing N N 187 
HEM CBD HBD  sing N N 188 
HEM CBD HBDA sing N N 189 
HEM CGD O1D  doub N N 190 
HEM CGD O2D  sing N N 191 
HEM O2A H2A  sing N N 192 
HEM O2D H2D  sing N N 193 
HEM FE  NA   sing N N 194 
HEM FE  NB   sing N N 195 
HEM FE  NC   sing N N 196 
HEM FE  ND   sing N N 197 
HIS N   CA   sing N N 198 
HIS N   H    sing N N 199 
HIS N   H2   sing N N 200 
HIS CA  C    sing N N 201 
HIS CA  CB   sing N N 202 
HIS CA  HA   sing N N 203 
HIS C   O    doub N N 204 
HIS C   OXT  sing N N 205 
HIS CB  CG   sing N N 206 
HIS CB  HB2  sing N N 207 
HIS CB  HB3  sing N N 208 
HIS CG  ND1  sing Y N 209 
HIS CG  CD2  doub Y N 210 
HIS ND1 CE1  doub Y N 211 
HIS ND1 HD1  sing N N 212 
HIS CD2 NE2  sing Y N 213 
HIS CD2 HD2  sing N N 214 
HIS CE1 NE2  sing Y N 215 
HIS CE1 HE1  sing N N 216 
HIS NE2 HE2  sing N N 217 
HIS OXT HXT  sing N N 218 
HOH O   H1   sing N N 219 
HOH O   H2   sing N N 220 
ILE N   CA   sing N N 221 
ILE N   H    sing N N 222 
ILE N   H2   sing N N 223 
ILE CA  C    sing N N 224 
ILE CA  CB   sing N N 225 
ILE CA  HA   sing N N 226 
ILE C   O    doub N N 227 
ILE C   OXT  sing N N 228 
ILE CB  CG1  sing N N 229 
ILE CB  CG2  sing N N 230 
ILE CB  HB   sing N N 231 
ILE CG1 CD1  sing N N 232 
ILE CG1 HG12 sing N N 233 
ILE CG1 HG13 sing N N 234 
ILE CG2 HG21 sing N N 235 
ILE CG2 HG22 sing N N 236 
ILE CG2 HG23 sing N N 237 
ILE CD1 HD11 sing N N 238 
ILE CD1 HD12 sing N N 239 
ILE CD1 HD13 sing N N 240 
ILE OXT HXT  sing N N 241 
LEU N   CA   sing N N 242 
LEU N   H    sing N N 243 
LEU N   H2   sing N N 244 
LEU CA  C    sing N N 245 
LEU CA  CB   sing N N 246 
LEU CA  HA   sing N N 247 
LEU C   O    doub N N 248 
LEU C   OXT  sing N N 249 
LEU CB  CG   sing N N 250 
LEU CB  HB2  sing N N 251 
LEU CB  HB3  sing N N 252 
LEU CG  CD1  sing N N 253 
LEU CG  CD2  sing N N 254 
LEU CG  HG   sing N N 255 
LEU CD1 HD11 sing N N 256 
LEU CD1 HD12 sing N N 257 
LEU CD1 HD13 sing N N 258 
LEU CD2 HD21 sing N N 259 
LEU CD2 HD22 sing N N 260 
LEU CD2 HD23 sing N N 261 
LEU OXT HXT  sing N N 262 
LYS N   CA   sing N N 263 
LYS N   H    sing N N 264 
LYS N   H2   sing N N 265 
LYS CA  C    sing N N 266 
LYS CA  CB   sing N N 267 
LYS CA  HA   sing N N 268 
LYS C   O    doub N N 269 
LYS C   OXT  sing N N 270 
LYS CB  CG   sing N N 271 
LYS CB  HB2  sing N N 272 
LYS CB  HB3  sing N N 273 
LYS CG  CD   sing N N 274 
LYS CG  HG2  sing N N 275 
LYS CG  HG3  sing N N 276 
LYS CD  CE   sing N N 277 
LYS CD  HD2  sing N N 278 
LYS CD  HD3  sing N N 279 
LYS CE  NZ   sing N N 280 
LYS CE  HE2  sing N N 281 
LYS CE  HE3  sing N N 282 
LYS NZ  HZ1  sing N N 283 
LYS NZ  HZ2  sing N N 284 
LYS NZ  HZ3  sing N N 285 
LYS OXT HXT  sing N N 286 
MET N   CA   sing N N 287 
MET N   H    sing N N 288 
MET N   H2   sing N N 289 
MET CA  C    sing N N 290 
MET CA  CB   sing N N 291 
MET CA  HA   sing N N 292 
MET C   O    doub N N 293 
MET C   OXT  sing N N 294 
MET CB  CG   sing N N 295 
MET CB  HB2  sing N N 296 
MET CB  HB3  sing N N 297 
MET CG  SD   sing N N 298 
MET CG  HG2  sing N N 299 
MET CG  HG3  sing N N 300 
MET SD  CE   sing N N 301 
MET CE  HE1  sing N N 302 
MET CE  HE2  sing N N 303 
MET CE  HE3  sing N N 304 
MET OXT HXT  sing N N 305 
PHE N   CA   sing N N 306 
PHE N   H    sing N N 307 
PHE N   H2   sing N N 308 
PHE CA  C    sing N N 309 
PHE CA  CB   sing N N 310 
PHE CA  HA   sing N N 311 
PHE C   O    doub N N 312 
PHE C   OXT  sing N N 313 
PHE CB  CG   sing N N 314 
PHE CB  HB2  sing N N 315 
PHE CB  HB3  sing N N 316 
PHE CG  CD1  doub Y N 317 
PHE CG  CD2  sing Y N 318 
PHE CD1 CE1  sing Y N 319 
PHE CD1 HD1  sing N N 320 
PHE CD2 CE2  doub Y N 321 
PHE CD2 HD2  sing N N 322 
PHE CE1 CZ   doub Y N 323 
PHE CE1 HE1  sing N N 324 
PHE CE2 CZ   sing Y N 325 
PHE CE2 HE2  sing N N 326 
PHE CZ  HZ   sing N N 327 
PHE OXT HXT  sing N N 328 
PRO N   CA   sing N N 329 
PRO N   CD   sing N N 330 
PRO N   H    sing N N 331 
PRO CA  C    sing N N 332 
PRO CA  CB   sing N N 333 
PRO CA  HA   sing N N 334 
PRO C   O    doub N N 335 
PRO C   OXT  sing N N 336 
PRO CB  CG   sing N N 337 
PRO CB  HB2  sing N N 338 
PRO CB  HB3  sing N N 339 
PRO CG  CD   sing N N 340 
PRO CG  HG2  sing N N 341 
PRO CG  HG3  sing N N 342 
PRO CD  HD2  sing N N 343 
PRO CD  HD3  sing N N 344 
PRO OXT HXT  sing N N 345 
SER N   CA   sing N N 346 
SER N   H    sing N N 347 
SER N   H2   sing N N 348 
SER CA  C    sing N N 349 
SER CA  CB   sing N N 350 
SER CA  HA   sing N N 351 
SER C   O    doub N N 352 
SER C   OXT  sing N N 353 
SER CB  OG   sing N N 354 
SER CB  HB2  sing N N 355 
SER CB  HB3  sing N N 356 
SER OG  HG   sing N N 357 
SER OXT HXT  sing N N 358 
THR N   CA   sing N N 359 
THR N   H    sing N N 360 
THR N   H2   sing N N 361 
THR CA  C    sing N N 362 
THR CA  CB   sing N N 363 
THR CA  HA   sing N N 364 
THR C   O    doub N N 365 
THR C   OXT  sing N N 366 
THR CB  OG1  sing N N 367 
THR CB  CG2  sing N N 368 
THR CB  HB   sing N N 369 
THR OG1 HG1  sing N N 370 
THR CG2 HG21 sing N N 371 
THR CG2 HG22 sing N N 372 
THR CG2 HG23 sing N N 373 
THR OXT HXT  sing N N 374 
TRP N   CA   sing N N 375 
TRP N   H    sing N N 376 
TRP N   H2   sing N N 377 
TRP CA  C    sing N N 378 
TRP CA  CB   sing N N 379 
TRP CA  HA   sing N N 380 
TRP C   O    doub N N 381 
TRP C   OXT  sing N N 382 
TRP CB  CG   sing N N 383 
TRP CB  HB2  sing N N 384 
TRP CB  HB3  sing N N 385 
TRP CG  CD1  doub Y N 386 
TRP CG  CD2  sing Y N 387 
TRP CD1 NE1  sing Y N 388 
TRP CD1 HD1  sing N N 389 
TRP CD2 CE2  doub Y N 390 
TRP CD2 CE3  sing Y N 391 
TRP NE1 CE2  sing Y N 392 
TRP NE1 HE1  sing N N 393 
TRP CE2 CZ2  sing Y N 394 
TRP CE3 CZ3  doub Y N 395 
TRP CE3 HE3  sing N N 396 
TRP CZ2 CH2  doub Y N 397 
TRP CZ2 HZ2  sing N N 398 
TRP CZ3 CH2  sing Y N 399 
TRP CZ3 HZ3  sing N N 400 
TRP CH2 HH2  sing N N 401 
TRP OXT HXT  sing N N 402 
TYR N   CA   sing N N 403 
TYR N   H    sing N N 404 
TYR N   H2   sing N N 405 
TYR CA  C    sing N N 406 
TYR CA  CB   sing N N 407 
TYR CA  HA   sing N N 408 
TYR C   O    doub N N 409 
TYR C   OXT  sing N N 410 
TYR CB  CG   sing N N 411 
TYR CB  HB2  sing N N 412 
TYR CB  HB3  sing N N 413 
TYR CG  CD1  doub Y N 414 
TYR CG  CD2  sing Y N 415 
TYR CD1 CE1  sing Y N 416 
TYR CD1 HD1  sing N N 417 
TYR CD2 CE2  doub Y N 418 
TYR CD2 HD2  sing N N 419 
TYR CE1 CZ   doub Y N 420 
TYR CE1 HE1  sing N N 421 
TYR CE2 CZ   sing Y N 422 
TYR CE2 HE2  sing N N 423 
TYR CZ  OH   sing N N 424 
TYR OH  HH   sing N N 425 
TYR OXT HXT  sing N N 426 
VAL N   CA   sing N N 427 
VAL N   H    sing N N 428 
VAL N   H2   sing N N 429 
VAL CA  C    sing N N 430 
VAL CA  CB   sing N N 431 
VAL CA  HA   sing N N 432 
VAL C   O    doub N N 433 
VAL C   OXT  sing N N 434 
VAL CB  CG1  sing N N 435 
VAL CB  CG2  sing N N 436 
VAL CB  HB   sing N N 437 
VAL CG1 HG11 sing N N 438 
VAL CG1 HG12 sing N N 439 
VAL CG1 HG13 sing N N 440 
VAL CG2 HG21 sing N N 441 
VAL CG2 HG22 sing N N 442 
VAL CG2 HG23 sing N N 443 
VAL OXT HXT  sing N N 444 
# 
_atom_sites.entry_id                    1GDJ 
_atom_sites.fract_transf_matrix[1][1]   0.00087780 
_atom_sites.fract_transf_matrix[1][2]   -0.00708756 
_atom_sites.fract_transf_matrix[1][3]   0.00813413 
_atom_sites.fract_transf_matrix[2][1]   -0.01672113 
_atom_sites.fract_transf_matrix[2][2]   -0.00820885 
_atom_sites.fract_transf_matrix[2][3]   -0.00534818 
_atom_sites.fract_transf_matrix[3][1]   0.01334587 
_atom_sites.fract_transf_matrix[3][2]   -0.01897599 
_atom_sites.fract_transf_matrix[3][3]   -0.01259999 
_atom_sites.fract_transf_vector[1]      0.285205 
_atom_sites.fract_transf_vector[2]      -0.578457 
_atom_sites.fract_transf_vector[3]      0.810266 
# 
loop_
_atom_type.symbol 
C  
FE 
N  
O  
S  
# 
loop_
_atom_site.group_PDB 
_atom_site.id 
_atom_site.type_symbol 
_atom_site.label_atom_id 
_atom_site.label_alt_id 
_atom_site.label_comp_id 
_atom_site.label_asym_id 
_atom_site.label_entity_id 
_atom_site.label_seq_id 
_atom_site.pdbx_PDB_ins_code 
_atom_site.Cartn_x 
_atom_site.Cartn_y 
_atom_site.Cartn_z 
_atom_site.occupancy 
_atom_site.B_iso_or_equiv 
_atom_site.pdbx_formal_charge 
_atom_site.auth_seq_id 
_atom_site.auth_comp_id 
_atom_site.auth_asym_id 
_atom_site.auth_atom_id 
_atom_site.pdbx_PDB_model_num 
ATOM   1    N  N   . GLY A 1 1   ? 9.421   -16.696 -0.802  1.00 49.02 ? 1   GLY A N   1 
ATOM   2    C  CA  . GLY A 1 1   ? 8.809   -17.858 -1.462  1.00 51.61 ? 1   GLY A CA  1 
ATOM   3    C  C   . GLY A 1 1   ? 8.021   -17.490 -2.712  1.00 51.30 ? 1   GLY A C   1 
ATOM   4    O  O   . GLY A 1 1   ? 7.351   -18.364 -3.338  1.00 56.25 ? 1   GLY A O   1 
ATOM   5    N  N   . ALA A 1 2   ? 8.027   -16.240 -3.097  1.00 47.76 ? 2   ALA A N   1 
ATOM   6    C  CA  . ALA A 1 2   ? 7.359   -15.632 -4.266  1.00 40.21 ? 2   ALA A CA  1 
ATOM   7    C  C   . ALA A 1 2   ? 6.052   -16.336 -4.520  1.00 37.19 ? 2   ALA A C   1 
ATOM   8    O  O   . ALA A 1 2   ? 5.588   -16.782 -5.579  1.00 44.06 ? 2   ALA A O   1 
ATOM   9    C  CB  . ALA A 1 2   ? 8.339   -15.623 -5.422  1.00 40.88 ? 2   ALA A CB  1 
ATOM   10   N  N   . LEU A 1 3   ? 5.244   -16.471 -3.576  1.00 33.31 ? 3   LEU A N   1 
ATOM   11   C  CA  . LEU A 1 3   ? 4.338   -16.638 -2.573  1.00 27.69 ? 3   LEU A CA  1 
ATOM   12   C  C   . LEU A 1 3   ? 3.774   -18.050 -2.445  1.00 24.19 ? 3   LEU A C   1 
ATOM   13   O  O   . LEU A 1 3   ? 2.929   -18.637 -3.102  1.00 23.51 ? 3   LEU A O   1 
ATOM   14   C  CB  . LEU A 1 3   ? 3.207   -15.520 -2.751  1.00 29.24 ? 3   LEU A CB  1 
ATOM   15   C  CG  . LEU A 1 3   ? 3.622   -14.331 -1.846  1.00 26.15 ? 3   LEU A CG  1 
ATOM   16   C  CD1 . LEU A 1 3   ? 4.874   -13.717 -2.396  1.00 25.86 ? 3   LEU A CD1 1 
ATOM   17   C  CD2 . LEU A 1 3   ? 2.511   -13.318 -1.785  1.00 26.47 ? 3   LEU A CD2 1 
ATOM   18   N  N   . THR A 1 4   ? 4.357   -18.626 -1.377  1.00 19.58 ? 4   THR A N   1 
ATOM   19   C  CA  . THR A 1 4   ? 3.957   -19.979 -0.953  1.00 19.81 ? 4   THR A CA  1 
ATOM   20   C  C   . THR A 1 4   ? 2.583   -19.760 -0.410  1.00 17.21 ? 4   THR A C   1 
ATOM   21   O  O   . THR A 1 4   ? 2.270   -18.588 -0.099  1.00 19.27 ? 4   THR A O   1 
ATOM   22   C  CB  . THR A 1 4   ? 5.006   -20.563 0.046   1.00 19.19 ? 4   THR A CB  1 
ATOM   23   O  OG1 . THR A 1 4   ? 4.836   -19.727 1.236   1.00 17.39 ? 4   THR A OG1 1 
ATOM   24   C  CG2 . THR A 1 4   ? 6.462   -20.565 -0.479  1.00 18.48 ? 4   THR A CG2 1 
ATOM   25   N  N   . GLU A 1 5   ? 1.783   -20.718 -0.233  1.00 19.06 ? 5   GLU A N   1 
ATOM   26   C  CA  . GLU A 1 5   ? 0.444   -20.613 0.356   1.00 23.44 ? 5   GLU A CA  1 
ATOM   27   C  C   . GLU A 1 5   ? 0.572   -20.132 1.804   1.00 20.46 ? 5   GLU A C   1 
ATOM   28   O  O   . GLU A 1 5   ? -0.348  -19.456 2.271   1.00 15.97 ? 5   GLU A O   1 
ATOM   29   C  CB  . GLU A 1 5   ? -0.206  -21.939 0.222   1.00 31.31 ? 5   GLU A CB  1 
ATOM   30   C  CG  . GLU A 1 5   ? -1.569  -22.286 0.755   1.00 44.28 ? 5   GLU A CG  1 
ATOM   31   C  CD  . GLU A 1 5   ? -1.885  -23.757 0.526   1.00 51.45 ? 5   GLU A CD  1 
ATOM   32   O  OE1 . GLU A 1 5   ? -0.855  -24.472 0.582   1.00 53.91 ? 5   GLU A OE1 1 
ATOM   33   O  OE2 . GLU A 1 5   ? -3.009  -24.181 0.303   1.00 56.47 ? 5   GLU A OE2 1 
ATOM   34   N  N   . SER A 1 6   ? 1.662   -20.421 2.513   1.00 21.92 ? 6   SER A N   1 
ATOM   35   C  CA  . SER A 1 6   ? 1.816   -19.933 3.917   1.00 16.09 ? 6   SER A CA  1 
ATOM   36   C  C   . SER A 1 6   ? 2.178   -18.458 3.866   1.00 13.68 ? 6   SER A C   1 
ATOM   37   O  O   . SER A 1 6   ? 1.663   -17.730 4.726   1.00 13.64 ? 6   SER A O   1 
ATOM   38   C  CB  . SER A 1 6   ? 2.778   -20.761 4.718   1.00 18.90 ? 6   SER A CB  1 
ATOM   39   O  OG  . SER A 1 6   ? 4.089   -20.493 4.409   1.00 25.25 ? 6   SER A OG  1 
ATOM   40   N  N   . GLN A 1 7   ? 2.976   -17.979 2.956   1.00 12.16 ? 7   GLN A N   1 
ATOM   41   C  CA  . GLN A 1 7   ? 3.212   -16.540 2.775   1.00 12.79 ? 7   GLN A CA  1 
ATOM   42   C  C   . GLN A 1 7   ? 1.902   -15.793 2.475   1.00 11.30 ? 7   GLN A C   1 
ATOM   43   O  O   . GLN A 1 7   ? 1.692   -14.687 3.063   1.00 10.51 ? 7   GLN A O   1 
ATOM   44   C  CB  . GLN A 1 7   ? 4.224   -16.345 1.666   1.00 11.23 ? 7   GLN A CB  1 
ATOM   45   C  CG  . GLN A 1 7   ? 5.633   -16.306 2.232   1.00 15.18 ? 7   GLN A CG  1 
ATOM   46   C  CD  . GLN A 1 7   ? 6.643   -16.357 1.084   1.00 18.76 ? 7   GLN A CD  1 
ATOM   47   O  OE1 . GLN A 1 7   ? 6.358   -16.955 0.042   1.00 17.11 ? 7   GLN A OE1 1 
ATOM   48   N  NE2 . GLN A 1 7   ? 7.823   -15.795 1.320   1.00 18.84 ? 7   GLN A NE2 1 
ATOM   49   N  N   . ALA A 1 8   ? 1.033   -16.269 1.643   1.00 10.18 ? 8   ALA A N   1 
ATOM   50   C  CA  . ALA A 1 8   ? -0.250  -15.717 1.247   1.00 11.00 ? 8   ALA A CA  1 
ATOM   51   C  C   . ALA A 1 8   ? -1.185  -15.639 2.476   1.00 14.00 ? 8   ALA A C   1 
ATOM   52   O  O   . ALA A 1 8   ? -1.853  -14.608 2.681   1.00 6.89  ? 8   ALA A O   1 
ATOM   53   C  CB  . ALA A 1 8   ? -0.986  -16.496 0.150   1.00 7.50  ? 8   ALA A CB  1 
ATOM   54   N  N   . ALA A 1 9   ? -1.144  -16.734 3.246   1.00 13.29 ? 9   ALA A N   1 
ATOM   55   C  CA  . ALA A 1 9   ? -2.002  -16.811 4.455   1.00 14.28 ? 9   ALA A CA  1 
ATOM   56   C  C   . ALA A 1 9   ? -1.615  -15.748 5.473   1.00 11.47 ? 9   ALA A C   1 
ATOM   57   O  O   . ALA A 1 9   ? -2.452  -15.119 6.123   1.00 8.27  ? 9   ALA A O   1 
ATOM   58   C  CB  . ALA A 1 9   ? -1.924  -18.210 5.023   1.00 13.90 ? 9   ALA A CB  1 
ATOM   59   N  N   . LEU A 1 10  ? -0.330  -15.472 5.615   1.00 12.40 ? 10  LEU A N   1 
ATOM   60   C  CA  . LEU A 1 10  ? 0.117   -14.450 6.550   1.00 10.13 ? 10  LEU A CA  1 
ATOM   61   C  C   . LEU A 1 10  ? -0.330  -13.071 6.077   1.00 9.50  ? 10  LEU A C   1 
ATOM   62   O  O   . LEU A 1 10  ? -0.696  -12.166 6.884   1.00 9.23  ? 10  LEU A O   1 
ATOM   63   C  CB  . LEU A 1 10  ? 1.615   -14.619 6.690   1.00 10.75 ? 10  LEU A CB  1 
ATOM   64   C  CG  . LEU A 1 10  ? 2.220   -15.721 7.582   1.00 10.80 ? 10  LEU A CG  1 
ATOM   65   C  CD1 . LEU A 1 10  ? 3.745   -15.513 7.603   1.00 12.61 ? 10  LEU A CD1 1 
ATOM   66   C  CD2 . LEU A 1 10  ? 1.618   -15.684 8.988   1.00 14.95 ? 10  LEU A CD2 1 
ATOM   67   N  N   . VAL A 1 11  ? -0.192  -12.737 4.811   1.00 9.84  ? 11  VAL A N   1 
ATOM   68   C  CA  . VAL A 1 11  ? -0.601  -11.424 4.265   1.00 7.05  ? 11  VAL A CA  1 
ATOM   69   C  C   . VAL A 1 11  ? -2.098  -11.337 4.577   1.00 10.93 ? 11  VAL A C   1 
ATOM   70   O  O   . VAL A 1 11  ? -2.532  -10.234 4.970   1.00 5.35  ? 11  VAL A O   1 
ATOM   71   C  CB  . VAL A 1 11  ? -0.234  -11.186 2.790   1.00 4.30  ? 11  VAL A CB  1 
ATOM   72   C  CG1 . VAL A 1 11  ? -0.919  -9.998  2.124   1.00 5.62  ? 11  VAL A CG1 1 
ATOM   73   C  CG2 . VAL A 1 11  ? 1.299   -11.029 2.538   1.00 7.79  ? 11  VAL A CG2 1 
ATOM   74   N  N   . LYS A 1 12  ? -2.932  -12.331 4.314   1.00 7.64  ? 12  LYS A N   1 
ATOM   75   C  CA  . LYS A 1 12  ? -4.367  -12.241 4.580   1.00 9.57  ? 12  LYS A CA  1 
ATOM   76   C  C   . LYS A 1 12  ? -4.732  -11.951 6.022   1.00 12.36 ? 12  LYS A C   1 
ATOM   77   O  O   . LYS A 1 12  ? -5.647  -11.134 6.299   1.00 11.61 ? 12  LYS A O   1 
ATOM   78   C  CB  . LYS A 1 12  ? -5.015  -13.558 4.124   1.00 14.08 ? 12  LYS A CB  1 
ATOM   79   C  CG  . LYS A 1 12  ? -6.485  -13.761 4.483   1.00 14.68 ? 12  LYS A CG  1 
ATOM   80   C  CD  . LYS A 1 12  ? -7.213  -14.197 3.214   1.00 21.45 ? 12  LYS A CD  1 
ATOM   81   C  CE  . LYS A 1 12  ? -8.646  -14.601 3.361   1.00 19.77 ? 12  LYS A CE  1 
ATOM   82   N  NZ  . LYS A 1 12  ? -8.963  -14.810 4.792   1.00 27.96 ? 12  LYS A NZ  1 
ATOM   83   N  N   . SER A 1 13  ? -4.102  -12.659 6.929   1.00 10.78 ? 13  SER A N   1 
ATOM   84   C  CA  . SER A 1 13  ? -4.395  -12.489 8.362   1.00 8.47  ? 13  SER A CA  1 
ATOM   85   C  C   . SER A 1 13  ? -3.843  -11.125 8.789   1.00 8.38  ? 13  SER A C   1 
ATOM   86   O  O   . SER A 1 13  ? -4.627  -10.485 9.569   1.00 9.96  ? 13  SER A O   1 
ATOM   87   C  CB  . SER A 1 13  ? -3.878  -13.592 9.259   1.00 8.39  ? 13  SER A CB  1 
ATOM   88   O  OG  A SER A 1 13  ? -4.252  -14.863 8.823   0.50 2.89  ? 13  SER A OG  1 
ATOM   89   O  OG  B SER A 1 13  ? -2.481  -13.807 9.113   0.50 1.38  ? 13  SER A OG  1 
ATOM   90   N  N   . SER A 1 14  ? -2.715  -10.671 8.339   1.00 6.70  ? 14  SER A N   1 
ATOM   91   C  CA  . SER A 1 14  ? -2.284  -9.310  8.798   1.00 6.37  ? 14  SER A CA  1 
ATOM   92   C  C   . SER A 1 14  ? -3.086  -8.178  8.224   1.00 9.12  ? 14  SER A C   1 
ATOM   93   O  O   . SER A 1 14  ? -3.259  -7.103  8.858   1.00 7.89  ? 14  SER A O   1 
ATOM   94   C  CB  . SER A 1 14  ? -0.761  -9.231  8.520   1.00 6.94  ? 14  SER A CB  1 
ATOM   95   O  OG  . SER A 1 14  ? -0.641  -9.366  7.091   1.00 14.95 ? 14  SER A OG  1 
ATOM   96   N  N   . TRP A 1 15  ? -3.730  -8.421  7.076   1.00 10.92 ? 15  TRP A N   1 
ATOM   97   C  CA  . TRP A 1 15  ? -4.576  -7.499  6.357   1.00 7.67  ? 15  TRP A CA  1 
ATOM   98   C  C   . TRP A 1 15  ? -5.863  -7.426  7.109   1.00 9.71  ? 15  TRP A C   1 
ATOM   99   O  O   . TRP A 1 15  ? -6.443  -6.371  7.315   1.00 9.61  ? 15  TRP A O   1 
ATOM   100  C  CB  . TRP A 1 15  ? -4.745  -7.933  4.871   1.00 4.83  ? 15  TRP A CB  1 
ATOM   101  C  CG  . TRP A 1 15  ? -5.797  -7.025  4.302   1.00 9.20  ? 15  TRP A CG  1 
ATOM   102  C  CD1 . TRP A 1 15  ? -5.539  -5.704  3.906   1.00 8.29  ? 15  TRP A CD1 1 
ATOM   103  C  CD2 . TRP A 1 15  ? -7.173  -7.236  4.117   1.00 9.14  ? 15  TRP A CD2 1 
ATOM   104  N  NE1 . TRP A 1 15  ? -6.679  -5.089  3.580   1.00 13.40 ? 15  TRP A NE1 1 
ATOM   105  C  CE2 . TRP A 1 15  ? -7.716  -6.020  3.655   1.00 12.59 ? 15  TRP A CE2 1 
ATOM   106  C  CE3 . TRP A 1 15  ? -8.032  -8.284  4.318   1.00 14.72 ? 15  TRP A CE3 1 
ATOM   107  C  CZ2 . TRP A 1 15  ? -9.065  -5.837  3.412   1.00 15.51 ? 15  TRP A CZ2 1 
ATOM   108  C  CZ3 . TRP A 1 15  ? -9.377  -8.150  4.094   1.00 18.55 ? 15  TRP A CZ3 1 
ATOM   109  C  CH2 . TRP A 1 15  ? -9.902  -6.934  3.651   1.00 17.91 ? 15  TRP A CH2 1 
ATOM   110  N  N   . GLU A 1 16  ? -6.426  -8.582  7.521   1.00 10.71 ? 16  GLU A N   1 
ATOM   111  C  CA  . GLU A 1 16  ? -7.669  -8.595  8.314   1.00 10.60 ? 16  GLU A CA  1 
ATOM   112  C  C   . GLU A 1 16  ? -7.518  -7.793  9.594   1.00 14.01 ? 16  GLU A C   1 
ATOM   113  O  O   . GLU A 1 16  ? -8.405  -7.029  10.071  1.00 12.83 ? 16  GLU A O   1 
ATOM   114  C  CB  . GLU A 1 16  ? -7.975  -10.072 8.557   1.00 10.64 ? 16  GLU A CB  1 
ATOM   115  C  CG  . GLU A 1 16  ? -8.760  -10.783 7.482   1.00 11.86 ? 16  GLU A CG  1 
ATOM   116  C  CD  . GLU A 1 16  ? -8.770  -12.262 7.442   1.00 21.04 ? 16  GLU A CD  1 
ATOM   117  O  OE1 . GLU A 1 16  ? -8.112  -13.013 8.152   1.00 24.25 ? 16  GLU A OE1 1 
ATOM   118  O  OE2 . GLU A 1 16  ? -9.558  -12.730 6.562   1.00 23.53 ? 16  GLU A OE2 1 
ATOM   119  N  N   . GLU A 1 17  ? -6.394  -7.909  10.286  1.00 8.38  ? 17  GLU A N   1 
ATOM   120  C  CA  . GLU A 1 17  ? -6.056  -7.204  11.523  1.00 9.09  ? 17  GLU A CA  1 
ATOM   121  C  C   . GLU A 1 17  ? -5.931  -5.739  11.262  1.00 9.20  ? 17  GLU A C   1 
ATOM   122  O  O   . GLU A 1 17  ? -6.389  -4.863  12.071  1.00 9.30  ? 17  GLU A O   1 
ATOM   123  C  CB  . GLU A 1 17  ? -4.780  -7.846  12.094  1.00 7.97  ? 17  GLU A CB  1 
ATOM   124  C  CG  . GLU A 1 17  ? -4.425  -7.531  13.506  1.00 15.64 ? 17  GLU A CG  1 
ATOM   125  C  CD  . GLU A 1 17  ? -3.372  -8.247  14.273  1.00 14.25 ? 17  GLU A CD  1 
ATOM   126  O  OE1 . GLU A 1 17  ? -2.721  -9.061  13.611  1.00 17.26 ? 17  GLU A OE1 1 
ATOM   127  O  OE2 . GLU A 1 17  ? -3.167  -7.994  15.460  1.00 20.70 ? 17  GLU A OE2 1 
ATOM   128  N  N   . PHE A 1 18  ? -5.368  -5.330  10.106  1.00 8.23  ? 18  PHE A N   1 
ATOM   129  C  CA  . PHE A 1 18  ? -5.258  -3.997  9.592   1.00 5.12  ? 18  PHE A CA  1 
ATOM   130  C  C   . PHE A 1 18  ? -6.641  -3.371  9.474   1.00 6.52  ? 18  PHE A C   1 
ATOM   131  O  O   . PHE A 1 18  ? -7.030  -2.309  9.999   1.00 7.37  ? 18  PHE A O   1 
ATOM   132  C  CB  . PHE A 1 18  ? -4.616  -3.930  8.176   1.00 9.88  ? 18  PHE A CB  1 
ATOM   133  C  CG  . PHE A 1 18  ? -4.620  -2.542  7.554   1.00 9.10  ? 18  PHE A CG  1 
ATOM   134  C  CD1 . PHE A 1 18  ? -3.691  -1.573  8.033   1.00 7.01  ? 18  PHE A CD1 1 
ATOM   135  C  CD2 . PHE A 1 18  ? -5.516  -2.187  6.563   1.00 7.69  ? 18  PHE A CD2 1 
ATOM   136  C  CE1 . PHE A 1 18  ? -3.714  -0.256  7.471   1.00 11.81 ? 18  PHE A CE1 1 
ATOM   137  C  CE2 . PHE A 1 18  ? -5.545  -0.887  6.041   1.00 5.31  ? 18  PHE A CE2 1 
ATOM   138  C  CZ  . PHE A 1 18  ? -4.633  0.054   6.506   1.00 7.36  ? 18  PHE A CZ  1 
ATOM   139  N  N   . ASN A 1 19  ? -7.458  -4.119  8.791   1.00 8.87  ? 19  ASN A N   1 
ATOM   140  C  CA  . ASN A 1 19  ? -8.829  -3.684  8.447   1.00 11.72 ? 19  ASN A CA  1 
ATOM   141  C  C   . ASN A 1 19  ? -9.756  -3.717  9.629   1.00 12.43 ? 19  ASN A C   1 
ATOM   142  O  O   . ASN A 1 19  ? -10.902 -3.260  9.443   1.00 18.20 ? 19  ASN A O   1 
ATOM   143  C  CB  . ASN A 1 19  ? -9.272  -4.553  7.275   1.00 14.51 ? 19  ASN A CB  1 
ATOM   144  C  CG  . ASN A 1 19  ? -10.593 -4.354  6.627   1.00 20.83 ? 19  ASN A CG  1 
ATOM   145  O  OD1 . ASN A 1 19  ? -10.802 -3.475  5.773   1.00 25.81 ? 19  ASN A OD1 1 
ATOM   146  N  ND2 . ASN A 1 19  ? -11.614 -5.138  6.965   1.00 23.41 ? 19  ASN A ND2 1 
ATOM   147  N  N   . ALA A 1 20  ? -9.422  -4.196  10.785  1.00 12.15 ? 20  ALA A N   1 
ATOM   148  C  CA  . ALA A 1 20  ? -10.247 -4.261  11.978  1.00 8.99  ? 20  ALA A CA  1 
ATOM   149  C  C   . ALA A 1 20  ? -10.254 -2.876  12.660  1.00 12.61 ? 20  ALA A C   1 
ATOM   150  O  O   . ALA A 1 20  ? -11.192 -2.689  13.449  1.00 13.30 ? 20  ALA A O   1 
ATOM   151  C  CB  . ALA A 1 20  ? -9.814  -5.323  12.942  1.00 12.51 ? 20  ALA A CB  1 
ATOM   152  N  N   . ASN A 1 21  ? -9.264  -2.042  12.419  1.00 7.00  ? 21  ASN A N   1 
ATOM   153  C  CA  . ASN A 1 21  ? -9.218  -0.673  12.960  1.00 8.68  ? 21  ASN A CA  1 
ATOM   154  C  C   . ASN A 1 21  ? -8.714  0.304   11.855  1.00 6.85  ? 21  ASN A C   1 
ATOM   155  O  O   . ASN A 1 21  ? -7.572  0.731   11.999  1.00 9.40  ? 21  ASN A O   1 
ATOM   156  C  CB  . ASN A 1 21  ? -8.336  -0.543  14.173  1.00 11.03 ? 21  ASN A CB  1 
ATOM   157  C  CG  . ASN A 1 21  ? -8.671  0.576   15.104  1.00 9.89  ? 21  ASN A CG  1 
ATOM   158  O  OD1 . ASN A 1 21  ? -8.405  0.427   16.303  1.00 18.33 ? 21  ASN A OD1 1 
ATOM   159  N  ND2 . ASN A 1 21  ? -9.179  1.650   14.529  1.00 10.16 ? 21  ASN A ND2 1 
ATOM   160  N  N   . ILE A 1 22  ? -9.550  0.512   10.859  1.00 8.10  ? 22  ILE A N   1 
ATOM   161  C  CA  . ILE A 1 22  ? -9.145  1.416   9.768   1.00 6.93  ? 22  ILE A CA  1 
ATOM   162  C  C   . ILE A 1 22  ? -8.849  2.804   10.285  1.00 4.68  ? 22  ILE A C   1 
ATOM   163  O  O   . ILE A 1 22  ? -7.790  3.375   9.905   1.00 6.24  ? 22  ILE A O   1 
ATOM   164  C  CB  . ILE A 1 22  ? -10.233 1.367   8.634   1.00 8.25  ? 22  ILE A CB  1 
ATOM   165  C  CG1 . ILE A 1 22  ? -10.215 0.010   7.908   1.00 9.91  ? 22  ILE A CG1 1 
ATOM   166  C  CG2 . ILE A 1 22  ? -10.033 2.614   7.722   1.00 7.28  ? 22  ILE A CG2 1 
ATOM   167  C  CD1 . ILE A 1 22  ? -8.870  -0.262  7.113   1.00 14.14 ? 22  ILE A CD1 1 
ATOM   168  N  N   . PRO A 1 23  ? -9.591  3.391   11.206  1.00 7.51  ? 23  PRO A N   1 
ATOM   169  C  CA  . PRO A 1 23  ? -9.331  4.755   11.718  1.00 7.78  ? 23  PRO A CA  1 
ATOM   170  C  C   . PRO A 1 23  ? -7.944  4.880   12.283  1.00 3.20  ? 23  PRO A C   1 
ATOM   171  O  O   . PRO A 1 23  ? -7.164  5.741   11.801  1.00 10.28 ? 23  PRO A O   1 
ATOM   172  C  CB  . PRO A 1 23  ? -10.480 5.023   12.671  1.00 5.61  ? 23  PRO A CB  1 
ATOM   173  C  CG  . PRO A 1 23  ? -11.572 4.133   12.232  1.00 6.09  ? 23  PRO A CG  1 
ATOM   174  C  CD  . PRO A 1 23  ? -10.922 2.870   11.703  1.00 3.84  ? 23  PRO A CD  1 
ATOM   175  N  N   . LYS A 1 24  ? -7.543  3.916   13.163  1.00 6.89  ? 24  LYS A N   1 
ATOM   176  C  CA  . LYS A 1 24  ? -6.191  4.018   13.714  1.00 7.79  ? 24  LYS A CA  1 
ATOM   177  C  C   . LYS A 1 24  ? -5.117  3.701   12.712  1.00 3.26  ? 24  LYS A C   1 
ATOM   178  O  O   . LYS A 1 24  ? -4.101  4.474   12.666  1.00 5.63  ? 24  LYS A O   1 
ATOM   179  C  CB  . LYS A 1 24  ? -6.069  3.088   14.949  1.00 8.97  ? 24  LYS A CB  1 
ATOM   180  C  CG  . LYS A 1 24  ? -4.698  2.877   15.544  1.00 14.40 ? 24  LYS A CG  1 
ATOM   181  C  CD  . LYS A 1 24  ? -4.747  2.072   16.857  1.00 16.73 ? 24  LYS A CD  1 
ATOM   182  C  CE  . LYS A 1 24  ? -4.134  0.744   16.815  1.00 23.61 ? 24  LYS A CE  1 
ATOM   183  N  NZ  . LYS A 1 24  ? -3.597  0.124   18.028  1.00 27.82 ? 24  LYS A NZ  1 
ATOM   184  N  N   . HIS A 1 25  ? -5.224  2.574   11.990  1.00 6.08  ? 25  HIS A N   1 
ATOM   185  C  CA  . HIS A 1 25  ? -4.066  2.185   11.104  1.00 6.32  ? 25  HIS A CA  1 
ATOM   186  C  C   . HIS A 1 25  ? -3.845  3.090   9.907   1.00 5.15  ? 25  HIS A C   1 
ATOM   187  O  O   . HIS A 1 25  ? -2.646  3.340   9.550   1.00 6.39  ? 25  HIS A O   1 
ATOM   188  C  CB  . HIS A 1 25  ? -4.228  0.690   10.693  1.00 5.17  ? 25  HIS A CB  1 
ATOM   189  C  CG  . HIS A 1 25  ? -4.340  -0.192  11.911  1.00 5.87  ? 25  HIS A CG  1 
ATOM   190  N  ND1 . HIS A 1 25  ? -3.621  -0.004  13.052  1.00 9.54  ? 25  HIS A ND1 1 
ATOM   191  C  CD2 . HIS A 1 25  ? -5.164  -1.255  12.137  1.00 2.98  ? 25  HIS A CD2 1 
ATOM   192  C  CE1 . HIS A 1 25  ? -3.944  -0.879  13.966  1.00 4.31  ? 25  HIS A CE1 1 
ATOM   193  N  NE2 . HIS A 1 25  ? -4.848  -1.674  13.436  1.00 6.72  ? 25  HIS A NE2 1 
ATOM   194  N  N   . THR A 1 26  ? -4.870  3.658   9.326   1.00 4.65  ? 26  THR A N   1 
ATOM   195  C  CA  . THR A 1 26  ? -4.743  4.606   8.149   1.00 5.83  ? 26  THR A CA  1 
ATOM   196  C  C   . THR A 1 26  ? -4.180  5.906   8.621   1.00 6.32  ? 26  THR A C   1 
ATOM   197  O  O   . THR A 1 26  ? -3.298  6.537   7.968   1.00 4.57  ? 26  THR A O   1 
ATOM   198  C  CB  . THR A 1 26  ? -6.081  4.591   7.325   1.00 9.28  ? 26  THR A CB  1 
ATOM   199  O  OG1 . THR A 1 26  ? -7.097  5.273   8.146   1.00 10.53 ? 26  THR A OG1 1 
ATOM   200  C  CG2 . THR A 1 26  ? -6.376  3.134   6.894   1.00 7.63  ? 26  THR A CG2 1 
ATOM   201  N  N   . HIS A 1 27  ? -4.479  6.324   9.862   1.00 9.37  ? 27  HIS A N   1 
ATOM   202  C  CA  . HIS A 1 27  ? -3.869  7.557   10.430  1.00 9.84  ? 27  HIS A CA  1 
ATOM   203  C  C   . HIS A 1 27  ? -2.382  7.324   10.646  1.00 6.33  ? 27  HIS A C   1 
ATOM   204  O  O   . HIS A 1 27  ? -1.524  8.112   10.259  1.00 5.37  ? 27  HIS A O   1 
ATOM   205  C  CB  . HIS A 1 27  ? -4.635  7.992   11.700  1.00 10.40 ? 27  HIS A CB  1 
ATOM   206  C  CG  . HIS A 1 27  ? -3.923  8.950   12.570  1.00 5.83  ? 27  HIS A CG  1 
ATOM   207  N  ND1 . HIS A 1 27  ? -4.002  10.321  12.354  1.00 13.13 ? 27  HIS A ND1 1 
ATOM   208  C  CD2 . HIS A 1 27  ? -3.107  8.754   13.615  1.00 8.76  ? 27  HIS A CD2 1 
ATOM   209  C  CE1 . HIS A 1 27  ? -3.209  10.946  13.240  1.00 8.81  ? 27  HIS A CE1 1 
ATOM   210  N  NE2 . HIS A 1 27  ? -2.677  10.010  14.004  1.00 15.33 ? 27  HIS A NE2 1 
ATOM   211  N  N   . ARG A 1 28  ? -2.020  6.165   11.250  1.00 5.92  ? 28  ARG A N   1 
ATOM   212  C  CA  . ARG A 1 28  ? -0.648  5.751   11.483  1.00 7.04  ? 28  ARG A CA  1 
ATOM   213  C  C   . ARG A 1 28  ? 0.150   5.710   10.163  1.00 4.74  ? 28  ARG A C   1 
ATOM   214  O  O   . ARG A 1 28  ? 1.307   6.211   10.145  1.00 6.48  ? 28  ARG A O   1 
ATOM   215  C  CB  . ARG A 1 28  ? -0.546  4.362   12.124  1.00 5.11  ? 28  ARG A CB  1 
ATOM   216  C  CG  . ARG A 1 28  ? 0.896   3.987   12.538  1.00 11.10 ? 28  ARG A CG  1 
ATOM   217  C  CD  . ARG A 1 28  ? 1.439   5.068   13.435  1.00 14.14 ? 28  ARG A CD  1 
ATOM   218  N  NE  . ARG A 1 28  ? 2.780   4.807   13.793  1.00 20.38 ? 28  ARG A NE  1 
ATOM   219  C  CZ  . ARG A 1 28  ? 3.765   5.569   14.205  1.00 26.65 ? 28  ARG A CZ  1 
ATOM   220  N  NH1 . ARG A 1 28  ? 3.516   6.870   14.368  1.00 30.44 ? 28  ARG A NH1 1 
ATOM   221  N  NH2 . ARG A 1 28  ? 4.979   5.033   14.495  1.00 27.92 ? 28  ARG A NH2 1 
ATOM   222  N  N   . PHE A 1 29  ? -0.375  5.091   9.148   1.00 8.16  ? 29  PHE A N   1 
ATOM   223  C  CA  . PHE A 1 29  ? 0.234   4.976   7.799   1.00 4.94  ? 29  PHE A CA  1 
ATOM   224  C  C   . PHE A 1 29  ? 0.621   6.325   7.288   1.00 7.86  ? 29  PHE A C   1 
ATOM   225  O  O   . PHE A 1 29  ? 1.794   6.531   6.912   1.00 2.96  ? 29  PHE A O   1 
ATOM   226  C  CB  . PHE A 1 29  ? -0.767  4.230   6.876   1.00 4.37  ? 29  PHE A CB  1 
ATOM   227  C  CG  . PHE A 1 29  ? -0.406  4.273   5.427   1.00 7.42  ? 29  PHE A CG  1 
ATOM   228  C  CD1 . PHE A 1 29  ? 0.708   3.585   4.908   1.00 7.84  ? 29  PHE A CD1 1 
ATOM   229  C  CD2 . PHE A 1 29  ? -1.187  5.061   4.561   1.00 8.33  ? 29  PHE A CD2 1 
ATOM   230  C  CE1 . PHE A 1 29  ? 0.956   3.621   3.512   1.00 6.38  ? 29  PHE A CE1 1 
ATOM   231  C  CE2 . PHE A 1 29  ? -0.836  5.228   3.200   1.00 6.44  ? 29  PHE A CE2 1 
ATOM   232  C  CZ  . PHE A 1 29  ? 0.241   4.458   2.657   1.00 5.16  ? 29  PHE A CZ  1 
ATOM   233  N  N   . PHE A 1 30  ? -0.301  7.328   7.307   1.00 6.95  ? 30  PHE A N   1 
ATOM   234  C  CA  . PHE A 1 30  ? 0.086   8.710   6.791   1.00 4.38  ? 30  PHE A CA  1 
ATOM   235  C  C   . PHE A 1 30  ? 1.102   9.369   7.655   1.00 2.91  ? 30  PHE A C   1 
ATOM   236  O  O   . PHE A 1 30  ? 1.960   10.094  7.082   1.00 8.07  ? 30  PHE A O   1 
ATOM   237  C  CB  . PHE A 1 30  ? -1.208  9.501   6.570   1.00 2.10  ? 30  PHE A CB  1 
ATOM   238  C  CG  . PHE A 1 30  ? -1.719  9.171   5.186   1.00 5.05  ? 30  PHE A CG  1 
ATOM   239  C  CD1 . PHE A 1 30  ? -0.943  9.601   4.094   1.00 9.75  ? 30  PHE A CD1 1 
ATOM   240  C  CD2 . PHE A 1 30  ? -2.910  8.472   4.995   1.00 3.27  ? 30  PHE A CD2 1 
ATOM   241  C  CE1 . PHE A 1 30  ? -1.391  9.432   2.780   1.00 9.84  ? 30  PHE A CE1 1 
ATOM   242  C  CE2 . PHE A 1 30  ? -3.359  8.279   3.671   1.00 7.48  ? 30  PHE A CE2 1 
ATOM   243  C  CZ  . PHE A 1 30  ? -2.580  8.740   2.617   1.00 9.03  ? 30  PHE A CZ  1 
ATOM   244  N  N   . ILE A 1 31  ? 1.099   9.197   8.953   1.00 2.66  ? 31  ILE A N   1 
ATOM   245  C  CA  . ILE A 1 31  ? 2.208   9.737   9.813   1.00 6.09  ? 31  ILE A CA  1 
ATOM   246  C  C   . ILE A 1 31  ? 3.521   9.169   9.323   1.00 4.53  ? 31  ILE A C   1 
ATOM   247  O  O   . ILE A 1 31  ? 4.531   9.907   9.287   1.00 3.90  ? 31  ILE A O   1 
ATOM   248  C  CB  . ILE A 1 31  ? 2.010   9.404   11.319  1.00 5.61  ? 31  ILE A CB  1 
ATOM   249  C  CG1 . ILE A 1 31  ? 0.752   10.141  11.916  1.00 13.49 ? 31  ILE A CG1 1 
ATOM   250  C  CG2 . ILE A 1 31  ? 3.268   9.650   12.214  1.00 6.93  ? 31  ILE A CG2 1 
ATOM   251  C  CD1 . ILE A 1 31  ? 0.960   11.667  12.047  1.00 15.30 ? 31  ILE A CD1 1 
ATOM   252  N  N   . LEU A 1 32  ? 3.517   7.852   9.080   1.00 7.31  ? 32  LEU A N   1 
ATOM   253  C  CA  . LEU A 1 32  ? 4.747   7.164   8.642   1.00 8.44  ? 32  LEU A CA  1 
ATOM   254  C  C   . LEU A 1 32  ? 5.160   7.707   7.273   1.00 8.78  ? 32  LEU A C   1 
ATOM   255  O  O   . LEU A 1 32  ? 6.367   7.950   7.160   1.00 8.78  ? 32  LEU A O   1 
ATOM   256  C  CB  . LEU A 1 32  ? 4.604   5.614   8.743   1.00 6.35  ? 32  LEU A CB  1 
ATOM   257  C  CG  . LEU A 1 32  ? 4.596   5.093   10.193  1.00 5.27  ? 32  LEU A CG  1 
ATOM   258  C  CD1 . LEU A 1 32  ? 4.231   3.626   10.116  1.00 11.42 ? 32  LEU A CD1 1 
ATOM   259  C  CD2 . LEU A 1 32  ? 5.940   5.348   10.856  1.00 10.07 ? 32  LEU A CD2 1 
ATOM   260  N  N   . VAL A 1 33  ? 4.221   7.902   6.303   1.00 6.73  ? 33  VAL A N   1 
ATOM   261  C  CA  . VAL A 1 33  ? 4.619   8.476   5.025   1.00 8.60  ? 33  VAL A CA  1 
ATOM   262  C  C   . VAL A 1 33  ? 5.357   9.797   5.221   1.00 7.70  ? 33  VAL A C   1 
ATOM   263  O  O   . VAL A 1 33  ? 6.447   9.985   4.627   1.00 6.06  ? 33  VAL A O   1 
ATOM   264  C  CB  . VAL A 1 33  ? 3.382   8.594   4.065   1.00 10.08 ? 33  VAL A CB  1 
ATOM   265  C  CG1 . VAL A 1 33  ? 3.653   9.475   2.856   1.00 7.93  ? 33  VAL A CG1 1 
ATOM   266  C  CG2 . VAL A 1 33  ? 2.872   7.171   3.733   1.00 6.07  ? 33  VAL A CG2 1 
ATOM   267  N  N   . LEU A 1 34  ? 4.764   10.712  5.977   1.00 5.43  ? 34  LEU A N   1 
ATOM   268  C  CA  . LEU A 1 34  ? 5.310   12.081  6.183   1.00 8.63  ? 34  LEU A CA  1 
ATOM   269  C  C   . LEU A 1 34  ? 6.588   12.072  6.951   1.00 9.59  ? 34  LEU A C   1 
ATOM   270  O  O   . LEU A 1 34  ? 7.459   12.948  6.761   1.00 7.88  ? 34  LEU A O   1 
ATOM   271  C  CB  . LEU A 1 34  ? 4.137   12.888  6.788   1.00 10.07 ? 34  LEU A CB  1 
ATOM   272  C  CG  . LEU A 1 34  ? 3.304   13.718  5.845   1.00 12.94 ? 34  LEU A CG  1 
ATOM   273  C  CD1 . LEU A 1 34  ? 3.026   13.036  4.514   1.00 16.88 ? 34  LEU A CD1 1 
ATOM   274  C  CD2 . LEU A 1 34  ? 1.982   14.031  6.541   1.00 12.02 ? 34  LEU A CD2 1 
ATOM   275  N  N   . GLU A 1 35  ? 6.850   11.087  7.787   1.00 9.89  ? 35  GLU A N   1 
ATOM   276  C  CA  . GLU A 1 35  ? 8.102   10.960  8.504   1.00 8.74  ? 35  GLU A CA  1 
ATOM   277  C  C   . GLU A 1 35  ? 9.223   10.578  7.530   1.00 9.30  ? 35  GLU A C   1 
ATOM   278  O  O   . GLU A 1 35  ? 10.308  11.146  7.696   1.00 10.60 ? 35  GLU A O   1 
ATOM   279  C  CB  . GLU A 1 35  ? 8.114   9.877   9.572   1.00 8.45  ? 35  GLU A CB  1 
ATOM   280  C  CG  . GLU A 1 35  ? 7.299   10.203  10.777  1.00 17.32 ? 35  GLU A CG  1 
ATOM   281  C  CD  . GLU A 1 35  ? 7.405   9.378   12.033  1.00 17.95 ? 35  GLU A CD  1 
ATOM   282  O  OE1 . GLU A 1 35  ? 8.116   8.370   12.022  1.00 18.67 ? 35  GLU A OE1 1 
ATOM   283  O  OE2 . GLU A 1 35  ? 6.755   9.837   12.965  1.00 21.06 ? 35  GLU A OE2 1 
ATOM   284  N  N   . ILE A 1 36  ? 8.923   9.739   6.569   1.00 9.11  ? 36  ILE A N   1 
ATOM   285  C  CA  . ILE A 1 36  ? 9.871   9.301   5.545   1.00 6.28  ? 36  ILE A CA  1 
ATOM   286  C  C   . ILE A 1 36  ? 10.132  10.420  4.524   1.00 10.71 ? 36  ILE A C   1 
ATOM   287  O  O   . ILE A 1 36  ? 11.306  10.661  4.236   1.00 7.47  ? 36  ILE A O   1 
ATOM   288  C  CB  . ILE A 1 36  ? 9.406   8.012   4.833   1.00 2.42  ? 36  ILE A CB  1 
ATOM   289  C  CG1 . ILE A 1 36  ? 9.432   6.835   5.865   1.00 5.39  ? 36  ILE A CG1 1 
ATOM   290  C  CG2 . ILE A 1 36  ? 10.271  7.601   3.597   1.00 6.29  ? 36  ILE A CG2 1 
ATOM   291  C  CD1 . ILE A 1 36  ? 8.401   5.739   5.528   1.00 5.68  ? 36  ILE A CD1 1 
ATOM   292  N  N   . ALA A 1 37  ? 9.059   11.051  4.053   1.00 6.46  ? 37  ALA A N   1 
ATOM   293  C  CA  . ALA A 1 37  ? 9.186   12.099  3.026   1.00 9.54  ? 37  ALA A CA  1 
ATOM   294  C  C   . ALA A 1 37  ? 8.175   13.190  3.293   1.00 3.75  ? 37  ALA A C   1 
ATOM   295  O  O   . ALA A 1 37  ? 7.065   13.140  2.756   1.00 8.57  ? 37  ALA A O   1 
ATOM   296  C  CB  . ALA A 1 37  ? 9.028   11.442  1.630   1.00 3.79  ? 37  ALA A CB  1 
ATOM   297  N  N   . PRO A 1 38  ? 8.490   14.147  4.130   1.00 5.89  ? 38  PRO A N   1 
ATOM   298  C  CA  . PRO A 1 38  ? 7.598   15.242  4.449   1.00 5.70  ? 38  PRO A CA  1 
ATOM   299  C  C   . PRO A 1 38  ? 7.065   15.949  3.225   1.00 12.31 ? 38  PRO A C   1 
ATOM   300  O  O   . PRO A 1 38  ? 5.882   16.365  3.252   1.00 10.83 ? 38  PRO A O   1 
ATOM   301  C  CB  . PRO A 1 38  ? 8.438   16.182  5.299   1.00 5.84  ? 38  PRO A CB  1 
ATOM   302  C  CG  . PRO A 1 38  ? 9.696   15.550  5.633   1.00 5.02  ? 38  PRO A CG  1 
ATOM   303  C  CD  . PRO A 1 38  ? 9.800   14.272  4.843   1.00 3.04  ? 38  PRO A CD  1 
ATOM   304  N  N   . ALA A 1 39  ? 7.842   16.107  2.143   1.00 9.36  ? 39  ALA A N   1 
ATOM   305  C  CA  . ALA A 1 39  ? 7.386   16.744  0.929   1.00 10.43 ? 39  ALA A CA  1 
ATOM   306  C  C   . ALA A 1 39  ? 6.229   15.984  0.311   1.00 6.45  ? 39  ALA A C   1 
ATOM   307  O  O   . ALA A 1 39  ? 5.530   16.652  -0.496  1.00 11.78 ? 39  ALA A O   1 
ATOM   308  C  CB  . ALA A 1 39  ? 8.536   16.926  -0.082  1.00 9.91  ? 39  ALA A CB  1 
ATOM   309  N  N   . ALA A 1 40  ? 5.941   14.744  0.549   1.00 7.67  ? 40  ALA A N   1 
ATOM   310  C  CA  . ALA A 1 40  ? 4.784   14.028  -0.020  1.00 6.69  ? 40  ALA A CA  1 
ATOM   311  C  C   . ALA A 1 40  ? 3.435   14.495  0.409   1.00 6.60  ? 40  ALA A C   1 
ATOM   312  O  O   . ALA A 1 40  ? 2.306   14.180  -0.175  1.00 9.67  ? 40  ALA A O   1 
ATOM   313  C  CB  . ALA A 1 40  ? 4.996   12.543  0.378   1.00 8.99  ? 40  ALA A CB  1 
ATOM   314  N  N   . LYS A 1 41  ? 3.355   15.333  1.433   1.00 8.14  ? 41  LYS A N   1 
ATOM   315  C  CA  . LYS A 1 41  ? 2.112   15.862  1.968   1.00 7.00  ? 41  LYS A CA  1 
ATOM   316  C  C   . LYS A 1 41  ? 1.299   16.510  0.890   1.00 7.69  ? 41  LYS A C   1 
ATOM   317  O  O   . LYS A 1 41  ? 0.092   16.226  0.715   1.00 9.81  ? 41  LYS A O   1 
ATOM   318  C  CB  . LYS A 1 41  ? 2.429   16.882  3.079   1.00 13.46 ? 41  LYS A CB  1 
ATOM   319  C  CG  . LYS A 1 41  ? 1.134   17.446  3.651   1.00 12.67 ? 41  LYS A CG  1 
ATOM   320  C  CD  . LYS A 1 41  ? 1.553   18.576  4.611   1.00 14.72 ? 41  LYS A CD  1 
ATOM   321  C  CE  . LYS A 1 41  ? 0.281   18.957  5.352   1.00 20.84 ? 41  LYS A CE  1 
ATOM   322  N  NZ  . LYS A 1 41  ? 0.646   19.764  6.561   1.00 24.13 ? 41  LYS A NZ  1 
ATOM   323  N  N   . ASP A 1 42  ? 1.931   17.375  0.146   1.00 4.26  ? 42  ASP A N   1 
ATOM   324  C  CA  . ASP A 1 42  ? 1.394   18.093  -0.977  1.00 11.41 ? 42  ASP A CA  1 
ATOM   325  C  C   . ASP A 1 42  ? 0.684   17.258  -2.012  1.00 12.12 ? 42  ASP A C   1 
ATOM   326  O  O   . ASP A 1 42  ? -0.161  17.862  -2.733  1.00 11.54 ? 42  ASP A O   1 
ATOM   327  C  CB  . ASP A 1 42  ? 2.587   18.849  -1.651  1.00 23.64 ? 42  ASP A CB  1 
ATOM   328  C  CG  . ASP A 1 42  ? 3.315   19.607  -0.533  1.00 30.38 ? 42  ASP A CG  1 
ATOM   329  O  OD1 . ASP A 1 42  ? 2.639   20.560  -0.046  1.00 39.09 ? 42  ASP A OD1 1 
ATOM   330  O  OD2 . ASP A 1 42  ? 4.419   19.220  -0.118  1.00 38.38 ? 42  ASP A OD2 1 
ATOM   331  N  N   . LEU A 1 43  ? 0.944   15.992  -2.203  1.00 10.14 ? 43  LEU A N   1 
ATOM   332  C  CA  . LEU A 1 43  ? 0.290   15.157  -3.181  1.00 8.39  ? 43  LEU A CA  1 
ATOM   333  C  C   . LEU A 1 43  ? -1.114  14.769  -2.764  1.00 8.08  ? 43  LEU A C   1 
ATOM   334  O  O   . LEU A 1 43  ? -1.798  14.447  -3.718  1.00 8.71  ? 43  LEU A O   1 
ATOM   335  C  CB  . LEU A 1 43  ? 1.118   13.842  -3.359  1.00 10.74 ? 43  LEU A CB  1 
ATOM   336  C  CG  . LEU A 1 43  ? 2.569   14.041  -3.778  1.00 11.38 ? 43  LEU A CG  1 
ATOM   337  C  CD1 . LEU A 1 43  ? 3.333   12.716  -3.764  1.00 14.29 ? 43  LEU A CD1 1 
ATOM   338  C  CD2 . LEU A 1 43  ? 2.591   14.657  -5.179  1.00 10.81 ? 43  LEU A CD2 1 
ATOM   339  N  N   . PHE A 1 44  ? -1.433  14.814  -1.477  1.00 5.38  ? 44  PHE A N   1 
ATOM   340  C  CA  . PHE A 1 44  ? -2.766  14.253  -1.102  1.00 5.64  ? 44  PHE A CA  1 
ATOM   341  C  C   . PHE A 1 44  ? -3.792  15.333  -0.847  1.00 12.75 ? 44  PHE A C   1 
ATOM   342  O  O   . PHE A 1 44  ? -3.496  16.106  0.087   1.00 12.90 ? 44  PHE A O   1 
ATOM   343  C  CB  . PHE A 1 44  ? -2.528  13.347  0.128   1.00 7.91  ? 44  PHE A CB  1 
ATOM   344  C  CG  . PHE A 1 44  ? -1.647  12.152  -0.267  1.00 9.37  ? 44  PHE A CG  1 
ATOM   345  C  CD1 . PHE A 1 44  ? -2.181  11.039  -0.922  1.00 11.20 ? 44  PHE A CD1 1 
ATOM   346  C  CD2 . PHE A 1 44  ? -0.304  12.221  0.012   1.00 9.02  ? 44  PHE A CD2 1 
ATOM   347  C  CE1 . PHE A 1 44  ? -1.315  9.960   -1.307  1.00 9.16  ? 44  PHE A CE1 1 
ATOM   348  C  CE2 . PHE A 1 44  ? 0.543   11.182  -0.346  1.00 7.68  ? 44  PHE A CE2 1 
ATOM   349  C  CZ  . PHE A 1 44  ? 0.063   10.078  -1.026  1.00 5.71  ? 44  PHE A CZ  1 
ATOM   350  N  N   . SER A 1 45  ? -4.912  15.414  -1.521  1.00 12.64 ? 45  SER A N   1 
ATOM   351  C  CA  . SER A 1 45  ? -5.902  16.499  -1.319  1.00 18.50 ? 45  SER A CA  1 
ATOM   352  C  C   . SER A 1 45  ? -6.346  16.685  0.119   1.00 10.94 ? 45  SER A C   1 
ATOM   353  O  O   . SER A 1 45  ? -6.460  17.801  0.655   1.00 14.51 ? 45  SER A O   1 
ATOM   354  C  CB  . SER A 1 45  ? -7.121  16.286  -2.252  1.00 18.08 ? 45  SER A CB  1 
ATOM   355  O  OG  . SER A 1 45  ? -7.587  14.964  -2.302  1.00 17.85 ? 45  SER A OG  1 
ATOM   356  N  N   . PHE A 1 46  ? -6.606  15.587  0.774   1.00 12.72 ? 46  PHE A N   1 
ATOM   357  C  CA  . PHE A 1 46  ? -7.124  15.486  2.176   1.00 14.72 ? 46  PHE A CA  1 
ATOM   358  C  C   . PHE A 1 46  ? -6.114  15.891  3.227   1.00 11.83 ? 46  PHE A C   1 
ATOM   359  O  O   . PHE A 1 46  ? -6.500  15.978  4.400   1.00 16.24 ? 46  PHE A O   1 
ATOM   360  C  CB  . PHE A 1 46  ? -7.769  14.081  2.364   1.00 13.41 ? 46  PHE A CB  1 
ATOM   361  C  CG  . PHE A 1 46  ? -6.888  12.922  1.979   1.00 13.04 ? 46  PHE A CG  1 
ATOM   362  C  CD1 . PHE A 1 46  ? -5.787  12.569  2.745   1.00 11.85 ? 46  PHE A CD1 1 
ATOM   363  C  CD2 . PHE A 1 46  ? -7.252  12.133  0.887   1.00 10.72 ? 46  PHE A CD2 1 
ATOM   364  C  CE1 . PHE A 1 46  ? -4.966  11.460  2.370   1.00 11.18 ? 46  PHE A CE1 1 
ATOM   365  C  CE2 . PHE A 1 46  ? -6.467  11.037  0.520   1.00 13.76 ? 46  PHE A CE2 1 
ATOM   366  C  CZ  . PHE A 1 46  ? -5.358  10.667  1.296   1.00 9.16  ? 46  PHE A CZ  1 
ATOM   367  N  N   . LEU A 1 47  ? -4.828  16.118  2.916   1.00 14.22 ? 47  LEU A N   1 
ATOM   368  C  CA  . LEU A 1 47  ? -3.822  16.553  3.816   1.00 15.67 ? 47  LEU A CA  1 
ATOM   369  C  C   . LEU A 1 47  ? -3.423  18.028  3.620   1.00 22.96 ? 47  LEU A C   1 
ATOM   370  O  O   . LEU A 1 47  ? -3.133  18.762  4.566   1.00 22.98 ? 47  LEU A O   1 
ATOM   371  C  CB  . LEU A 1 47  ? -2.460  15.787  3.685   1.00 16.63 ? 47  LEU A CB  1 
ATOM   372  C  CG  . LEU A 1 47  ? -2.484  14.297  3.889   1.00 17.87 ? 47  LEU A CG  1 
ATOM   373  C  CD1 . LEU A 1 47  ? -1.081  13.723  3.725   1.00 18.91 ? 47  LEU A CD1 1 
ATOM   374  C  CD2 . LEU A 1 47  ? -3.097  14.031  5.290   1.00 18.09 ? 47  LEU A CD2 1 
ATOM   375  N  N   . LYS A 1 48  ? -3.124  18.302  2.344   1.00 33.05 ? 48  LYS A N   1 
ATOM   376  C  CA  . LYS A 1 48  ? -2.581  19.629  1.978   1.00 37.42 ? 48  LYS A CA  1 
ATOM   377  C  C   . LYS A 1 48  ? -3.508  20.626  2.660   1.00 37.21 ? 48  LYS A C   1 
ATOM   378  O  O   . LYS A 1 48  ? -4.703  20.616  2.320   1.00 43.53 ? 48  LYS A O   1 
ATOM   379  C  CB  . LYS A 1 48  ? -2.487  19.863  0.497   1.00 38.94 ? 48  LYS A CB  1 
ATOM   380  C  CG  . LYS A 1 48  ? -2.329  18.661  -0.431  1.00 40.46 ? 48  LYS A CG  1 
ATOM   381  C  CD  . LYS A 1 48  ? -3.029  18.989  -1.759  1.00 45.34 ? 48  LYS A CD  1 
ATOM   382  C  CE  . LYS A 1 48  ? -3.054  17.927  -2.814  1.00 43.47 ? 48  LYS A CE  1 
ATOM   383  N  NZ  . LYS A 1 48  ? -3.314  18.438  -4.185  1.00 44.54 ? 48  LYS A NZ  1 
ATOM   384  N  N   . GLY A 1 49  ? -2.991  21.369  3.596   1.00 38.33 ? 49  GLY A N   1 
ATOM   385  C  CA  . GLY A 1 49  ? -3.760  22.377  4.318   1.00 39.23 ? 49  GLY A CA  1 
ATOM   386  C  C   . GLY A 1 49  ? -3.969  22.111  5.783   1.00 39.71 ? 49  GLY A C   1 
ATOM   387  O  O   . GLY A 1 49  ? -4.698  22.954  6.407   1.00 44.97 ? 49  GLY A O   1 
ATOM   388  N  N   . THR A 1 50  ? -3.402  21.061  6.344   1.00 33.44 ? 50  THR A N   1 
ATOM   389  C  CA  . THR A 1 50  ? -3.538  20.638  7.713   1.00 29.33 ? 50  THR A CA  1 
ATOM   390  C  C   . THR A 1 50  ? -2.226  20.749  8.507   1.00 33.39 ? 50  THR A C   1 
ATOM   391  O  O   . THR A 1 50  ? -1.100  20.852  8.009   1.00 33.07 ? 50  THR A O   1 
ATOM   392  C  CB  . THR A 1 50  ? -4.018  19.138  7.904   1.00 26.18 ? 50  THR A CB  1 
ATOM   393  O  OG1 . THR A 1 50  ? -2.833  18.418  7.431   1.00 21.78 ? 50  THR A OG1 1 
ATOM   394  C  CG2 . THR A 1 50  ? -5.256  18.646  7.178   1.00 25.65 ? 50  THR A CG2 1 
ATOM   395  N  N   . SER A 1 51  ? -2.450  20.726  9.827   1.00 34.54 ? 51  SER A N   1 
ATOM   396  C  CA  . SER A 1 51  ? -1.287  20.842  10.734  1.00 39.60 ? 51  SER A CA  1 
ATOM   397  C  C   . SER A 1 51  ? -0.815  19.422  10.992  1.00 40.88 ? 51  SER A C   1 
ATOM   398  O  O   . SER A 1 51  ? 0.339   19.022  10.710  1.00 44.43 ? 51  SER A O   1 
ATOM   399  C  CB  . SER A 1 51  ? -1.664  21.612  11.971  1.00 41.64 ? 51  SER A CB  1 
ATOM   400  O  OG  . SER A 1 51  ? -2.854  21.042  12.538  1.00 48.14 ? 51  SER A OG  1 
ATOM   401  N  N   . GLU A 1 52  ? -1.763  18.653  11.528  1.00 38.97 ? 52  GLU A N   1 
ATOM   402  C  CA  . GLU A 1 52  ? -1.448  17.226  11.828  1.00 32.92 ? 52  GLU A CA  1 
ATOM   403  C  C   . GLU A 1 52  ? -2.296  16.384  10.869  1.00 28.02 ? 52  GLU A C   1 
ATOM   404  O  O   . GLU A 1 52  ? -3.244  16.860  10.227  1.00 23.22 ? 52  GLU A O   1 
ATOM   405  C  CB  . GLU A 1 52  ? -1.686  16.842  13.265  1.00 34.07 ? 52  GLU A CB  1 
ATOM   406  C  CG  . GLU A 1 52  ? -1.344  17.822  14.364  1.00 40.62 ? 52  GLU A CG  1 
ATOM   407  C  CD  . GLU A 1 52  ? -2.397  18.394  15.258  1.00 46.13 ? 52  GLU A CD  1 
ATOM   408  O  OE1 . GLU A 1 52  ? -2.880  17.724  16.182  1.00 48.34 ? 52  GLU A OE1 1 
ATOM   409  O  OE2 . GLU A 1 52  ? -2.763  19.596  15.086  1.00 44.14 ? 52  GLU A OE2 1 
ATOM   410  N  N   . VAL A 1 53  ? -1.875  15.111  10.774  1.00 22.10 ? 53  VAL A N   1 
ATOM   411  C  CA  . VAL A 1 53  ? -2.631  14.152  9.953   1.00 17.17 ? 53  VAL A CA  1 
ATOM   412  C  C   . VAL A 1 53  ? -3.990  13.946  10.643  1.00 13.61 ? 53  VAL A C   1 
ATOM   413  O  O   . VAL A 1 53  ? -4.045  13.578  11.837  1.00 16.96 ? 53  VAL A O   1 
ATOM   414  C  CB  . VAL A 1 53  ? -1.840  12.839  9.720   1.00 14.75 ? 53  VAL A CB  1 
ATOM   415  C  CG1 . VAL A 1 53  ? -2.690  11.813  9.064   1.00 8.05  ? 53  VAL A CG1 1 
ATOM   416  C  CG2 . VAL A 1 53  ? -0.538  13.110  8.926   1.00 13.50 ? 53  VAL A CG2 1 
ATOM   417  N  N   . PRO A 1 54  ? -5.059  14.231  9.911   1.00 15.01 ? 54  PRO A N   1 
ATOM   418  C  CA  . PRO A 1 54  ? -6.429  14.062  10.456  1.00 13.78 ? 54  PRO A CA  1 
ATOM   419  C  C   . PRO A 1 54  ? -6.656  12.681  10.985  1.00 14.06 ? 54  PRO A C   1 
ATOM   420  O  O   . PRO A 1 54  ? -6.161  11.627  10.487  1.00 18.15 ? 54  PRO A O   1 
ATOM   421  C  CB  . PRO A 1 54  ? -7.385  14.424  9.315   1.00 10.56 ? 54  PRO A CB  1 
ATOM   422  C  CG  . PRO A 1 54  ? -6.514  14.612  8.085   1.00 10.36 ? 54  PRO A CG  1 
ATOM   423  C  CD  . PRO A 1 54  ? -5.070  14.670  8.507   1.00 9.58  ? 54  PRO A CD  1 
ATOM   424  N  N   . GLN A 1 55  ? -7.473  12.574  12.029  1.00 12.25 ? 55  GLN A N   1 
ATOM   425  C  CA  . GLN A 1 55  ? -7.726  11.244  12.617  1.00 11.61 ? 55  GLN A CA  1 
ATOM   426  C  C   . GLN A 1 55  ? -9.028  10.622  12.178  1.00 7.75  ? 55  GLN A C   1 
ATOM   427  O  O   . GLN A 1 55  ? -9.105  9.353   12.212  1.00 14.15 ? 55  GLN A O   1 
ATOM   428  C  CB  . GLN A 1 55  ? -7.659  11.389  14.147  1.00 11.83 ? 55  GLN A CB  1 
ATOM   429  C  CG  . GLN A 1 55  ? -6.577  12.432  14.495  1.00 24.75 ? 55  GLN A CG  1 
ATOM   430  C  CD  . GLN A 1 55  ? -5.735  12.037  15.656  1.00 29.75 ? 55  GLN A CD  1 
ATOM   431  O  OE1 . GLN A 1 55  ? -5.531  10.824  15.881  1.00 34.38 ? 55  GLN A OE1 1 
ATOM   432  N  NE2 . GLN A 1 55  ? -5.333  13.038  16.409  1.00 33.29 ? 55  GLN A NE2 1 
ATOM   433  N  N   . ASN A 1 56  ? -9.995  11.419  11.779  1.00 3.62  ? 56  ASN A N   1 
ATOM   434  C  CA  . ASN A 1 56  ? -11.332 10.856  11.441  1.00 6.20  ? 56  ASN A CA  1 
ATOM   435  C  C   . ASN A 1 56  ? -11.810 11.345  10.103  1.00 8.00  ? 56  ASN A C   1 
ATOM   436  O  O   . ASN A 1 56  ? -12.971 11.742  9.993   1.00 8.62  ? 56  ASN A O   1 
ATOM   437  C  CB  . ASN A 1 56  ? -12.367 11.119  12.588  1.00 4.46  ? 56  ASN A CB  1 
ATOM   438  C  CG  . ASN A 1 56  ? -11.898 10.431  13.874  1.00 10.39 ? 56  ASN A CG  1 
ATOM   439  O  OD1 . ASN A 1 56  ? -11.346 11.046  14.847  1.00 12.63 ? 56  ASN A OD1 1 
ATOM   440  N  ND2 . ASN A 1 56  ? -11.956 9.068   13.876  1.00 9.97  ? 56  ASN A ND2 1 
ATOM   441  N  N   . ASN A 1 57  ? -10.970 11.266  9.102   1.00 8.07  ? 57  ASN A N   1 
ATOM   442  C  CA  . ASN A 1 57  ? -11.305 11.788  7.754   1.00 8.06  ? 57  ASN A CA  1 
ATOM   443  C  C   . ASN A 1 57  ? -11.698 10.672  6.866   1.00 7.14  ? 57  ASN A C   1 
ATOM   444  O  O   . ASN A 1 57  ? -10.905 9.758   6.674   1.00 4.57  ? 57  ASN A O   1 
ATOM   445  C  CB  . ASN A 1 57  ? -10.024 12.612  7.376   1.00 5.09  ? 57  ASN A CB  1 
ATOM   446  C  CG  . ASN A 1 57  ? -10.234 13.282  6.010   1.00 8.90  ? 57  ASN A CG  1 
ATOM   447  O  OD1 . ASN A 1 57  ? -10.535 12.580  5.033   1.00 9.30  ? 57  ASN A OD1 1 
ATOM   448  N  ND2 . ASN A 1 57  ? -10.212 14.625  5.860   1.00 10.14 ? 57  ASN A ND2 1 
ATOM   449  N  N   . PRO A 1 58  ? -12.877 10.566  6.306   1.00 9.58  ? 58  PRO A N   1 
ATOM   450  C  CA  . PRO A 1 58  ? -13.277 9.442   5.498   1.00 8.61  ? 58  PRO A CA  1 
ATOM   451  C  C   . PRO A 1 58  ? -12.559 9.334   4.163   1.00 9.59  ? 58  PRO A C   1 
ATOM   452  O  O   . PRO A 1 58  ? -12.575 8.247   3.560   1.00 6.72  ? 58  PRO A O   1 
ATOM   453  C  CB  . PRO A 1 58  ? -14.789 9.617   5.357   1.00 5.58  ? 58  PRO A CB  1 
ATOM   454  C  CG  . PRO A 1 58  ? -15.026 11.104  5.560   1.00 11.19 ? 58  PRO A CG  1 
ATOM   455  C  CD  . PRO A 1 58  ? -13.993 11.575  6.537   1.00 7.99  ? 58  PRO A CD  1 
ATOM   456  N  N   . GLU A 1 59  ? -11.974 10.474  3.717   1.00 7.41  ? 59  GLU A N   1 
ATOM   457  C  CA  . GLU A 1 59  ? -11.265 10.391  2.408   1.00 10.32 ? 59  GLU A CA  1 
ATOM   458  C  C   . GLU A 1 59  ? -9.905  9.760   2.677   1.00 5.61  ? 59  GLU A C   1 
ATOM   459  O  O   . GLU A 1 59  ? -9.481  8.935   1.891   1.00 8.25  ? 59  GLU A O   1 
ATOM   460  C  CB  . GLU A 1 59  ? -11.034 11.706  1.732   1.00 9.63  ? 59  GLU A CB  1 
ATOM   461  C  CG  . GLU A 1 59  ? -12.218 12.512  1.210   1.00 21.34 ? 59  GLU A CG  1 
ATOM   462  C  CD  . GLU A 1 59  ? -11.745 13.718  0.424   1.00 21.85 ? 59  GLU A CD  1 
ATOM   463  O  OE1 . GLU A 1 59  ? -11.091 13.649  -0.629  1.00 33.44 ? 59  GLU A OE1 1 
ATOM   464  O  OE2 . GLU A 1 59  ? -12.039 14.779  0.961   1.00 32.10 ? 59  GLU A OE2 1 
ATOM   465  N  N   . LEU A 1 60  ? -9.238  10.164  3.747   1.00 4.33  ? 60  LEU A N   1 
ATOM   466  C  CA  . LEU A 1 60  ? -7.974  9.543   4.114   1.00 5.20  ? 60  LEU A CA  1 
ATOM   467  C  C   . LEU A 1 60  ? -8.149  8.011   4.289   1.00 9.52  ? 60  LEU A C   1 
ATOM   468  O  O   . LEU A 1 60  ? -7.368  7.219   3.736   1.00 7.22  ? 60  LEU A O   1 
ATOM   469  C  CB  . LEU A 1 60  ? -7.478  10.225  5.384   1.00 3.50  ? 60  LEU A CB  1 
ATOM   470  C  CG  . LEU A 1 60  ? -6.088  9.795   5.807   1.00 4.88  ? 60  LEU A CG  1 
ATOM   471  C  CD1 . LEU A 1 60  ? -5.326  10.965  6.446   1.00 5.60  ? 60  LEU A CD1 1 
ATOM   472  C  CD2 . LEU A 1 60  ? -6.174  8.555   6.754   1.00 5.23  ? 60  LEU A CD2 1 
ATOM   473  N  N   . GLN A 1 61  ? -9.165  7.594   5.068   1.00 7.14  ? 61  GLN A N   1 
ATOM   474  C  CA  . GLN A 1 61  ? -9.561  6.259   5.378   1.00 6.77  ? 61  GLN A CA  1 
ATOM   475  C  C   . GLN A 1 61  ? -9.842  5.411   4.136   1.00 6.54  ? 61  GLN A C   1 
ATOM   476  O  O   . GLN A 1 61  ? -9.305  4.293   3.978   1.00 6.08  ? 61  GLN A O   1 
ATOM   477  C  CB  . GLN A 1 61  ? -10.784 6.256   6.352   1.00 4.36  ? 61  GLN A CB  1 
ATOM   478  C  CG  . GLN A 1 61  ? -10.229 6.709   7.721   1.00 3.07  ? 61  GLN A CG  1 
ATOM   479  C  CD  . GLN A 1 61  ? -11.348 6.885   8.742   1.00 5.54  ? 61  GLN A CD  1 
ATOM   480  O  OE1 . GLN A 1 61  ? -11.129 7.293   9.926   1.00 9.50  ? 61  GLN A OE1 1 
ATOM   481  N  NE2 . GLN A 1 61  ? -12.518 6.382   8.416   1.00 3.98  ? 61  GLN A NE2 1 
ATOM   482  N  N   . ALA A 1 62  ? -10.654 5.855   3.225   1.00 6.22  ? 62  ALA A N   1 
ATOM   483  C  CA  . ALA A 1 62  ? -10.996 5.201   1.942   1.00 10.32 ? 62  ALA A CA  1 
ATOM   484  C  C   . ALA A 1 62  ? -9.747  5.037   1.060   1.00 9.68  ? 62  ALA A C   1 
ATOM   485  O  O   . ALA A 1 62  ? -9.524  3.949   0.515   1.00 11.21 ? 62  ALA A O   1 
ATOM   486  C  CB  . ALA A 1 62  ? -12.126 5.946   1.216   1.00 9.44  ? 62  ALA A CB  1 
ATOM   487  N  N   . HIS A 1 63  ? -8.899  6.039   0.922   1.00 6.74  ? 63  HIS A N   1 
ATOM   488  C  CA  . HIS A 1 63  ? -7.701  5.968   0.129   1.00 6.30  ? 63  HIS A CA  1 
ATOM   489  C  C   . HIS A 1 63  ? -6.683  4.932   0.663   1.00 9.20  ? 63  HIS A C   1 
ATOM   490  O  O   . HIS A 1 63  ? -6.299  4.001   -0.128  1.00 8.86  ? 63  HIS A O   1 
ATOM   491  C  CB  . HIS A 1 63  ? -7.040  7.366   0.033   1.00 4.42  ? 63  HIS A CB  1 
ATOM   492  C  CG  . HIS A 1 63  ? -5.709  7.235   -0.645  1.00 4.42  ? 63  HIS A CG  1 
ATOM   493  N  ND1 . HIS A 1 63  ? -5.555  7.121   -1.984  1.00 8.12  ? 63  HIS A ND1 1 
ATOM   494  C  CD2 . HIS A 1 63  ? -4.477  7.131   -0.130  1.00 9.11  ? 63  HIS A CD2 1 
ATOM   495  C  CE1 . HIS A 1 63  ? -4.247  7.020   -2.254  1.00 7.63  ? 63  HIS A CE1 1 
ATOM   496  N  NE2 . HIS A 1 63  ? -3.583  7.080   -1.178  1.00 9.89  ? 63  HIS A NE2 1 
ATOM   497  N  N   . ALA A 1 64  ? -6.228  4.964   1.913   1.00 6.64  ? 64  ALA A N   1 
ATOM   498  C  CA  . ALA A 1 64  ? -5.294  4.068   2.593   1.00 6.47  ? 64  ALA A CA  1 
ATOM   499  C  C   . ALA A 1 64  ? -5.912  2.662   2.682   1.00 9.50  ? 64  ALA A C   1 
ATOM   500  O  O   . ALA A 1 64  ? -5.162  1.674   2.395   1.00 8.89  ? 64  ALA A O   1 
ATOM   501  C  CB  . ALA A 1 64  ? -4.897  4.730   3.908   1.00 9.40  ? 64  ALA A CB  1 
ATOM   502  N  N   . GLY A 1 65  ? -7.203  2.548   2.828   1.00 4.26  ? 65  GLY A N   1 
ATOM   503  C  CA  . GLY A 1 65  ? -7.933  1.276   2.830   1.00 9.06  ? 65  GLY A CA  1 
ATOM   504  C  C   . GLY A 1 65  ? -7.733  0.548   1.463   1.00 13.22 ? 65  GLY A C   1 
ATOM   505  O  O   . GLY A 1 65  ? -7.431  -0.677  1.436   1.00 9.36  ? 65  GLY A O   1 
ATOM   506  N  N   . LYS A 1 66  ? -7.918  1.174   0.341   1.00 9.31  ? 66  LYS A N   1 
ATOM   507  C  CA  . LYS A 1 66  ? -7.778  0.729   -1.025  1.00 10.85 ? 66  LYS A CA  1 
ATOM   508  C  C   . LYS A 1 66  ? -6.340  0.344   -1.357  1.00 11.43 ? 66  LYS A C   1 
ATOM   509  O  O   . LYS A 1 66  ? -6.169  -0.736  -2.039  1.00 10.81 ? 66  LYS A O   1 
ATOM   510  C  CB  . LYS A 1 66  ? -8.160  1.772   -2.081  1.00 14.46 ? 66  LYS A CB  1 
ATOM   511  C  CG  . LYS A 1 66  ? -9.656  2.118   -2.128  1.00 20.54 ? 66  LYS A CG  1 
ATOM   512  C  CD  . LYS A 1 66  ? -9.738  3.584   -2.596  1.00 24.99 ? 66  LYS A CD  1 
ATOM   513  C  CE  . LYS A 1 66  ? -11.151 4.111   -2.643  1.00 30.28 ? 66  LYS A CE  1 
ATOM   514  N  NZ  . LYS A 1 66  ? -11.183 4.925   -3.916  1.00 34.44 ? 66  LYS A NZ  1 
ATOM   515  N  N   . VAL A 1 67  ? -5.395  1.169   -0.944  1.00 9.15  ? 67  VAL A N   1 
ATOM   516  C  CA  . VAL A 1 67  ? -3.976  0.899   -1.159  1.00 9.06  ? 67  VAL A CA  1 
ATOM   517  C  C   . VAL A 1 67  ? -3.617  -0.443  -0.484  1.00 11.39 ? 67  VAL A C   1 
ATOM   518  O  O   . VAL A 1 67  ? -3.002  -1.314  -1.133  1.00 6.60  ? 67  VAL A O   1 
ATOM   519  C  CB  . VAL A 1 67  ? -3.096  2.070   -0.685  1.00 10.40 ? 67  VAL A CB  1 
ATOM   520  C  CG1 . VAL A 1 67  ? -1.581  1.774   -0.644  1.00 11.10 ? 67  VAL A CG1 1 
ATOM   521  C  CG2 . VAL A 1 67  ? -3.292  3.330   -1.506  1.00 10.38 ? 67  VAL A CG2 1 
ATOM   522  N  N   . PHE A 1 68  ? -3.951  -0.575  0.812   1.00 7.79  ? 68  PHE A N   1 
ATOM   523  C  CA  . PHE A 1 68  ? -3.599  -1.860  1.505   1.00 6.71  ? 68  PHE A CA  1 
ATOM   524  C  C   . PHE A 1 68  ? -4.346  -3.027  0.876   1.00 7.98  ? 68  PHE A C   1 
ATOM   525  O  O   . PHE A 1 68  ? -3.714  -4.118  0.780   1.00 10.08 ? 68  PHE A O   1 
ATOM   526  C  CB  . PHE A 1 68  ? -3.839  -1.803  3.025   1.00 4.66  ? 68  PHE A CB  1 
ATOM   527  C  CG  . PHE A 1 68  ? -2.747  -1.106  3.793   1.00 4.18  ? 68  PHE A CG  1 
ATOM   528  C  CD1 . PHE A 1 68  ? -2.614  0.313   3.682   1.00 3.25  ? 68  PHE A CD1 1 
ATOM   529  C  CD2 . PHE A 1 68  ? -1.854  -1.795  4.557   1.00 5.30  ? 68  PHE A CD2 1 
ATOM   530  C  CE1 . PHE A 1 68  ? -1.608  0.970   4.387   1.00 3.85  ? 68  PHE A CE1 1 
ATOM   531  C  CE2 . PHE A 1 68  ? -0.850  -1.139  5.242   1.00 7.39  ? 68  PHE A CE2 1 
ATOM   532  C  CZ  . PHE A 1 68  ? -0.771  0.233   5.246   1.00 5.42  ? 68  PHE A CZ  1 
ATOM   533  N  N   . LYS A 1 69  ? -5.605  -2.919  0.495   1.00 7.60  ? 69  LYS A N   1 
ATOM   534  C  CA  . LYS A 1 69  ? -6.364  -4.055  -0.060  1.00 9.13  ? 69  LYS A CA  1 
ATOM   535  C  C   . LYS A 1 69  ? -5.834  -4.530  -1.415  1.00 8.63  ? 69  LYS A C   1 
ATOM   536  O  O   . LYS A 1 69  ? -5.883  -5.786  -1.676  1.00 8.28  ? 69  LYS A O   1 
ATOM   537  C  CB  . LYS A 1 69  ? -7.840  -3.732  -0.205  1.00 12.67 ? 69  LYS A CB  1 
ATOM   538  C  CG  . LYS A 1 69  ? -8.739  -4.882  -0.676  1.00 15.67 ? 69  LYS A CG  1 
ATOM   539  C  CD  . LYS A 1 69  ? -9.917  -4.983  0.282   1.00 26.21 ? 69  LYS A CD  1 
ATOM   540  C  CE  . LYS A 1 69  ? -10.728 -6.260  0.190   1.00 28.09 ? 69  LYS A CE  1 
ATOM   541  N  NZ  . LYS A 1 69  ? -12.043 -6.043  -0.468  1.00 31.12 ? 69  LYS A NZ  1 
ATOM   542  N  N   . LEU A 1 70  ? -5.361  -3.638  -2.249  1.00 9.39  ? 70  LEU A N   1 
ATOM   543  C  CA  . LEU A 1 70  ? -4.789  -3.950  -3.526  1.00 6.83  ? 70  LEU A CA  1 
ATOM   544  C  C   . LEU A 1 70  ? -3.457  -4.667  -3.229  1.00 3.22  ? 70  LEU A C   1 
ATOM   545  O  O   . LEU A 1 70  ? -3.313  -5.644  -4.009  1.00 8.61  ? 70  LEU A O   1 
ATOM   546  C  CB  . LEU A 1 70  ? -4.510  -2.792  -4.467  1.00 8.89  ? 70  LEU A CB  1 
ATOM   547  C  CG  . LEU A 1 70  ? -5.764  -2.136  -5.051  1.00 15.64 ? 70  LEU A CG  1 
ATOM   548  C  CD1 . LEU A 1 70  ? -5.356  -0.835  -5.727  1.00 16.31 ? 70  LEU A CD1 1 
ATOM   549  C  CD2 . LEU A 1 70  ? -6.447  -3.105  -6.016  1.00 13.05 ? 70  LEU A CD2 1 
ATOM   550  N  N   . VAL A 1 71  ? -2.638  -4.304  -2.304  1.00 5.48  ? 71  VAL A N   1 
ATOM   551  C  CA  . VAL A 1 71  ? -1.401  -5.125  -2.144  1.00 3.14  ? 71  VAL A CA  1 
ATOM   552  C  C   . VAL A 1 71  ? -1.772  -6.492  -1.661  1.00 6.85  ? 71  VAL A C   1 
ATOM   553  O  O   . VAL A 1 71  ? -1.119  -7.487  -2.107  1.00 5.44  ? 71  VAL A O   1 
ATOM   554  C  CB  . VAL A 1 71  ? -0.425  -4.392  -1.258  1.00 6.22  ? 71  VAL A CB  1 
ATOM   555  C  CG1 . VAL A 1 71  ? 0.797   -5.243  -0.875  1.00 11.18 ? 71  VAL A CG1 1 
ATOM   556  C  CG2 . VAL A 1 71  ? -0.034  -3.103  -1.965  1.00 7.46  ? 71  VAL A CG2 1 
ATOM   557  N  N   . TYR A 1 72  ? -2.746  -6.577  -0.778  1.00 6.37  ? 72  TYR A N   1 
ATOM   558  C  CA  . TYR A 1 72  ? -3.207  -7.870  -0.259  1.00 7.47  ? 72  TYR A CA  1 
ATOM   559  C  C   . TYR A 1 72  ? -3.735  -8.750  -1.367  1.00 9.41  ? 72  TYR A C   1 
ATOM   560  O  O   . TYR A 1 72  ? -3.368  -9.962  -1.510  1.00 7.85  ? 72  TYR A O   1 
ATOM   561  C  CB  . TYR A 1 72  ? -4.237  -7.504  0.831   1.00 7.86  ? 72  TYR A CB  1 
ATOM   562  C  CG  . TYR A 1 72  ? -5.289  -8.556  0.947   1.00 7.77  ? 72  TYR A CG  1 
ATOM   563  C  CD1 . TYR A 1 72  ? -4.913  -9.885  1.223   1.00 10.57 ? 72  TYR A CD1 1 
ATOM   564  C  CD2 . TYR A 1 72  ? -6.614  -8.272  0.802   1.00 13.84 ? 72  TYR A CD2 1 
ATOM   565  C  CE1 . TYR A 1 72  ? -5.849  -10.903 1.316   1.00 12.01 ? 72  TYR A CE1 1 
ATOM   566  C  CE2 . TYR A 1 72  ? -7.596  -9.237  0.907   1.00 14.74 ? 72  TYR A CE2 1 
ATOM   567  C  CZ  . TYR A 1 72  ? -7.172  -10.552 1.173   1.00 14.00 ? 72  TYR A CZ  1 
ATOM   568  O  OH  . TYR A 1 72  ? -8.100  -11.568 1.324   1.00 23.56 ? 72  TYR A OH  1 
ATOM   569  N  N   . GLU A 1 73  ? -4.583  -8.178  -2.231  1.00 6.74  ? 73  GLU A N   1 
ATOM   570  C  CA  . GLU A 1 73  ? -5.148  -8.968  -3.337  1.00 10.23 ? 73  GLU A CA  1 
ATOM   571  C  C   . GLU A 1 73  ? -4.024  -9.315  -4.320  1.00 6.19  ? 73  GLU A C   1 
ATOM   572  O  O   . GLU A 1 73  ? -4.202  -10.394 -4.887  1.00 8.22  ? 73  GLU A O   1 
ATOM   573  C  CB  . GLU A 1 73  ? -6.308  -8.295  -4.029  1.00 11.32 ? 73  GLU A CB  1 
ATOM   574  C  CG  . GLU A 1 73  ? -7.517  -8.120  -3.129  1.00 15.90 ? 73  GLU A CG  1 
ATOM   575  C  CD  . GLU A 1 73  ? -8.656  -7.354  -3.767  1.00 20.55 ? 73  GLU A CD  1 
ATOM   576  O  OE1 . GLU A 1 73  ? -8.348  -6.412  -4.522  1.00 18.64 ? 73  GLU A OE1 1 
ATOM   577  O  OE2 . GLU A 1 73  ? -9.802  -7.671  -3.533  1.00 26.46 ? 73  GLU A OE2 1 
ATOM   578  N  N   . ALA A 1 74  ? -2.974  -8.548  -4.466  1.00 3.64  ? 74  ALA A N   1 
ATOM   579  C  CA  . ALA A 1 74  ? -1.844  -8.897  -5.330  1.00 9.84  ? 74  ALA A CA  1 
ATOM   580  C  C   . ALA A 1 74  ? -1.119  -10.125 -4.733  1.00 7.19  ? 74  ALA A C   1 
ATOM   581  O  O   . ALA A 1 74  ? -0.740  -10.998 -5.502  1.00 5.97  ? 74  ALA A O   1 
ATOM   582  C  CB  . ALA A 1 74  ? -0.855  -7.759  -5.528  1.00 4.69  ? 74  ALA A CB  1 
ATOM   583  N  N   . ALA A 1 75  ? -0.954  -10.178 -3.416  1.00 8.56  ? 75  ALA A N   1 
ATOM   584  C  CA  . ALA A 1 75  ? -0.329  -11.308 -2.759  1.00 7.54  ? 75  ALA A CA  1 
ATOM   585  C  C   . ALA A 1 75  ? -1.133  -12.562 -3.048  1.00 6.06  ? 75  ALA A C   1 
ATOM   586  O  O   . ALA A 1 75  ? -0.505  -13.613 -3.362  1.00 7.86  ? 75  ALA A O   1 
ATOM   587  C  CB  . ALA A 1 75  ? -0.184  -11.208 -1.204  1.00 6.11  ? 75  ALA A CB  1 
ATOM   588  N  N   . ILE A 1 76  ? -2.384  -12.602 -2.975  1.00 5.91  ? 76  ILE A N   1 
ATOM   589  C  CA  . ILE A 1 76  ? -3.185  -13.784 -3.271  1.00 9.01  ? 76  ILE A CA  1 
ATOM   590  C  C   . ILE A 1 76  ? -3.032  -14.182 -4.757  1.00 13.48 ? 76  ILE A C   1 
ATOM   591  O  O   . ILE A 1 76  ? -2.855  -15.413 -5.082  1.00 8.12  ? 76  ILE A O   1 
ATOM   592  C  CB  . ILE A 1 76  ? -4.641  -13.536 -2.855  1.00 10.52 ? 76  ILE A CB  1 
ATOM   593  C  CG1 . ILE A 1 76  ? -4.799  -13.073 -1.382  1.00 11.81 ? 76  ILE A CG1 1 
ATOM   594  C  CG2 . ILE A 1 76  ? -5.506  -14.825 -3.140  1.00 10.11 ? 76  ILE A CG2 1 
ATOM   595  C  CD1 . ILE A 1 76  ? -4.413  -14.136 -0.349  1.00 16.62 ? 76  ILE A CD1 1 
ATOM   596  N  N   . GLN A 1 77  ? -3.121  -13.162 -5.612  1.00 5.60  ? 77  GLN A N   1 
ATOM   597  C  CA  . GLN A 1 77  ? -2.970  -13.372 -7.054  1.00 7.13  ? 77  GLN A CA  1 
ATOM   598  C  C   . GLN A 1 77  ? -1.630  -13.967 -7.404  1.00 6.40  ? 77  GLN A C   1 
ATOM   599  O  O   . GLN A 1 77  ? -1.576  -14.983 -8.178  1.00 5.72  ? 77  GLN A O   1 
ATOM   600  C  CB  . GLN A 1 77  ? -3.203  -12.042 -7.788  1.00 7.65  ? 77  GLN A CB  1 
ATOM   601  C  CG  . GLN A 1 77  ? -3.492  -12.343 -9.233  1.00 8.96  ? 77  GLN A CG  1 
ATOM   602  C  CD  . GLN A 1 77  ? -4.135  -11.194 -9.958  1.00 10.25 ? 77  GLN A CD  1 
ATOM   603  O  OE1 . GLN A 1 77  ? -5.284  -11.437 -10.354 1.00 16.31 ? 77  GLN A OE1 1 
ATOM   604  N  NE2 . GLN A 1 77  ? -3.378  -10.109 -10.072 1.00 7.15  ? 77  GLN A NE2 1 
ATOM   605  N  N   . LEU A 1 78  ? -0.510  -13.547 -6.837  1.00 4.36  ? 78  LEU A N   1 
ATOM   606  C  CA  . LEU A 1 78  ? 0.786   -14.140 -7.124  1.00 7.66  ? 78  LEU A CA  1 
ATOM   607  C  C   . LEU A 1 78  ? 0.869   -15.590 -6.711  1.00 6.13  ? 78  LEU A C   1 
ATOM   608  O  O   . LEU A 1 78  ? 1.477   -16.482 -7.374  1.00 10.92 ? 78  LEU A O   1 
ATOM   609  C  CB  . LEU A 1 78  ? 1.807   -13.348 -6.349  1.00 7.54  ? 78  LEU A CB  1 
ATOM   610  C  CG  . LEU A 1 78  ? 2.406   -12.083 -6.843  1.00 13.49 ? 78  LEU A CG  1 
ATOM   611  C  CD1 . LEU A 1 78  ? 3.375   -11.597 -5.780  1.00 14.03 ? 78  LEU A CD1 1 
ATOM   612  C  CD2 . LEU A 1 78  ? 3.135   -12.358 -8.175  1.00 16.72 ? 78  LEU A CD2 1 
ATOM   613  N  N   . GLU A 1 79  ? 0.296   -15.858 -5.548  1.00 10.49 ? 79  GLU A N   1 
ATOM   614  C  CA  . GLU A 1 79  ? 0.293   -17.207 -4.963  1.00 10.22 ? 79  GLU A CA  1 
ATOM   615  C  C   . GLU A 1 79  ? -0.564  -18.121 -5.858  1.00 6.40  ? 79  GLU A C   1 
ATOM   616  O  O   . GLU A 1 79  ? -0.039  -19.178 -6.216  1.00 8.50  ? 79  GLU A O   1 
ATOM   617  C  CB  . GLU A 1 79  ? -0.192  -17.244 -3.555  1.00 13.28 ? 79  GLU A CB  1 
ATOM   618  C  CG  . GLU A 1 79  ? -0.241  -18.627 -2.848  1.00 18.08 ? 79  GLU A CG  1 
ATOM   619  C  CD  . GLU A 1 79  ? -1.641  -19.201 -2.856  1.00 22.73 ? 79  GLU A CD  1 
ATOM   620  O  OE1 . GLU A 1 79  ? -2.660  -18.621 -2.431  1.00 30.81 ? 79  GLU A OE1 1 
ATOM   621  O  OE2 . GLU A 1 79  ? -1.592  -20.357 -3.327  1.00 27.27 ? 79  GLU A OE2 1 
ATOM   622  N  N   . VAL A 1 80  ? -1.748  -17.707 -6.206  1.00 7.58  ? 80  VAL A N   1 
ATOM   623  C  CA  . VAL A 1 80  ? -2.611  -18.532 -7.030  1.00 9.59  ? 80  VAL A CA  1 
ATOM   624  C  C   . VAL A 1 80  ? -2.250  -18.756 -8.491  1.00 13.29 ? 80  VAL A C   1 
ATOM   625  O  O   . VAL A 1 80  ? -2.397  -19.889 -9.028  1.00 10.56 ? 80  VAL A O   1 
ATOM   626  C  CB  . VAL A 1 80  ? -4.046  -17.853 -6.984  1.00 5.65  ? 80  VAL A CB  1 
ATOM   627  C  CG1 . VAL A 1 80  ? -4.957  -18.441 -8.030  1.00 10.13 ? 80  VAL A CG1 1 
ATOM   628  C  CG2 . VAL A 1 80  ? -4.563  -17.995 -5.608  1.00 5.79  ? 80  VAL A CG2 1 
ATOM   629  N  N   . THR A 1 81  ? -1.877  -17.704 -9.170  1.00 8.46  ? 81  THR A N   1 
ATOM   630  C  CA  . THR A 1 81  ? -1.663  -17.636 -10.582 1.00 7.70  ? 81  THR A CA  1 
ATOM   631  C  C   . THR A 1 81  ? -0.196  -17.499 -10.979 1.00 6.70  ? 81  THR A C   1 
ATOM   632  O  O   . THR A 1 81  ? 0.074   -17.773 -12.172 1.00 9.92  ? 81  THR A O   1 
ATOM   633  C  CB  . THR A 1 81  ? -2.476  -16.435 -11.269 1.00 7.01  ? 81  THR A CB  1 
ATOM   634  O  OG1 . THR A 1 81  ? -1.665  -15.210 -11.019 1.00 9.28  ? 81  THR A OG1 1 
ATOM   635  C  CG2 . THR A 1 81  ? -3.912  -16.314 -10.829 1.00 9.59  ? 81  THR A CG2 1 
ATOM   636  N  N   . GLY A 1 82  ? 0.613   -17.061 -10.079 1.00 5.38  ? 82  GLY A N   1 
ATOM   637  C  CA  . GLY A 1 82  ? 2.030   -16.827 -10.343 1.00 8.75  ? 82  GLY A CA  1 
ATOM   638  C  C   . GLY A 1 82  ? 2.327   -15.444 -10.912 1.00 7.50  ? 82  GLY A C   1 
ATOM   639  O  O   . GLY A 1 82  ? 3.534   -15.173 -11.162 1.00 7.12  ? 82  GLY A O   1 
ATOM   640  N  N   . VAL A 1 83  ? 1.376   -14.563 -11.154 1.00 8.26  ? 83  VAL A N   1 
ATOM   641  C  CA  . VAL A 1 83  ? 1.599   -13.257 -11.708 1.00 6.85  ? 83  VAL A CA  1 
ATOM   642  C  C   . VAL A 1 83  ? 0.634   -12.259 -11.027 1.00 4.81  ? 83  VAL A C   1 
ATOM   643  O  O   . VAL A 1 83  ? -0.220  -12.642 -10.285 1.00 9.15  ? 83  VAL A O   1 
ATOM   644  C  CB  . VAL A 1 83  ? 1.331   -13.190 -13.232 1.00 6.05  ? 83  VAL A CB  1 
ATOM   645  C  CG1 . VAL A 1 83  ? 2.335   -13.972 -14.081 1.00 4.66  ? 83  VAL A CG1 1 
ATOM   646  C  CG2 . VAL A 1 83  ? -0.083  -13.632 -13.545 1.00 9.07  ? 83  VAL A CG2 1 
ATOM   647  N  N   . VAL A 1 84  ? 0.822   -11.001 -11.281 1.00 9.91  ? 84  VAL A N   1 
ATOM   648  C  CA  . VAL A 1 84  ? -0.057  -9.863  -10.972 1.00 7.98  ? 84  VAL A CA  1 
ATOM   649  C  C   . VAL A 1 84  ? -0.710  -9.588  -12.367 1.00 2.80  ? 84  VAL A C   1 
ATOM   650  O  O   . VAL A 1 84  ? 0.067   -9.198  -13.298 1.00 10.34 ? 84  VAL A O   1 
ATOM   651  C  CB  . VAL A 1 84  ? 0.569   -8.636  -10.314 1.00 5.51  ? 84  VAL A CB  1 
ATOM   652  C  CG1 . VAL A 1 84  ? -0.470  -7.526  -10.174 1.00 9.89  ? 84  VAL A CG1 1 
ATOM   653  C  CG2 . VAL A 1 84  ? 1.203   -8.896  -8.961  1.00 6.52  ? 84  VAL A CG2 1 
ATOM   654  N  N   . VAL A 1 85  ? -2.010  -9.714  -12.529 1.00 6.17  ? 85  VAL A N   1 
ATOM   655  C  CA  . VAL A 1 85  ? -2.656  -9.436  -13.811 1.00 7.25  ? 85  VAL A CA  1 
ATOM   656  C  C   . VAL A 1 85  ? -3.056  -7.946  -13.997 1.00 11.48 ? 85  VAL A C   1 
ATOM   657  O  O   . VAL A 1 85  ? -3.719  -7.423  -13.032 1.00 17.12 ? 85  VAL A O   1 
ATOM   658  C  CB  . VAL A 1 85  ? -3.920  -10.296 -13.990 1.00 8.98  ? 85  VAL A CB  1 
ATOM   659  C  CG1 . VAL A 1 85  ? -4.711  -9.966  -15.255 1.00 8.75  ? 85  VAL A CG1 1 
ATOM   660  C  CG2 . VAL A 1 85  ? -3.541  -11.766 -13.924 1.00 12.82 ? 85  VAL A CG2 1 
ATOM   661  N  N   . THR A 1 86  ? -2.736  -7.344  -15.128 1.00 20.75 ? 86  THR A N   1 
ATOM   662  C  CA  . THR A 1 86  ? -3.217  -5.929  -15.331 1.00 30.72 ? 86  THR A CA  1 
ATOM   663  C  C   . THR A 1 86  ? -4.758  -5.951  -15.489 1.00 32.88 ? 86  THR A C   1 
ATOM   664  O  O   . THR A 1 86  ? -5.356  -7.013  -15.760 1.00 36.84 ? 86  THR A O   1 
ATOM   665  C  CB  . THR A 1 86  ? -2.686  -5.057  -16.497 1.00 32.61 ? 86  THR A CB  1 
ATOM   666  O  OG1 . THR A 1 86  ? -1.304  -5.326  -16.822 1.00 40.08 ? 86  THR A OG1 1 
ATOM   667  C  CG2 . THR A 1 86  ? -2.803  -3.547  -16.122 1.00 33.43 ? 86  THR A CG2 1 
ATOM   668  N  N   . ASP A 1 87  ? -5.402  -4.812  -15.267 1.00 30.52 ? 87  ASP A N   1 
ATOM   669  C  CA  . ASP A 1 87  ? -6.894  -4.874  -15.481 1.00 26.84 ? 87  ASP A CA  1 
ATOM   670  C  C   . ASP A 1 87  ? -7.300  -3.390  -15.680 1.00 28.09 ? 87  ASP A C   1 
ATOM   671  O  O   . ASP A 1 87  ? -6.391  -2.587  -15.939 1.00 20.66 ? 87  ASP A O   1 
ATOM   672  C  CB  . ASP A 1 87  ? -7.573  -5.671  -14.437 1.00 27.85 ? 87  ASP A CB  1 
ATOM   673  C  CG  . ASP A 1 87  ? -7.779  -5.143  -13.046 1.00 31.22 ? 87  ASP A CG  1 
ATOM   674  O  OD1 . ASP A 1 87  ? -7.226  -4.133  -12.624 1.00 31.61 ? 87  ASP A OD1 1 
ATOM   675  O  OD2 . ASP A 1 87  ? -8.594  -5.759  -12.305 1.00 31.22 ? 87  ASP A OD2 1 
ATOM   676  N  N   . ALA A 1 88  ? -8.608  -3.205  -15.647 1.00 29.44 ? 88  ALA A N   1 
ATOM   677  C  CA  . ALA A 1 88  ? -9.192  -1.851  -15.801 1.00 31.64 ? 88  ALA A CA  1 
ATOM   678  C  C   . ALA A 1 88  ? -8.821  -1.006  -14.581 1.00 30.13 ? 88  ALA A C   1 
ATOM   679  O  O   . ALA A 1 88  ? -8.301  0.125   -14.728 1.00 33.48 ? 88  ALA A O   1 
ATOM   680  C  CB  . ALA A 1 88  ? -10.699 -1.907  -16.018 1.00 30.49 ? 88  ALA A CB  1 
ATOM   681  N  N   . THR A 1 89  ? -9.011  -1.545  -13.388 1.00 26.55 ? 89  THR A N   1 
ATOM   682  C  CA  . THR A 1 89  ? -8.614  -0.827  -12.178 1.00 26.03 ? 89  THR A CA  1 
ATOM   683  C  C   . THR A 1 89  ? -7.167  -0.383  -12.181 1.00 23.10 ? 89  THR A C   1 
ATOM   684  O  O   . THR A 1 89  ? -6.849  0.786   -11.765 1.00 21.39 ? 89  THR A O   1 
ATOM   685  C  CB  . THR A 1 89  ? -8.991  -1.742  -10.940 1.00 28.30 ? 89  THR A CB  1 
ATOM   686  O  OG1 . THR A 1 89  ? -10.434 -1.952  -11.125 1.00 32.31 ? 89  THR A OG1 1 
ATOM   687  C  CG2 . THR A 1 89  ? -8.671  -1.199  -9.542  1.00 31.84 ? 89  THR A CG2 1 
ATOM   688  N  N   . LEU A 1 90  ? -6.215  -1.207  -12.601 1.00 20.90 ? 90  LEU A N   1 
ATOM   689  C  CA  . LEU A 1 90  ? -4.804  -0.805  -12.593 1.00 15.54 ? 90  LEU A CA  1 
ATOM   690  C  C   . LEU A 1 90  ? -4.470  0.112   -13.748 1.00 17.20 ? 90  LEU A C   1 
ATOM   691  O  O   . LEU A 1 90  ? -3.480  0.867   -13.625 1.00 11.18 ? 90  LEU A O   1 
ATOM   692  C  CB  . LEU A 1 90  ? -3.925  -2.082  -12.520 1.00 17.49 ? 90  LEU A CB  1 
ATOM   693  C  CG  . LEU A 1 90  ? -3.887  -2.912  -11.250 1.00 17.22 ? 90  LEU A CG  1 
ATOM   694  C  CD1 . LEU A 1 90  ? -2.920  -4.116  -11.416 1.00 15.56 ? 90  LEU A CD1 1 
ATOM   695  C  CD2 . LEU A 1 90  ? -3.437  -2.082  -10.057 1.00 17.61 ? 90  LEU A CD2 1 
ATOM   696  N  N   . LYS A 1 91  ? -5.205  0.056   -14.883 1.00 19.49 ? 91  LYS A N   1 
ATOM   697  C  CA  . LYS A 1 91  ? -4.799  1.034   -15.943 1.00 18.61 ? 91  LYS A CA  1 
ATOM   698  C  C   . LYS A 1 91  ? -5.445  2.385   -15.534 1.00 15.60 ? 91  LYS A C   1 
ATOM   699  O  O   . LYS A 1 91  ? -4.755  3.381   -15.835 1.00 15.82 ? 91  LYS A O   1 
ATOM   700  C  CB  . LYS A 1 91  ? -5.138  0.716   -17.354 1.00 22.84 ? 91  LYS A CB  1 
ATOM   701  C  CG  . LYS A 1 91  ? -5.308  -0.743  -17.724 1.00 27.20 ? 91  LYS A CG  1 
ATOM   702  C  CD  . LYS A 1 91  ? -5.065  -0.972  -19.221 1.00 30.73 ? 91  LYS A CD  1 
ATOM   703  C  CE  . LYS A 1 91  ? -4.737  -2.447  -19.486 1.00 25.38 ? 91  LYS A CE  1 
ATOM   704  N  NZ  . LYS A 1 91  ? -5.896  -3.267  -19.024 1.00 32.04 ? 91  LYS A NZ  1 
ATOM   705  N  N   . ASN A 1 92  ? -6.639  2.409   -14.959 1.00 16.74 ? 92  ASN A N   1 
ATOM   706  C  CA  . ASN A 1 92  ? -7.231  3.677   -14.503 1.00 18.32 ? 92  ASN A CA  1 
ATOM   707  C  C   . ASN A 1 92  ? -6.222  4.339   -13.525 1.00 19.67 ? 92  ASN A C   1 
ATOM   708  O  O   . ASN A 1 92  ? -5.803  5.481   -13.730 1.00 23.10 ? 92  ASN A O   1 
ATOM   709  C  CB  . ASN A 1 92  ? -8.590  3.504   -13.858 1.00 22.65 ? 92  ASN A CB  1 
ATOM   710  C  CG  . ASN A 1 92  ? -9.214  4.835   -13.495 1.00 27.16 ? 92  ASN A CG  1 
ATOM   711  O  OD1 . ASN A 1 92  ? -9.025  5.788   -14.313 1.00 38.03 ? 92  ASN A OD1 1 
ATOM   712  N  ND2 . ASN A 1 92  ? -9.930  4.986   -12.412 1.00 28.37 ? 92  ASN A ND2 1 
ATOM   713  N  N   . LEU A 1 93  ? -5.755  3.549   -12.560 1.00 17.35 ? 93  LEU A N   1 
ATOM   714  C  CA  . LEU A 1 93  ? -4.804  3.810   -11.483 1.00 18.77 ? 93  LEU A CA  1 
ATOM   715  C  C   . LEU A 1 93  ? -3.537  4.408   -12.075 1.00 13.57 ? 93  LEU A C   1 
ATOM   716  O  O   . LEU A 1 93  ? -2.980  5.386   -11.570 1.00 17.97 ? 93  LEU A O   1 
ATOM   717  C  CB  . LEU A 1 93  ? -4.575  2.532   -10.680 1.00 21.00 ? 93  LEU A CB  1 
ATOM   718  C  CG  . LEU A 1 93  ? -4.154  2.467   -9.241  1.00 24.92 ? 93  LEU A CG  1 
ATOM   719  C  CD1 . LEU A 1 93  ? -3.857  1.040   -8.749  1.00 22.14 ? 93  LEU A CD1 1 
ATOM   720  C  CD2 . LEU A 1 93  ? -2.854  3.188   -9.039  1.00 24.90 ? 93  LEU A CD2 1 
ATOM   721  N  N   . GLY A 1 94  ? -3.101  3.877   -13.177 1.00 14.54 ? 94  GLY A N   1 
ATOM   722  C  CA  . GLY A 1 94  ? -1.899  4.361   -13.867 1.00 11.42 ? 94  GLY A CA  1 
ATOM   723  C  C   . GLY A 1 94  ? -2.224  5.826   -14.273 1.00 13.86 ? 94  GLY A C   1 
ATOM   724  O  O   . GLY A 1 94  ? -1.379  6.658   -14.087 1.00 15.76 ? 94  GLY A O   1 
ATOM   725  N  N   . SER A 1 95  ? -3.418  6.025   -14.773 1.00 15.50 ? 95  SER A N   1 
ATOM   726  C  CA  . SER A 1 95  ? -3.803  7.386   -15.234 1.00 18.13 ? 95  SER A CA  1 
ATOM   727  C  C   . SER A 1 95  ? -3.942  8.327   -14.034 1.00 21.38 ? 95  SER A C   1 
ATOM   728  O  O   . SER A 1 95  ? -3.321  9.443   -14.083 1.00 20.13 ? 95  SER A O   1 
ATOM   729  C  CB  . SER A 1 95  ? -5.028  7.277   -16.155 1.00 17.38 ? 95  SER A CB  1 
ATOM   730  O  OG  A SER A 1 95  ? -6.277  7.035   -15.550 0.50 11.76 ? 95  SER A OG  1 
ATOM   731  O  OG  B SER A 1 95  ? -5.590  8.562   -16.379 0.50 10.43 ? 95  SER A OG  1 
ATOM   732  N  N   . VAL A 1 96  ? -4.603  7.992   -12.933 1.00 14.86 ? 96  VAL A N   1 
ATOM   733  C  CA  . VAL A 1 96  ? -4.662  8.933   -11.808 1.00 17.24 ? 96  VAL A CA  1 
ATOM   734  C  C   . VAL A 1 96  ? -3.287  9.265   -11.238 1.00 10.54 ? 96  VAL A C   1 
ATOM   735  O  O   . VAL A 1 96  ? -3.141  10.478  -10.811 1.00 14.07 ? 96  VAL A O   1 
ATOM   736  C  CB  . VAL A 1 96  ? -5.679  8.479   -10.701 1.00 17.67 ? 96  VAL A CB  1 
ATOM   737  C  CG1 . VAL A 1 96  ? -6.628  7.403   -11.175 1.00 18.92 ? 96  VAL A CG1 1 
ATOM   738  C  CG2 . VAL A 1 96  ? -5.023  8.129   -9.411  1.00 23.26 ? 96  VAL A CG2 1 
ATOM   739  N  N   . HIS A 1 97  ? -2.374  8.295   -11.119 1.00 8.28  ? 97  HIS A N   1 
ATOM   740  C  CA  . HIS A 1 97  ? -1.047  8.636   -10.569 1.00 5.70  ? 97  HIS A CA  1 
ATOM   741  C  C   . HIS A 1 97  ? -0.311  9.588   -11.440 1.00 4.55  ? 97  HIS A C   1 
ATOM   742  O  O   . HIS A 1 97  ? 0.337   10.559  -10.966 1.00 11.06 ? 97  HIS A O   1 
ATOM   743  C  CB  . HIS A 1 97  ? -0.118  7.407   -10.423 1.00 9.75  ? 97  HIS A CB  1 
ATOM   744  C  CG  A HIS A 1 97  ? -0.432  6.574   -9.217  0.60 4.14  ? 97  HIS A CG  1 
ATOM   745  C  CG  B HIS A 1 97  ? -0.595  6.729   -9.150  0.40 6.84  ? 97  HIS A CG  1 
ATOM   746  N  ND1 A HIS A 1 97  ? 0.176   5.372   -8.994  0.60 1.38  ? 97  HIS A ND1 1 
ATOM   747  N  ND1 B HIS A 1 97  ? -1.643  5.860   -9.054  0.40 6.04  ? 97  HIS A ND1 1 
ATOM   748  C  CD2 A HIS A 1 97  ? -1.298  6.820   -8.191  0.60 1.38  ? 97  HIS A CD2 1 
ATOM   749  C  CD2 B HIS A 1 97  ? -0.120  6.912   -7.907  0.40 5.92  ? 97  HIS A CD2 1 
ATOM   750  C  CE1 A HIS A 1 97  ? -0.285  4.884   -7.870  0.60 1.38  ? 97  HIS A CE1 1 
ATOM   751  C  CE1 B HIS A 1 97  ? -1.790  5.581   -7.766  0.40 5.65  ? 97  HIS A CE1 1 
ATOM   752  N  NE2 A HIS A 1 97  ? -1.178  5.721   -7.380  0.60 2.06  ? 97  HIS A NE2 1 
ATOM   753  N  NE2 B HIS A 1 97  ? -0.868  6.179   -7.050  0.40 6.94  ? 97  HIS A NE2 1 
ATOM   754  N  N   . VAL A 1 98  ? -0.380  9.419   -12.742 1.00 7.94  ? 98  VAL A N   1 
ATOM   755  C  CA  . VAL A 1 98  ? 0.311   10.444  -13.601 1.00 13.33 ? 98  VAL A CA  1 
ATOM   756  C  C   . VAL A 1 98  ? -0.286  11.842  -13.347 1.00 12.20 ? 98  VAL A C   1 
ATOM   757  O  O   . VAL A 1 98  ? 0.421   12.886  -13.257 1.00 12.80 ? 98  VAL A O   1 
ATOM   758  C  CB  . VAL A 1 98  ? 0.278   9.869   -15.009 1.00 10.55 ? 98  VAL A CB  1 
ATOM   759  C  CG1 . VAL A 1 98  ? 0.546   10.931  -16.084 1.00 15.85 ? 98  VAL A CG1 1 
ATOM   760  C  CG2 . VAL A 1 98  ? 1.244   8.721   -15.229 1.00 11.33 ? 98  VAL A CG2 1 
ATOM   761  N  N   . SER A 1 99  ? -1.578  11.976  -13.227 1.00 16.12 ? 99  SER A N   1 
ATOM   762  C  CA  . SER A 1 99  ? -2.289  13.243  -13.021 1.00 18.27 ? 99  SER A CA  1 
ATOM   763  C  C   . SER A 1 99  ? -1.904  13.964  -11.735 1.00 16.24 ? 99  SER A C   1 
ATOM   764  O  O   . SER A 1 99  ? -1.811  15.183  -11.686 1.00 13.91 ? 99  SER A O   1 
ATOM   765  C  CB  . SER A 1 99  ? -3.792  13.082  -12.891 1.00 17.62 ? 99  SER A CB  1 
ATOM   766  O  OG  . SER A 1 99  ? -4.347  12.487  -14.030 1.00 35.34 ? 99  SER A OG  1 
ATOM   767  N  N   . LYS A 1 100 ? -1.727  13.176  -10.708 1.00 11.23 ? 100 LYS A N   1 
ATOM   768  C  CA  . LYS A 1 100 ? -1.477  13.581  -9.343  1.00 11.05 ? 100 LYS A CA  1 
ATOM   769  C  C   . LYS A 1 100 ? -0.027  13.933  -9.133  1.00 10.73 ? 100 LYS A C   1 
ATOM   770  O  O   . LYS A 1 100 ? 0.358   14.512  -8.119  1.00 13.63 ? 100 LYS A O   1 
ATOM   771  C  CB  . LYS A 1 100 ? -1.905  12.459  -8.380  1.00 10.47 ? 100 LYS A CB  1 
ATOM   772  C  CG  . LYS A 1 100 ? -3.429  12.273  -8.391  1.00 18.66 ? 100 LYS A CG  1 
ATOM   773  C  CD  . LYS A 1 100 ? -4.117  13.503  -7.798  1.00 22.44 ? 100 LYS A CD  1 
ATOM   774  C  CE  . LYS A 1 100 ? -5.605  13.288  -7.932  1.00 25.22 ? 100 LYS A CE  1 
ATOM   775  N  NZ  . LYS A 1 100 ? -6.276  14.592  -7.944  1.00 33.96 ? 100 LYS A NZ  1 
ATOM   776  N  N   . GLY A 1 101 ? 0.781   13.610  -10.072 1.00 8.55  ? 101 GLY A N   1 
ATOM   777  C  CA  . GLY A 1 101 ? 2.207   13.879  -10.044 1.00 9.54  ? 101 GLY A CA  1 
ATOM   778  C  C   . GLY A 1 101 ? 2.999   12.813  -9.320  1.00 8.57  ? 101 GLY A C   1 
ATOM   779  O  O   . GLY A 1 101 ? 4.137   13.156  -8.861  1.00 9.86  ? 101 GLY A O   1 
ATOM   780  N  N   . VAL A 1 102 ? 2.490   11.597  -9.297  1.00 9.35  ? 102 VAL A N   1 
ATOM   781  C  CA  . VAL A 1 102 ? 3.207   10.459  -8.691  1.00 7.01  ? 102 VAL A CA  1 
ATOM   782  C  C   . VAL A 1 102 ? 4.255   9.966   -9.682  1.00 6.34  ? 102 VAL A C   1 
ATOM   783  O  O   . VAL A 1 102 ? 3.900   9.702   -10.851 1.00 8.29  ? 102 VAL A O   1 
ATOM   784  C  CB  . VAL A 1 102 ? 2.275   9.293   -8.295  1.00 7.74  ? 102 VAL A CB  1 
ATOM   785  C  CG1 . VAL A 1 102 ? 2.985   8.119   -7.650  1.00 6.60  ? 102 VAL A CG1 1 
ATOM   786  C  CG2 . VAL A 1 102 ? 1.128   9.830   -7.442  1.00 9.12  ? 102 VAL A CG2 1 
ATOM   787  N  N   . ALA A 1 103 ? 5.489   9.788   -9.261  1.00 6.12  ? 103 ALA A N   1 
ATOM   788  C  CA  . ALA A 1 103 ? 6.588   9.303   -10.056 1.00 6.59  ? 103 ALA A CA  1 
ATOM   789  C  C   . ALA A 1 103 ? 7.064   7.964   -9.521  1.00 10.19 ? 103 ALA A C   1 
ATOM   790  O  O   . ALA A 1 103 ? 6.796   7.540   -8.379  1.00 11.62 ? 103 ALA A O   1 
ATOM   791  C  CB  . ALA A 1 103 ? 7.747   10.324  -10.058 1.00 3.40  ? 103 ALA A CB  1 
ATOM   792  N  N   . ASP A 1 104 ? 7.907   7.290   -10.296 1.00 10.59 ? 104 ASP A N   1 
ATOM   793  C  CA  . ASP A 1 104 ? 8.455   5.977   -9.910  1.00 10.36 ? 104 ASP A CA  1 
ATOM   794  C  C   . ASP A 1 104 ? 9.201   6.061   -8.582  1.00 7.20  ? 104 ASP A C   1 
ATOM   795  O  O   . ASP A 1 104 ? 9.100   5.122   -7.807  1.00 9.40  ? 104 ASP A O   1 
ATOM   796  C  CB  . ASP A 1 104 ? 9.373   5.465   -10.990 1.00 8.60  ? 104 ASP A CB  1 
ATOM   797  C  CG  . ASP A 1 104 ? 8.752   4.945   -12.224 1.00 12.17 ? 104 ASP A CG  1 
ATOM   798  O  OD1 . ASP A 1 104 ? 7.523   4.833   -12.409 1.00 15.83 ? 104 ASP A OD1 1 
ATOM   799  O  OD2 . ASP A 1 104 ? 9.549   4.602   -13.133 1.00 19.36 ? 104 ASP A OD2 1 
ATOM   800  N  N   . ALA A 1 105 ? 9.991   7.093   -8.397  1.00 7.60  ? 105 ALA A N   1 
ATOM   801  C  CA  . ALA A 1 105 ? 10.810  7.257   -7.192  1.00 7.46  ? 105 ALA A CA  1 
ATOM   802  C  C   . ALA A 1 105 ? 10.009  7.451   -5.919  1.00 6.37  ? 105 ALA A C   1 
ATOM   803  O  O   . ALA A 1 105 ? 10.654  7.312   -4.852  1.00 4.80  ? 105 ALA A O   1 
ATOM   804  C  CB  . ALA A 1 105 ? 11.831  8.381   -7.426  1.00 10.07 ? 105 ALA A CB  1 
ATOM   805  N  N   . HIS A 1 106 ? 8.693   7.627   -5.967  1.00 5.38  ? 106 HIS A N   1 
ATOM   806  C  CA  . HIS A 1 106 ? 7.821   7.726   -4.828  1.00 6.70  ? 106 HIS A CA  1 
ATOM   807  C  C   . HIS A 1 106 ? 7.495   6.328   -4.281  1.00 4.50  ? 106 HIS A C   1 
ATOM   808  O  O   . HIS A 1 106 ? 7.025   6.230   -3.163  1.00 8.22  ? 106 HIS A O   1 
ATOM   809  C  CB  . HIS A 1 106 ? 6.448   8.337   -5.131  1.00 6.19  ? 106 HIS A CB  1 
ATOM   810  C  CG  . HIS A 1 106 ? 6.441   9.840   -5.279  1.00 3.97  ? 106 HIS A CG  1 
ATOM   811  N  ND1 . HIS A 1 106 ? 6.126   10.473  -6.486  1.00 4.74  ? 106 HIS A ND1 1 
ATOM   812  C  CD2 . HIS A 1 106 ? 6.732   10.807  -4.384  1.00 2.52  ? 106 HIS A CD2 1 
ATOM   813  C  CE1 . HIS A 1 106 ? 6.212   11.793  -6.302  1.00 7.34  ? 106 HIS A CE1 1 
ATOM   814  N  NE2 . HIS A 1 106 ? 6.628   11.972  -5.047  1.00 3.91  ? 106 HIS A NE2 1 
ATOM   815  N  N   . PHE A 1 107 ? 7.594   5.288   -5.074  1.00 5.49  ? 107 PHE A N   1 
ATOM   816  C  CA  . PHE A 1 107 ? 7.171   3.933   -4.622  1.00 5.58  ? 107 PHE A CA  1 
ATOM   817  C  C   . PHE A 1 107 ? 7.892   3.400   -3.412  1.00 2.49  ? 107 PHE A C   1 
ATOM   818  O  O   . PHE A 1 107 ? 7.102   2.792   -2.657  1.00 4.84  ? 107 PHE A O   1 
ATOM   819  C  CB  . PHE A 1 107 ? 7.104   2.906   -5.838  1.00 4.10  ? 107 PHE A CB  1 
ATOM   820  C  CG  . PHE A 1 107 ? 5.868   3.107   -6.654  1.00 7.39  ? 107 PHE A CG  1 
ATOM   821  C  CD1 . PHE A 1 107 ? 5.844   4.083   -7.662  1.00 6.93  ? 107 PHE A CD1 1 
ATOM   822  C  CD2 . PHE A 1 107 ? 4.752   2.274   -6.469  1.00 7.52  ? 107 PHE A CD2 1 
ATOM   823  C  CE1 . PHE A 1 107 ? 4.718   4.308   -8.427  1.00 6.61  ? 107 PHE A CE1 1 
ATOM   824  C  CE2 . PHE A 1 107 ? 3.603   2.472   -7.259  1.00 9.23  ? 107 PHE A CE2 1 
ATOM   825  C  CZ  . PHE A 1 107 ? 3.586   3.486   -8.261  1.00 7.53  ? 107 PHE A CZ  1 
ATOM   826  N  N   . PRO A 1 108 ? 9.176   3.527   -3.205  1.00 5.98  ? 108 PRO A N   1 
ATOM   827  C  CA  . PRO A 1 108 ? 9.920   3.106   -2.033  1.00 6.03  ? 108 PRO A CA  1 
ATOM   828  C  C   . PRO A 1 108 ? 9.375   3.789   -0.749  1.00 6.22  ? 108 PRO A C   1 
ATOM   829  O  O   . PRO A 1 108 ? 9.365   3.178   0.302   1.00 4.74  ? 108 PRO A O   1 
ATOM   830  C  CB  . PRO A 1 108 ? 11.325  3.517   -2.322  1.00 3.73  ? 108 PRO A CB  1 
ATOM   831  C  CG  . PRO A 1 108 ? 11.398  3.463   -3.868  1.00 3.59  ? 108 PRO A CG  1 
ATOM   832  C  CD  . PRO A 1 108 ? 10.099  4.190   -4.171  1.00 2.80  ? 108 PRO A CD  1 
ATOM   833  N  N   . VAL A 1 109 ? 8.858   5.035   -0.854  1.00 5.53  ? 109 VAL A N   1 
ATOM   834  C  CA  . VAL A 1 109 ? 8.243   5.777   0.259   1.00 4.11  ? 109 VAL A CA  1 
ATOM   835  C  C   . VAL A 1 109 ? 7.033   5.072   0.870   1.00 5.35  ? 109 VAL A C   1 
ATOM   836  O  O   . VAL A 1 109 ? 7.069   4.815   2.108   1.00 6.32  ? 109 VAL A O   1 
ATOM   837  C  CB  . VAL A 1 109 ? 7.848   7.225   -0.157  1.00 4.31  ? 109 VAL A CB  1 
ATOM   838  C  CG1 . VAL A 1 109 ? 7.081   7.915   1.003   1.00 6.48  ? 109 VAL A CG1 1 
ATOM   839  C  CG2 . VAL A 1 109 ? 8.992   8.092   -0.603  1.00 6.90  ? 109 VAL A CG2 1 
ATOM   840  N  N   . VAL A 1 110 ? 6.081   4.711   0.042   1.00 2.72  ? 110 VAL A N   1 
ATOM   841  C  CA  . VAL A 1 110 ? 4.857   4.021   0.431   1.00 7.60  ? 110 VAL A CA  1 
ATOM   842  C  C   . VAL A 1 110 ? 5.203   2.560   0.816   1.00 6.36  ? 110 VAL A C   1 
ATOM   843  O  O   . VAL A 1 110 ? 4.602   2.089   1.783   1.00 3.01  ? 110 VAL A O   1 
ATOM   844  C  CB  . VAL A 1 110 ? 3.746   4.203   -0.635  1.00 9.32  ? 110 VAL A CB  1 
ATOM   845  C  CG1 . VAL A 1 110 ? 2.579   3.200   -0.513  1.00 9.62  ? 110 VAL A CG1 1 
ATOM   846  C  CG2 . VAL A 1 110 ? 3.222   5.647   -0.688  1.00 10.02 ? 110 VAL A CG2 1 
ATOM   847  N  N   . LYS A 1 111 ? 6.202   1.941   0.180   1.00 4.16  ? 111 LYS A N   1 
ATOM   848  C  CA  . LYS A 1 111 ? 6.632   0.606   0.579   1.00 1.55  ? 111 LYS A CA  1 
ATOM   849  C  C   . LYS A 1 111 ? 7.109   0.641   2.003   1.00 2.85  ? 111 LYS A C   1 
ATOM   850  O  O   . LYS A 1 111 ? 6.585   -0.195  2.815   1.00 6.92  ? 111 LYS A O   1 
ATOM   851  C  CB  . LYS A 1 111 ? 7.707   0.109   -0.397  1.00 1.38  ? 111 LYS A CB  1 
ATOM   852  C  CG  . LYS A 1 111 ? 8.158   -1.376  -0.083  1.00 8.04  ? 111 LYS A CG  1 
ATOM   853  C  CD  . LYS A 1 111 ? 9.258   -1.626  -1.168  1.00 4.56  ? 111 LYS A CD  1 
ATOM   854  C  CE  . LYS A 1 111 ? 10.025  -2.859  -0.803  1.00 11.09 ? 111 LYS A CE  1 
ATOM   855  N  NZ  . LYS A 1 111 ? 10.880  -3.106  -2.042  1.00 9.44  ? 111 LYS A NZ  1 
ATOM   856  N  N   . GLU A 1 112 ? 8.048   1.527   2.399   1.00 4.89  ? 112 GLU A N   1 
ATOM   857  C  CA  . GLU A 1 112 ? 8.520   1.521   3.758   1.00 6.76  ? 112 GLU A CA  1 
ATOM   858  C  C   . GLU A 1 112 ? 7.419   1.887   4.737   1.00 3.54  ? 112 GLU A C   1 
ATOM   859  O  O   . GLU A 1 112 ? 7.361   1.137   5.817   1.00 4.23  ? 112 GLU A O   1 
ATOM   860  C  CB  . GLU A 1 112 ? 9.760   2.424   4.010   1.00 3.85  ? 112 GLU A CB  1 
ATOM   861  C  CG  . GLU A 1 112 ? 10.954  1.828   3.213   1.00 12.47 ? 112 GLU A CG  1 
ATOM   862  C  CD  . GLU A 1 112 ? 11.379  0.403   3.426   1.00 17.42 ? 112 GLU A CD  1 
ATOM   863  O  OE1 . GLU A 1 112 ? 11.675  0.082   4.561   1.00 16.09 ? 112 GLU A OE1 1 
ATOM   864  O  OE2 . GLU A 1 112 ? 11.453  -0.368  2.392   1.00 14.20 ? 112 GLU A OE2 1 
ATOM   865  N  N   . ALA A 1 113 ? 6.523   2.744   4.447   1.00 7.49  ? 113 ALA A N   1 
ATOM   866  C  CA  . ALA A 1 113 ? 5.405   3.110   5.322   1.00 5.19  ? 113 ALA A CA  1 
ATOM   867  C  C   . ALA A 1 113 ? 4.451   1.935   5.519   1.00 3.44  ? 113 ALA A C   1 
ATOM   868  O  O   . ALA A 1 113 ? 4.031   1.798   6.688   1.00 3.87  ? 113 ALA A O   1 
ATOM   869  C  CB  . ALA A 1 113 ? 4.685   4.349   4.774   1.00 5.51  ? 113 ALA A CB  1 
ATOM   870  N  N   . ILE A 1 114 ? 4.210   1.145   4.543   1.00 5.06  ? 114 ILE A N   1 
ATOM   871  C  CA  . ILE A 1 114 ? 3.345   -0.054  4.638   1.00 2.59  ? 114 ILE A CA  1 
ATOM   872  C  C   . ILE A 1 114 ? 3.995   -1.105  5.549   1.00 2.73  ? 114 ILE A C   1 
ATOM   873  O  O   . ILE A 1 114 ? 3.311   -1.668  6.394   1.00 5.78  ? 114 ILE A O   1 
ATOM   874  C  CB  . ILE A 1 114 ? 2.996   -0.620  3.214   1.00 6.27  ? 114 ILE A CB  1 
ATOM   875  C  CG1 . ILE A 1 114 ? 2.036   0.355   2.511   1.00 2.17  ? 114 ILE A CG1 1 
ATOM   876  C  CG2 . ILE A 1 114 ? 2.467   -2.119  3.282   1.00 8.76  ? 114 ILE A CG2 1 
ATOM   877  C  CD1 . ILE A 1 114 ? 1.419   -0.199  1.130   1.00 2.33  ? 114 ILE A CD1 1 
ATOM   878  N  N   . LEU A 1 115 ? 5.294   -1.400  5.386   1.00 3.13  ? 115 LEU A N   1 
ATOM   879  C  CA  . LEU A 1 115 ? 5.987   -2.427  6.162   1.00 3.83  ? 115 LEU A CA  1 
ATOM   880  C  C   . LEU A 1 115 ? 6.009   -2.037  7.596   1.00 5.70  ? 115 LEU A C   1 
ATOM   881  O  O   . LEU A 1 115 ? 5.873   -2.923  8.464   1.00 7.53  ? 115 LEU A O   1 
ATOM   882  C  CB  . LEU A 1 115 ? 7.380   -2.665  5.517   1.00 6.39  ? 115 LEU A CB  1 
ATOM   883  C  CG  . LEU A 1 115 ? 7.353   -3.285  4.085   1.00 4.92  ? 115 LEU A CG  1 
ATOM   884  C  CD1 . LEU A 1 115 ? 8.801   -3.434  3.622   1.00 8.37  ? 115 LEU A CD1 1 
ATOM   885  C  CD2 . LEU A 1 115 ? 6.625   -4.581  4.099   1.00 5.45  ? 115 LEU A CD2 1 
ATOM   886  N  N   . LYS A 1 116 ? 6.241   -0.775  7.849   1.00 9.49  ? 116 LYS A N   1 
ATOM   887  C  CA  . LYS A 1 116 ? 6.247   -0.215  9.211   1.00 6.96  ? 116 LYS A CA  1 
ATOM   888  C  C   . LYS A 1 116 ? 4.833   -0.225  9.801   1.00 6.17  ? 116 LYS A C   1 
ATOM   889  O  O   . LYS A 1 116 ? 4.759   -0.540  11.014  1.00 8.21  ? 116 LYS A O   1 
ATOM   890  C  CB  . LYS A 1 116 ? 6.852   1.160   9.313   1.00 7.67  ? 116 LYS A CB  1 
ATOM   891  C  CG  . LYS A 1 116 ? 8.354   1.079   9.013   1.00 16.51 ? 116 LYS A CG  1 
ATOM   892  C  CD  . LYS A 1 116 ? 9.054   2.433   9.198   1.00 19.92 ? 116 LYS A CD  1 
ATOM   893  C  CE  . LYS A 1 116 ? 10.458  2.245   8.620   1.00 25.12 ? 116 LYS A CE  1 
ATOM   894  N  NZ  . LYS A 1 116 ? 10.300  1.314   7.425   1.00 32.62 ? 116 LYS A NZ  1 
ATOM   895  N  N   . THR A 1 117 ? 3.784   -0.053  9.068   1.00 3.84  ? 117 THR A N   1 
ATOM   896  C  CA  . THR A 1 117 ? 2.396   -0.091  9.495   1.00 5.87  ? 117 THR A CA  1 
ATOM   897  C  C   . THR A 1 117 ? 1.990   -1.490  9.927   1.00 5.83  ? 117 THR A C   1 
ATOM   898  O  O   . THR A 1 117 ? 1.429   -1.731  10.983  1.00 8.88  ? 117 THR A O   1 
ATOM   899  C  CB  . THR A 1 117 ? 1.361   0.423   8.430   1.00 4.10  ? 117 THR A CB  1 
ATOM   900  O  OG1 . THR A 1 117 ? 1.586   1.793   8.156   1.00 6.94  ? 117 THR A OG1 1 
ATOM   901  C  CG2 . THR A 1 117 ? -0.103  0.234   8.969   1.00 8.67  ? 117 THR A CG2 1 
ATOM   902  N  N   . ILE A 1 118 ? 2.293   -2.399  8.996   1.00 4.67  ? 118 ILE A N   1 
ATOM   903  C  CA  . ILE A 1 118 ? 2.036   -3.801  9.263   1.00 8.16  ? 118 ILE A CA  1 
ATOM   904  C  C   . ILE A 1 118 ? 2.837   -4.270  10.487  1.00 4.05  ? 118 ILE A C   1 
ATOM   905  O  O   . ILE A 1 118 ? 2.269   -4.929  11.413  1.00 4.81  ? 118 ILE A O   1 
ATOM   906  C  CB  . ILE A 1 118 ? 2.324   -4.616  7.943   1.00 9.20  ? 118 ILE A CB  1 
ATOM   907  C  CG1 . ILE A 1 118 ? 1.244   -4.389  6.891   1.00 9.02  ? 118 ILE A CG1 1 
ATOM   908  C  CG2 . ILE A 1 118 ? 2.524   -6.155  8.319   1.00 14.47 ? 118 ILE A CG2 1 
ATOM   909  C  CD1 . ILE A 1 118 ? -0.227  -4.632  7.308   1.00 8.08  ? 118 ILE A CD1 1 
ATOM   910  N  N   . LYS A 1 119 ? 4.075   -3.879  10.689  1.00 7.58  ? 119 LYS A N   1 
ATOM   911  C  CA  . LYS A 1 119 ? 4.815   -4.289  11.903  1.00 9.21  ? 119 LYS A CA  1 
ATOM   912  C  C   . LYS A 1 119 ? 4.080   -3.847  13.163  1.00 12.69 ? 119 LYS A C   1 
ATOM   913  O  O   . LYS A 1 119 ? 3.901   -4.604  14.120  1.00 11.19 ? 119 LYS A O   1 
ATOM   914  C  CB  . LYS A 1 119 ? 6.251   -3.760  11.829  1.00 8.48  ? 119 LYS A CB  1 
ATOM   915  C  CG  . LYS A 1 119 ? 7.171   -4.461  12.837  1.00 16.35 ? 119 LYS A CG  1 
ATOM   916  C  CD  . LYS A 1 119 ? 8.429   -3.632  12.981  1.00 22.55 ? 119 LYS A CD  1 
ATOM   917  C  CE  . LYS A 1 119 ? 9.630   -4.531  13.209  1.00 22.36 ? 119 LYS A CE  1 
ATOM   918  N  NZ  . LYS A 1 119 ? 10.498  -4.376  11.962  1.00 33.43 ? 119 LYS A NZ  1 
ATOM   919  N  N   . GLU A 1 120 ? 3.591   -2.605  13.239  1.00 13.44 ? 120 GLU A N   1 
ATOM   920  C  CA  . GLU A 1 120 ? 2.842   -2.045  14.374  1.00 12.02 ? 120 GLU A CA  1 
ATOM   921  C  C   . GLU A 1 120 ? 1.497   -2.744  14.526  1.00 9.52  ? 120 GLU A C   1 
ATOM   922  O  O   . GLU A 1 120 ? 1.166   -3.096  15.701  1.00 12.01 ? 120 GLU A O   1 
ATOM   923  C  CB  . GLU A 1 120 ? 2.707   -0.530  14.237  1.00 12.38 ? 120 GLU A CB  1 
ATOM   924  C  CG  . GLU A 1 120 ? 4.042   0.228   14.219  1.00 19.33 ? 120 GLU A CG  1 
ATOM   925  C  CD  . GLU A 1 120 ? 4.077   1.728   14.173  1.00 21.73 ? 120 GLU A CD  1 
ATOM   926  O  OE1 . GLU A 1 120 ? 2.962   2.246   14.368  1.00 23.48 ? 120 GLU A OE1 1 
ATOM   927  O  OE2 . GLU A 1 120 ? 5.054   2.433   13.908  1.00 24.43 ? 120 GLU A OE2 1 
ATOM   928  N  N   . VAL A 1 121 ? 0.800   -3.064  13.472  1.00 10.67 ? 121 VAL A N   1 
ATOM   929  C  CA  . VAL A 1 121 ? -0.531  -3.738  13.500  1.00 8.26  ? 121 VAL A CA  1 
ATOM   930  C  C   . VAL A 1 121 ? -0.457  -5.124  14.150  1.00 11.22 ? 121 VAL A C   1 
ATOM   931  O  O   . VAL A 1 121 ? -1.234  -5.426  15.106  1.00 8.34  ? 121 VAL A O   1 
ATOM   932  C  CB  . VAL A 1 121 ? -1.132  -3.827  12.093  1.00 7.96  ? 121 VAL A CB  1 
ATOM   933  C  CG1 . VAL A 1 121 ? -2.270  -4.841  11.944  1.00 6.58  ? 121 VAL A CG1 1 
ATOM   934  C  CG2 . VAL A 1 121 ? -1.651  -2.473  11.578  1.00 8.12  ? 121 VAL A CG2 1 
ATOM   935  N  N   . VAL A 1 122 ? 0.473   -5.947  13.677  1.00 9.11  ? 122 VAL A N   1 
ATOM   936  C  CA  . VAL A 1 122 ? 0.668   -7.342  14.165  1.00 8.02  ? 122 VAL A CA  1 
ATOM   937  C  C   . VAL A 1 122 ? 1.451   -7.382  15.471  1.00 10.50 ? 122 VAL A C   1 
ATOM   938  O  O   . VAL A 1 122 ? 1.304   -8.390  16.204  1.00 12.28 ? 122 VAL A O   1 
ATOM   939  C  CB  . VAL A 1 122 ? 1.265   -8.217  13.092  1.00 1.38  ? 122 VAL A CB  1 
ATOM   940  C  CG1 . VAL A 1 122 ? 0.489   -8.111  11.783  1.00 6.71  ? 122 VAL A CG1 1 
ATOM   941  C  CG2 . VAL A 1 122 ? 2.714   -7.873  12.861  1.00 5.04  ? 122 VAL A CG2 1 
ATOM   942  N  N   . GLY A 1 123 ? 2.230   -6.415  15.865  1.00 11.20 ? 123 GLY A N   1 
ATOM   943  C  CA  . GLY A 1 123 ? 2.885   -6.523  17.189  1.00 11.07 ? 123 GLY A CA  1 
ATOM   944  C  C   . GLY A 1 123 ? 3.763   -7.765  17.236  1.00 13.86 ? 123 GLY A C   1 
ATOM   945  O  O   . GLY A 1 123 ? 4.559   -7.993  16.301  1.00 9.29  ? 123 GLY A O   1 
ATOM   946  N  N   . ALA A 1 124 ? 3.616   -8.477  18.328  1.00 10.91 ? 124 ALA A N   1 
ATOM   947  C  CA  . ALA A 1 124 ? 4.465   -9.667  18.582  1.00 9.62  ? 124 ALA A CA  1 
ATOM   948  C  C   . ALA A 1 124 ? 4.364   -10.762 17.547  1.00 5.64  ? 124 ALA A C   1 
ATOM   949  O  O   . ALA A 1 124 ? 5.316   -11.591 17.636  1.00 10.73 ? 124 ALA A O   1 
ATOM   950  C  CB  . ALA A 1 124 ? 4.145   -10.267 19.965  1.00 7.29  ? 124 ALA A CB  1 
ATOM   951  N  N   . LYS A 1 125 ? 3.316   -10.789 16.740  1.00 8.79  ? 125 LYS A N   1 
ATOM   952  C  CA  . LYS A 1 125 ? 3.223   -11.813 15.682  1.00 7.92  ? 125 LYS A CA  1 
ATOM   953  C  C   . LYS A 1 125 ? 4.161   -11.563 14.514  1.00 2.30  ? 125 LYS A C   1 
ATOM   954  O  O   . LYS A 1 125 ? 4.178   -12.301 13.521  1.00 8.17  ? 125 LYS A O   1 
ATOM   955  C  CB  . LYS A 1 125 ? 1.763   -11.904 15.219  1.00 12.33 ? 125 LYS A CB  1 
ATOM   956  C  CG  . LYS A 1 125 ? 0.864   -12.165 16.477  1.00 13.63 ? 125 LYS A CG  1 
ATOM   957  C  CD  . LYS A 1 125 ? -0.577  -12.376 16.072  1.00 18.04 ? 125 LYS A CD  1 
ATOM   958  C  CE  . LYS A 1 125 ? -1.101  -11.387 15.049  1.00 19.10 ? 125 LYS A CE  1 
ATOM   959  N  NZ  . LYS A 1 125 ? -1.875  -10.332 15.838  1.00 21.26 ? 125 LYS A NZ  1 
ATOM   960  N  N   . TRP A 1 126 ? 4.902   -10.434 14.488  1.00 4.58  ? 126 TRP A N   1 
ATOM   961  C  CA  . TRP A 1 126 ? 5.714   -10.154 13.347  1.00 7.01  ? 126 TRP A CA  1 
ATOM   962  C  C   . TRP A 1 126 ? 6.820   -11.229 13.182  1.00 13.86 ? 126 TRP A C   1 
ATOM   963  O  O   . TRP A 1 126 ? 7.400   -11.709 14.152  1.00 13.54 ? 126 TRP A O   1 
ATOM   964  C  CB  . TRP A 1 126 ? 6.233   -8.723  13.473  1.00 9.60  ? 126 TRP A CB  1 
ATOM   965  C  CG  . TRP A 1 126 ? 6.933   -8.237  12.245  1.00 12.89 ? 126 TRP A CG  1 
ATOM   966  C  CD1 . TRP A 1 126 ? 6.363   -7.595  11.145  1.00 10.18 ? 126 TRP A CD1 1 
ATOM   967  C  CD2 . TRP A 1 126 ? 8.338   -8.294  12.019  1.00 15.11 ? 126 TRP A CD2 1 
ATOM   968  N  NE1 . TRP A 1 126 ? 7.342   -7.301  10.232  1.00 17.01 ? 126 TRP A NE1 1 
ATOM   969  C  CE2 . TRP A 1 126 ? 8.554   -7.737  10.721  1.00 18.63 ? 126 TRP A CE2 1 
ATOM   970  C  CE3 . TRP A 1 126 ? 9.404   -8.871  12.710  1.00 18.18 ? 126 TRP A CE3 1 
ATOM   971  C  CZ2 . TRP A 1 126 ? 9.824   -7.701  10.151  1.00 19.71 ? 126 TRP A CZ2 1 
ATOM   972  C  CZ3 . TRP A 1 126 ? 10.662  -8.874  12.123  1.00 21.16 ? 126 TRP A CZ3 1 
ATOM   973  C  CH2 . TRP A 1 126 ? 10.876  -8.269  10.866  1.00 19.86 ? 126 TRP A CH2 1 
ATOM   974  N  N   . SER A 1 127 ? 7.115   -11.518 11.913  1.00 11.49 ? 127 SER A N   1 
ATOM   975  C  CA  . SER A 1 127 ? 8.141   -12.448 11.430  1.00 8.20  ? 127 SER A CA  1 
ATOM   976  C  C   . SER A 1 127 ? 8.786   -11.886 10.152  1.00 11.50 ? 127 SER A C   1 
ATOM   977  O  O   . SER A 1 127 ? 8.335   -10.987 9.400   1.00 10.01 ? 127 SER A O   1 
ATOM   978  C  CB  . SER A 1 127 ? 7.595   -13.814 11.137  1.00 7.21  ? 127 SER A CB  1 
ATOM   979  O  OG  . SER A 1 127 ? 6.587   -13.829 10.110  1.00 8.28  ? 127 SER A OG  1 
ATOM   980  N  N   . GLU A 1 128 ? 9.938   -12.478 9.905   1.00 7.90  ? 128 GLU A N   1 
ATOM   981  C  CA  . GLU A 1 128 ? 10.701  -12.174 8.681   1.00 12.93 ? 128 GLU A CA  1 
ATOM   982  C  C   . GLU A 1 128 ? 9.861   -12.701 7.567   1.00 10.50 ? 128 GLU A C   1 
ATOM   983  O  O   . GLU A 1 128 ? 9.741   -12.028 6.515   1.00 14.38 ? 128 GLU A O   1 
ATOM   984  C  CB  . GLU A 1 128 ? 12.084  -12.767 8.676   1.00 12.77 ? 128 GLU A CB  1 
ATOM   985  C  CG  . GLU A 1 128 ? 13.100  -11.990 9.580   1.00 26.86 ? 128 GLU A CG  1 
ATOM   986  C  CD  . GLU A 1 128 ? 14.482  -12.273 8.980   1.00 39.60 ? 128 GLU A CD  1 
ATOM   987  O  OE1 . GLU A 1 128 ? 14.658  -11.519 7.973   1.00 44.10 ? 128 GLU A OE1 1 
ATOM   988  O  OE2 . GLU A 1 128 ? 15.247  -13.176 9.373   1.00 41.08 ? 128 GLU A OE2 1 
ATOM   989  N  N   . GLU A 1 129 ? 9.194   -13.813 7.629   1.00 9.09  ? 129 GLU A N   1 
ATOM   990  C  CA  . GLU A 1 129 ? 8.382   -14.313 6.532   1.00 9.59  ? 129 GLU A CA  1 
ATOM   991  C  C   . GLU A 1 129 ? 7.233   -13.388 6.175   1.00 8.38  ? 129 GLU A C   1 
ATOM   992  O  O   . GLU A 1 129 ? 6.900   -13.233 4.970   1.00 7.52  ? 129 GLU A O   1 
ATOM   993  C  CB  . GLU A 1 129 ? 7.865   -15.736 6.868   1.00 11.86 ? 129 GLU A CB  1 
ATOM   994  C  CG  . GLU A 1 129 ? 7.032   -16.333 5.749   1.00 19.50 ? 129 GLU A CG  1 
ATOM   995  C  CD  . GLU A 1 129 ? 7.630   -17.506 5.017   1.00 22.77 ? 129 GLU A CD  1 
ATOM   996  O  OE1 . GLU A 1 129 ? 8.657   -17.230 4.384   1.00 22.90 ? 129 GLU A OE1 1 
ATOM   997  O  OE2 . GLU A 1 129 ? 7.034   -18.548 5.056   1.00 24.11 ? 129 GLU A OE2 1 
ATOM   998  N  N   . LEU A 1 130 ? 6.610   -12.759 7.131   1.00 7.30  ? 130 LEU A N   1 
ATOM   999  C  CA  . LEU A 1 130 ? 5.535   -11.783 6.900   1.00 5.73  ? 130 LEU A CA  1 
ATOM   1000 C  C   . LEU A 1 130 ? 6.094   -10.585 6.116   1.00 2.30  ? 130 LEU A C   1 
ATOM   1001 O  O   . LEU A 1 130 ? 5.378   -10.120 5.197   1.00 6.82  ? 130 LEU A O   1 
ATOM   1002 C  CB  . LEU A 1 130 ? 4.885   -11.408 8.234   1.00 5.84  ? 130 LEU A CB  1 
ATOM   1003 C  CG  . LEU A 1 130 ? 3.866   -10.249 8.172   1.00 5.60  ? 130 LEU A CG  1 
ATOM   1004 C  CD1 . LEU A 1 130 ? 2.543   -10.784 7.656   1.00 4.89  ? 130 LEU A CD1 1 
ATOM   1005 C  CD2 . LEU A 1 130 ? 3.653   -9.668  9.550   1.00 11.10 ? 130 LEU A CD2 1 
ATOM   1006 N  N   . ASN A 1 131 ? 7.174   -9.980  6.556   1.00 3.68  ? 131 ASN A N   1 
ATOM   1007 C  CA  . ASN A 1 131 ? 7.859   -8.869  5.944   1.00 8.08  ? 131 ASN A CA  1 
ATOM   1008 C  C   . ASN A 1 131 ? 8.249   -9.201  4.521   1.00 5.81  ? 131 ASN A C   1 
ATOM   1009 O  O   . ASN A 1 131 ? 7.868   -8.404  3.642   1.00 4.10  ? 131 ASN A O   1 
ATOM   1010 C  CB  . ASN A 1 131 ? 9.101   -8.457  6.738   1.00 11.41 ? 131 ASN A CB  1 
ATOM   1011 C  CG  . ASN A 1 131 ? 9.677   -7.145  6.243   1.00 11.51 ? 131 ASN A CG  1 
ATOM   1012 O  OD1 . ASN A 1 131 ? 10.763  -7.116  5.612   1.00 15.88 ? 131 ASN A OD1 1 
ATOM   1013 N  ND2 . ASN A 1 131 ? 9.007   -6.085  6.599   1.00 7.32  ? 131 ASN A ND2 1 
ATOM   1014 N  N   . SER A 1 132 ? 8.903   -10.300 4.230   1.00 8.91  ? 132 SER A N   1 
ATOM   1015 C  CA  . SER A 1 132 ? 9.233   -10.722 2.874   1.00 7.63  ? 132 SER A CA  1 
ATOM   1016 C  C   . SER A 1 132 ? 7.976   -10.977 2.080   1.00 3.55  ? 132 SER A C   1 
ATOM   1017 O  O   . SER A 1 132 ? 7.826   -10.579 0.880   1.00 5.33  ? 132 SER A O   1 
ATOM   1018 C  CB  . SER A 1 132 ? 10.262  -11.945 3.028   1.00 5.85  ? 132 SER A CB  1 
ATOM   1019 O  OG  . SER A 1 132 ? 9.317   -12.991 2.803   1.00 23.14 ? 132 SER A OG  1 
ATOM   1020 N  N   . ALA A 1 133 ? 6.859   -11.420 2.566   1.00 4.72  ? 133 ALA A N   1 
ATOM   1021 C  CA  . ALA A 1 133 ? 5.592   -11.615 1.853   1.00 6.41  ? 133 ALA A CA  1 
ATOM   1022 C  C   . ALA A 1 133 ? 4.979   -10.296 1.388   1.00 8.07  ? 133 ALA A C   1 
ATOM   1023 O  O   . ALA A 1 133 ? 4.624   -10.151 0.195   1.00 6.32  ? 133 ALA A O   1 
ATOM   1024 C  CB  . ALA A 1 133 ? 4.655   -12.403 2.759   1.00 9.27  ? 133 ALA A CB  1 
ATOM   1025 N  N   . TRP A 1 134 ? 4.795   -9.275  2.245   1.00 10.43 ? 134 TRP A N   1 
ATOM   1026 C  CA  . TRP A 1 134 ? 4.260   -7.941  1.909   1.00 6.99  ? 134 TRP A CA  1 
ATOM   1027 C  C   . TRP A 1 134 ? 5.198   -7.303  0.891   1.00 8.24  ? 134 TRP A C   1 
ATOM   1028 O  O   . TRP A 1 134 ? 4.743   -6.628  -0.063  1.00 7.53  ? 134 TRP A O   1 
ATOM   1029 C  CB  . TRP A 1 134 ? 4.138   -7.044  3.178   1.00 8.48  ? 134 TRP A CB  1 
ATOM   1030 C  CG  . TRP A 1 134 ? 2.861   -7.302  3.932   1.00 3.12  ? 134 TRP A CG  1 
ATOM   1031 C  CD1 . TRP A 1 134 ? 2.692   -8.173  4.965   1.00 3.81  ? 134 TRP A CD1 1 
ATOM   1032 C  CD2 . TRP A 1 134 ? 1.565   -6.739  3.639   1.00 7.67  ? 134 TRP A CD2 1 
ATOM   1033 N  NE1 . TRP A 1 134 ? 1.338   -8.242  5.261   1.00 6.48  ? 134 TRP A NE1 1 
ATOM   1034 C  CE2 . TRP A 1 134 ? 0.645   -7.300  4.511   1.00 3.25  ? 134 TRP A CE2 1 
ATOM   1035 C  CE3 . TRP A 1 134 ? 1.098   -5.793  2.698   1.00 11.22 ? 134 TRP A CE3 1 
ATOM   1036 C  CZ2 . TRP A 1 134 ? -0.694  -6.996  4.497   1.00 5.93  ? 134 TRP A CZ2 1 
ATOM   1037 C  CZ3 . TRP A 1 134 ? -0.259  -5.445  2.691   1.00 8.20  ? 134 TRP A CZ3 1 
ATOM   1038 C  CH2 . TRP A 1 134 ? -1.160  -6.034  3.597   1.00 5.69  ? 134 TRP A CH2 1 
ATOM   1039 N  N   . THR A 1 135 ? 6.518   -7.518  1.086   1.00 2.28  ? 135 THR A N   1 
ATOM   1040 C  CA  . THR A 1 135 ? 7.569   -6.949  0.209   1.00 4.75  ? 135 THR A CA  1 
ATOM   1041 C  C   . THR A 1 135 ? 7.372   -7.420  -1.238  1.00 3.89  ? 135 THR A C   1 
ATOM   1042 O  O   . THR A 1 135 ? 7.275   -6.594  -2.175  1.00 6.14  ? 135 THR A O   1 
ATOM   1043 C  CB  . THR A 1 135 ? 9.028   -7.237  0.680   1.00 2.84  ? 135 THR A CB  1 
ATOM   1044 O  OG1 . THR A 1 135 ? 9.213   -6.484  1.937   1.00 8.82  ? 135 THR A OG1 1 
ATOM   1045 C  CG2 . THR A 1 135 ? 10.186  -6.858  -0.258  1.00 5.76  ? 135 THR A CG2 1 
ATOM   1046 N  N   . ILE A 1 136 ? 7.284   -8.720  -1.407  1.00 7.12  ? 136 ILE A N   1 
ATOM   1047 C  CA  . ILE A 1 136 ? 7.111   -9.308  -2.719  1.00 7.73  ? 136 ILE A CA  1 
ATOM   1048 C  C   . ILE A 1 136 ? 5.806   -8.819  -3.330  1.00 4.82  ? 136 ILE A C   1 
ATOM   1049 O  O   . ILE A 1 136 ? 5.813   -8.447  -4.542  1.00 4.74  ? 136 ILE A O   1 
ATOM   1050 C  CB  . ILE A 1 136 ? 7.233   -10.858 -2.648  1.00 8.89  ? 136 ILE A CB  1 
ATOM   1051 C  CG1 . ILE A 1 136 ? 8.754   -11.191 -2.374  1.00 1.85  ? 136 ILE A CG1 1 
ATOM   1052 C  CG2 . ILE A 1 136 ? 6.752   -11.606 -3.909  1.00 10.63 ? 136 ILE A CG2 1 
ATOM   1053 C  CD1 . ILE A 1 136 ? 8.822   -12.670 -1.863  1.00 6.41  ? 136 ILE A CD1 1 
ATOM   1054 N  N   . ALA A 1 137 ? 4.691   -8.820  -2.625  1.00 8.31  ? 137 ALA A N   1 
ATOM   1055 C  CA  . ALA A 1 137 ? 3.397   -8.422  -3.232  1.00 4.00  ? 137 ALA A CA  1 
ATOM   1056 C  C   . ALA A 1 137 ? 3.458   -6.965  -3.633  1.00 7.02  ? 137 ALA A C   1 
ATOM   1057 O  O   . ALA A 1 137 ? 2.900   -6.670  -4.719  1.00 5.24  ? 137 ALA A O   1 
ATOM   1058 C  CB  . ALA A 1 137 ? 2.295   -8.707  -2.260  1.00 1.38  ? 137 ALA A CB  1 
ATOM   1059 N  N   . TYR A 1 138 ? 4.103   -6.138  -2.776  1.00 3.77  ? 138 TYR A N   1 
ATOM   1060 C  CA  . TYR A 1 138 ? 4.207   -4.728  -3.074  1.00 4.03  ? 138 TYR A CA  1 
ATOM   1061 C  C   . TYR A 1 138 ? 5.063   -4.492  -4.323  1.00 7.49  ? 138 TYR A C   1 
ATOM   1062 O  O   . TYR A 1 138 ? 4.674   -3.727  -5.208  1.00 6.11  ? 138 TYR A O   1 
ATOM   1063 C  CB  . TYR A 1 138 ? 4.813   -3.904  -1.883  1.00 4.36  ? 138 TYR A CB  1 
ATOM   1064 C  CG  . TYR A 1 138 ? 4.831   -2.426  -2.223  1.00 2.28  ? 138 TYR A CG  1 
ATOM   1065 C  CD1 . TYR A 1 138 ? 5.884   -1.814  -2.930  1.00 5.48  ? 138 TYR A CD1 1 
ATOM   1066 C  CD2 . TYR A 1 138 ? 3.764   -1.630  -1.768  1.00 5.37  ? 138 TYR A CD2 1 
ATOM   1067 C  CE1 . TYR A 1 138 ? 5.838   -0.457  -3.174  1.00 4.56  ? 138 TYR A CE1 1 
ATOM   1068 C  CE2 . TYR A 1 138 ? 3.727   -0.236  -2.016  1.00 6.98  ? 138 TYR A CE2 1 
ATOM   1069 C  CZ  . TYR A 1 138 ? 4.777   0.311   -2.707  1.00 2.53  ? 138 TYR A CZ  1 
ATOM   1070 O  OH  . TYR A 1 138 ? 4.790   1.676   -2.913  1.00 5.92  ? 138 TYR A OH  1 
ATOM   1071 N  N   . ASP A 1 139 ? 6.227   -5.086  -4.343  1.00 6.35  ? 139 ASP A N   1 
ATOM   1072 C  CA  . ASP A 1 139 ? 7.148   -4.970  -5.509  1.00 8.19  ? 139 ASP A CA  1 
ATOM   1073 C  C   . ASP A 1 139 ? 6.535   -5.448  -6.820  1.00 7.36  ? 139 ASP A C   1 
ATOM   1074 O  O   . ASP A 1 139 ? 6.704   -4.790  -7.870  1.00 8.47  ? 139 ASP A O   1 
ATOM   1075 C  CB  . ASP A 1 139 ? 8.428   -5.740  -5.184  1.00 6.48  ? 139 ASP A CB  1 
ATOM   1076 C  CG  . ASP A 1 139 ? 9.377   -5.037  -4.287  1.00 4.58  ? 139 ASP A CG  1 
ATOM   1077 O  OD1 . ASP A 1 139 ? 9.286   -3.888  -3.887  1.00 8.44  ? 139 ASP A OD1 1 
ATOM   1078 O  OD2 . ASP A 1 139 ? 10.352  -5.722  -3.949  1.00 10.00 ? 139 ASP A OD2 1 
ATOM   1079 N  N   . GLU A 1 140 ? 5.842   -6.532  -6.903  1.00 6.41  ? 140 GLU A N   1 
ATOM   1080 C  CA  . GLU A 1 140 ? 5.232   -7.098  -8.088  1.00 7.38  ? 140 GLU A CA  1 
ATOM   1081 C  C   . GLU A 1 140 ? 4.047   -6.244  -8.544  1.00 9.28  ? 140 GLU A C   1 
ATOM   1082 O  O   . GLU A 1 140 ? 3.870   -5.997  -9.749  1.00 4.40  ? 140 GLU A O   1 
ATOM   1083 C  CB  . GLU A 1 140 ? 4.813   -8.562  -7.854  1.00 4.37  ? 140 GLU A CB  1 
ATOM   1084 C  CG  . GLU A 1 140 ? 6.137   -9.409  -7.622  1.00 5.83  ? 140 GLU A CG  1 
ATOM   1085 C  CD  . GLU A 1 140 ? 7.029   -9.572  -8.788  1.00 5.79  ? 140 GLU A CD  1 
ATOM   1086 O  OE1 . GLU A 1 140 ? 6.729   -9.303  -9.923  1.00 8.10  ? 140 GLU A OE1 1 
ATOM   1087 O  OE2 . GLU A 1 140 ? 8.176   -9.959  -8.450  1.00 9.92  ? 140 GLU A OE2 1 
ATOM   1088 N  N   . LEU A 1 141 ? 3.270   -5.768  -7.611  1.00 8.28  ? 141 LEU A N   1 
ATOM   1089 C  CA  . LEU A 1 141 ? 2.166   -4.842  -7.909  1.00 9.01  ? 141 LEU A CA  1 
ATOM   1090 C  C   . LEU A 1 141 ? 2.782   -3.562  -8.444  1.00 3.34  ? 141 LEU A C   1 
ATOM   1091 O  O   . LEU A 1 141 ? 2.228   -3.012  -9.437  1.00 5.82  ? 141 LEU A O   1 
ATOM   1092 C  CB  . LEU A 1 141 ? 1.257   -4.601  -6.687  1.00 8.48  ? 141 LEU A CB  1 
ATOM   1093 C  CG  . LEU A 1 141 ? 0.056   -3.673  -6.906  1.00 6.26  ? 141 LEU A CG  1 
ATOM   1094 C  CD1 . LEU A 1 141 ? -0.789  -4.185  -8.095  1.00 7.03  ? 141 LEU A CD1 1 
ATOM   1095 C  CD2 . LEU A 1 141 ? -0.766  -3.653  -5.656  1.00 3.31  ? 141 LEU A CD2 1 
ATOM   1096 N  N   . ALA A 1 142 ? 3.772   -2.974  -7.779  1.00 6.52  ? 142 ALA A N   1 
ATOM   1097 C  CA  . ALA A 1 142 ? 4.422   -1.738  -8.133  1.00 5.99  ? 142 ALA A CA  1 
ATOM   1098 C  C   . ALA A 1 142 ? 4.946   -1.838  -9.573  1.00 8.20  ? 142 ALA A C   1 
ATOM   1099 O  O   . ALA A 1 142 ? 4.786   -0.863  -10.363 1.00 7.17  ? 142 ALA A O   1 
ATOM   1100 C  CB  . ALA A 1 142 ? 5.597   -1.314  -7.213  1.00 5.94  ? 142 ALA A CB  1 
ATOM   1101 N  N   . ILE A 1 143 ? 5.523   -2.952  -9.991  1.00 6.37  ? 143 ILE A N   1 
ATOM   1102 C  CA  . ILE A 1 143 ? 5.996   -3.138  -11.373 1.00 6.44  ? 143 ILE A CA  1 
ATOM   1103 C  C   . ILE A 1 143 ? 4.918   -2.899  -12.423 1.00 10.79 ? 143 ILE A C   1 
ATOM   1104 O  O   . ILE A 1 143 ? 5.105   -2.197  -13.464 1.00 6.81  ? 143 ILE A O   1 
ATOM   1105 C  CB  . ILE A 1 143 ? 6.642   -4.555  -11.567 1.00 6.04  ? 143 ILE A CB  1 
ATOM   1106 C  CG1 . ILE A 1 143 ? 8.041   -4.593  -10.937 1.00 4.67  ? 143 ILE A CG1 1 
ATOM   1107 C  CG2 . ILE A 1 143 ? 6.756   -4.944  -13.078 1.00 8.78  ? 143 ILE A CG2 1 
ATOM   1108 C  CD1 . ILE A 1 143 ? 8.601   -6.101  -10.894 1.00 6.68  ? 143 ILE A CD1 1 
ATOM   1109 N  N   . VAL A 1 144 ? 3.775   -3.505  -12.149 1.00 9.08  ? 144 VAL A N   1 
ATOM   1110 C  CA  . VAL A 1 144 ? 2.608   -3.448  -12.990 1.00 10.18 ? 144 VAL A CA  1 
ATOM   1111 C  C   . VAL A 1 144 ? 1.996   -2.039  -12.961 1.00 12.36 ? 144 VAL A C   1 
ATOM   1112 O  O   . VAL A 1 144 ? 1.522   -1.665  -14.078 1.00 12.22 ? 144 VAL A O   1 
ATOM   1113 C  CB  . VAL A 1 144 ? 1.594   -4.518  -12.561 1.00 9.74  ? 144 VAL A CB  1 
ATOM   1114 C  CG1 . VAL A 1 144 ? 0.251   -4.338  -13.143 1.00 11.23 ? 144 VAL A CG1 1 
ATOM   1115 C  CG2 . VAL A 1 144 ? 2.117   -5.934  -12.898 1.00 8.60  ? 144 VAL A CG2 1 
ATOM   1116 N  N   . ILE A 1 145 ? 2.025   -1.348  -11.822 1.00 7.24  ? 145 ILE A N   1 
ATOM   1117 C  CA  . ILE A 1 145 ? 1.472   0.009   -11.783 1.00 7.76  ? 145 ILE A CA  1 
ATOM   1118 C  C   . ILE A 1 145 ? 2.424   0.909   -12.519 1.00 7.86  ? 145 ILE A C   1 
ATOM   1119 O  O   . ILE A 1 145 ? 1.862   1.781   -13.265 1.00 9.79  ? 145 ILE A O   1 
ATOM   1120 C  CB  . ILE A 1 145 ? 1.093   0.581   -10.341 1.00 7.18  ? 145 ILE A CB  1 
ATOM   1121 C  CG1 . ILE A 1 145 ? -0.068  -0.210  -9.716  1.00 9.91  ? 145 ILE A CG1 1 
ATOM   1122 C  CG2 . ILE A 1 145 ? 0.764   2.103   -10.368 1.00 7.14  ? 145 ILE A CG2 1 
ATOM   1123 C  CD1 . ILE A 1 145 ? -0.070  -0.205  -8.139  1.00 11.03 ? 145 ILE A CD1 1 
ATOM   1124 N  N   . LYS A 1 146 ? 3.695   0.863   -12.377 1.00 7.78  ? 146 LYS A N   1 
ATOM   1125 C  CA  . LYS A 1 146 ? 4.709   1.654   -13.014 1.00 7.02  ? 146 LYS A CA  1 
ATOM   1126 C  C   . LYS A 1 146 ? 4.572   1.498   -14.532 1.00 11.26 ? 146 LYS A C   1 
ATOM   1127 O  O   . LYS A 1 146 ? 4.696   2.528   -15.252 1.00 14.01 ? 146 LYS A O   1 
ATOM   1128 C  CB  . LYS A 1 146 ? 6.092   1.268   -12.554 1.00 6.50  ? 146 LYS A CB  1 
ATOM   1129 C  CG  . LYS A 1 146 ? 6.474   1.931   -11.162 1.00 9.46  ? 146 LYS A CG  1 
ATOM   1130 C  CD  . LYS A 1 146 ? 7.617   1.056   -10.661 1.00 13.43 ? 146 LYS A CD  1 
ATOM   1131 C  CE  . LYS A 1 146 ? 8.321   1.703   -9.519  1.00 16.11 ? 146 LYS A CE  1 
ATOM   1132 N  NZ  . LYS A 1 146 ? 9.443   0.805   -9.137  1.00 21.19 ? 146 LYS A NZ  1 
ATOM   1133 N  N   . LYS A 1 147 ? 4.226   0.352   -15.001 1.00 12.50 ? 147 LYS A N   1 
ATOM   1134 C  CA  . LYS A 1 147 ? 4.018   0.102   -16.434 1.00 16.56 ? 147 LYS A CA  1 
ATOM   1135 C  C   . LYS A 1 147 ? 2.869   0.926   -16.941 1.00 14.36 ? 147 LYS A C   1 
ATOM   1136 O  O   . LYS A 1 147 ? 2.912   1.602   -17.987 1.00 18.27 ? 147 LYS A O   1 
ATOM   1137 C  CB  . LYS A 1 147 ? 3.757   -1.370  -16.668 1.00 17.04 ? 147 LYS A CB  1 
ATOM   1138 C  CG  . LYS A 1 147 ? 3.405   -1.833  -18.062 1.00 24.04 ? 147 LYS A CG  1 
ATOM   1139 C  CD  . LYS A 1 147 ? 3.832   -3.278  -18.295 1.00 30.66 ? 147 LYS A CD  1 
ATOM   1140 C  CE  . LYS A 1 147 ? 3.397   -4.203  -17.157 1.00 35.05 ? 147 LYS A CE  1 
ATOM   1141 N  NZ  . LYS A 1 147 ? 4.322   -5.374  -17.033 1.00 37.27 ? 147 LYS A NZ  1 
ATOM   1142 N  N   . GLU A 1 148 ? 1.765   0.833   -16.248 1.00 16.22 ? 148 GLU A N   1 
ATOM   1143 C  CA  . GLU A 1 148 ? 0.542   1.565   -16.626 1.00 14.98 ? 148 GLU A CA  1 
ATOM   1144 C  C   . GLU A 1 148 ? 0.743   3.050   -16.562 1.00 18.09 ? 148 GLU A C   1 
ATOM   1145 O  O   . GLU A 1 148 ? 0.083   3.770   -17.352 1.00 21.03 ? 148 GLU A O   1 
ATOM   1146 C  CB  . GLU A 1 148 ? -0.579  1.097   -15.711 1.00 18.43 ? 148 GLU A CB  1 
ATOM   1147 C  CG  . GLU A 1 148 ? -1.005  -0.374  -15.792 1.00 19.79 ? 148 GLU A CG  1 
ATOM   1148 C  CD  . GLU A 1 148 ? -1.365  -0.740  -17.223 1.00 28.07 ? 148 GLU A CD  1 
ATOM   1149 O  OE1 . GLU A 1 148 ? -0.399  -1.085  -17.937 1.00 27.37 ? 148 GLU A OE1 1 
ATOM   1150 O  OE2 . GLU A 1 148 ? -2.512  -0.602  -17.620 1.00 30.45 ? 148 GLU A OE2 1 
ATOM   1151 N  N   . MET A 1 149 ? 1.548   3.600   -15.688 1.00 18.47 ? 149 MET A N   1 
ATOM   1152 C  CA  . MET A 1 149 ? 1.882   5.009   -15.522 1.00 15.60 ? 149 MET A CA  1 
ATOM   1153 C  C   . MET A 1 149 ? 2.619   5.456   -16.776 1.00 22.96 ? 149 MET A C   1 
ATOM   1154 O  O   . MET A 1 149 ? 2.339   6.456   -17.451 1.00 24.02 ? 149 MET A O   1 
ATOM   1155 C  CB  . MET A 1 149 ? 2.739   5.259   -14.276 1.00 14.60 ? 149 MET A CB  1 
ATOM   1156 C  CG  . MET A 1 149 ? 1.826   5.228   -13.067 1.00 11.00 ? 149 MET A CG  1 
ATOM   1157 S  SD  . MET A 1 149 ? 2.792   4.964   -11.555 1.00 9.38  ? 149 MET A SD  1 
ATOM   1158 C  CE  . MET A 1 149 ? 3.905   6.348   -11.604 1.00 9.06  ? 149 MET A CE  1 
ATOM   1159 N  N   . ASP A 1 150 ? 3.606   4.646   -17.097 1.00 25.94 ? 150 ASP A N   1 
ATOM   1160 C  CA  . ASP A 1 150 ? 4.427   4.778   -18.286 1.00 35.22 ? 150 ASP A CA  1 
ATOM   1161 C  C   . ASP A 1 150 ? 3.511   4.868   -19.516 1.00 35.21 ? 150 ASP A C   1 
ATOM   1162 O  O   . ASP A 1 150 ? 3.679   5.718   -20.397 1.00 35.69 ? 150 ASP A O   1 
ATOM   1163 C  CB  . ASP A 1 150 ? 5.425   3.619   -18.396 1.00 42.93 ? 150 ASP A CB  1 
ATOM   1164 C  CG  . ASP A 1 150 ? 6.756   4.235   -18.824 1.00 53.13 ? 150 ASP A CG  1 
ATOM   1165 O  OD1 . ASP A 1 150 ? 7.231   5.120   -18.104 1.00 58.56 ? 150 ASP A OD1 1 
ATOM   1166 O  OD2 . ASP A 1 150 ? 7.235   3.860   -19.915 1.00 61.77 ? 150 ASP A OD2 1 
ATOM   1167 N  N   . ASP A 1 151 ? 2.536   4.009   -19.551 1.00 37.95 ? 151 ASP A N   1 
ATOM   1168 C  CA  . ASP A 1 151 ? 1.517   3.835   -20.560 1.00 39.74 ? 151 ASP A CA  1 
ATOM   1169 C  C   . ASP A 1 151 ? 0.392   4.857   -20.496 1.00 42.08 ? 151 ASP A C   1 
ATOM   1170 O  O   . ASP A 1 151 ? -0.225  5.076   -21.569 1.00 43.21 ? 151 ASP A O   1 
ATOM   1171 C  CB  . ASP A 1 151 ? 0.959   2.377   -20.446 1.00 42.17 ? 151 ASP A CB  1 
ATOM   1172 C  CG  . ASP A 1 151 ? 1.930   1.439   -21.163 1.00 42.39 ? 151 ASP A CG  1 
ATOM   1173 O  OD1 . ASP A 1 151 ? 3.149   1.700   -21.240 1.00 43.24 ? 151 ASP A OD1 1 
ATOM   1174 O  OD2 . ASP A 1 151 ? 1.386   0.446   -21.675 1.00 43.20 ? 151 ASP A OD2 1 
ATOM   1175 N  N   . ALA A 1 152 ? 0.122   5.440   -19.343 1.00 40.26 ? 152 ALA A N   1 
ATOM   1176 C  CA  . ALA A 1 152 ? -0.945  6.430   -19.194 1.00 40.46 ? 152 ALA A CA  1 
ATOM   1177 C  C   . ALA A 1 152 ? -0.436  7.759   -19.760 1.00 43.21 ? 152 ALA A C   1 
ATOM   1178 O  O   . ALA A 1 152 ? -1.235  8.544   -20.299 1.00 45.54 ? 152 ALA A O   1 
ATOM   1179 C  CB  . ALA A 1 152 ? -1.404  6.660   -17.770 1.00 42.28 ? 152 ALA A CB  1 
ATOM   1180 N  N   . ALA A 1 153 ? 0.850   7.948   -19.581 1.00 43.57 ? 153 ALA A N   1 
ATOM   1181 C  CA  . ALA A 1 153 ? 1.601   9.126   -20.006 1.00 44.44 ? 153 ALA A CA  1 
ATOM   1182 C  C   . ALA A 1 153 ? 2.031   9.022   -21.463 1.00 42.73 ? 153 ALA A C   1 
ATOM   1183 O  O   . ALA A 1 153 ? 2.776   8.032   -21.725 1.00 42.87 ? 153 ALA A O   1 
ATOM   1184 C  CB  . ALA A 1 153 ? 2.801   9.287   -19.070 1.00 43.36 ? 153 ALA A CB  1 
HETATM 1185 C  CHA . HEM B 2 .   ? -4.679  7.253   -5.474  1.00 7.19  ? 154 HEM A CHA 1 
HETATM 1186 C  CHB . HEM B 2 .   ? -3.248  2.594   -5.034  1.00 6.06  ? 154 HEM A CHB 1 
HETATM 1187 C  CHC . HEM B 2 .   ? 1.397   3.927   -4.689  1.00 4.66  ? 154 HEM A CHC 1 
HETATM 1188 C  CHD . HEM B 2 .   ? -0.183  8.537   -4.339  1.00 12.65 ? 154 HEM A CHD 1 
HETATM 1189 C  C1A . HEM B 2 .   ? -4.623  5.832   -5.365  1.00 6.99  ? 154 HEM A C1A 1 
HETATM 1190 C  C2A . HEM B 2 .   ? -5.787  5.026   -5.490  1.00 9.45  ? 154 HEM A C2A 1 
HETATM 1191 C  C3A . HEM B 2 .   ? -5.428  3.736   -5.416  1.00 5.96  ? 154 HEM A C3A 1 
HETATM 1192 C  C4A . HEM B 2 .   ? -3.961  3.736   -5.219  1.00 11.25 ? 154 HEM A C4A 1 
HETATM 1193 C  CMA . HEM B 2 .   ? -6.272  2.453   -5.522  1.00 11.85 ? 154 HEM A CMA 1 
HETATM 1194 C  CAA . HEM B 2 .   ? -7.230  5.561   -5.754  1.00 14.86 ? 154 HEM A CAA 1 
HETATM 1195 C  CBA . HEM B 2 .   ? -7.595  5.770   -7.218  1.00 17.27 ? 154 HEM A CBA 1 
HETATM 1196 C  CGA . HEM B 2 .   ? -8.947  6.365   -7.516  1.00 20.05 ? 154 HEM A CGA 1 
HETATM 1197 O  O1A . HEM B 2 .   ? -8.944  7.513   -8.021  1.00 26.19 ? 154 HEM A O1A 1 
HETATM 1198 O  O2A . HEM B 2 .   ? -9.989  5.780   -7.194  1.00 24.01 ? 154 HEM A O2A 1 
HETATM 1199 C  C1B . HEM B 2 .   ? -1.874  2.582   -4.923  1.00 2.87  ? 154 HEM A C1B 1 
HETATM 1200 C  C2B . HEM B 2 .   ? -1.095  1.354   -4.739  1.00 5.59  ? 154 HEM A C2B 1 
HETATM 1201 C  C3B . HEM B 2 .   ? 0.193   1.706   -4.720  1.00 1.38  ? 154 HEM A C3B 1 
HETATM 1202 C  C4B . HEM B 2 .   ? 0.266   3.128   -4.777  1.00 1.38  ? 154 HEM A C4B 1 
HETATM 1203 C  CMB . HEM B 2 .   ? -1.838  -0.022  -4.744  1.00 5.45  ? 154 HEM A CMB 1 
HETATM 1204 C  CAB . HEM B 2 .   ? 1.408   0.803   -4.504  1.00 2.50  ? 154 HEM A CAB 1 
HETATM 1205 C  CBB . HEM B 2 .   ? 1.495   -0.515  -4.843  1.00 2.68  ? 154 HEM A CBB 1 
HETATM 1206 C  C1C . HEM B 2 .   ? 1.349   5.299   -4.476  1.00 7.16  ? 154 HEM A C1C 1 
HETATM 1207 C  C2C . HEM B 2 .   ? 2.475   6.107   -4.244  1.00 1.96  ? 154 HEM A C2C 1 
HETATM 1208 C  C3C . HEM B 2 .   ? 2.072   7.391   -4.103  1.00 9.10  ? 154 HEM A C3C 1 
HETATM 1209 C  C4C . HEM B 2 .   ? 0.638   7.389   -4.298  1.00 12.47 ? 154 HEM A C4C 1 
HETATM 1210 C  CMC . HEM B 2 .   ? 3.938   5.657   -4.117  1.00 6.34  ? 154 HEM A CMC 1 
HETATM 1211 C  CAC . HEM B 2 .   ? 2.860   8.704   -3.843  1.00 4.98  ? 154 HEM A CAC 1 
HETATM 1212 C  CBC . HEM B 2 .   ? 3.611   8.976   -2.829  1.00 4.20  ? 154 HEM A CBC 1 
HETATM 1213 C  C1D . HEM B 2 .   ? -1.518  8.658   -4.712  1.00 8.73  ? 154 HEM A C1D 1 
HETATM 1214 C  C2D . HEM B 2 .   ? -2.321  9.880   -4.838  1.00 9.83  ? 154 HEM A C2D 1 
HETATM 1215 C  C3D . HEM B 2 .   ? -3.522  9.499   -5.159  1.00 7.35  ? 154 HEM A C3D 1 
HETATM 1216 C  C4D . HEM B 2 .   ? -3.590  8.078   -5.252  1.00 9.58  ? 154 HEM A C4D 1 
HETATM 1217 C  CMD . HEM B 2 .   ? -1.693  11.289  -4.584  1.00 8.35  ? 154 HEM A CMD 1 
HETATM 1218 C  CAD . HEM B 2 .   ? -4.803  10.358  -5.365  1.00 11.17 ? 154 HEM A CAD 1 
HETATM 1219 C  CBD . HEM B 2 .   ? -5.636  10.291  -4.091  1.00 14.58 ? 154 HEM A CBD 1 
HETATM 1220 C  CGD . HEM B 2 .   ? -6.619  11.412  -3.924  1.00 22.08 ? 154 HEM A CGD 1 
HETATM 1221 O  O1D . HEM B 2 .   ? -6.219  12.523  -3.499  1.00 26.21 ? 154 HEM A O1D 1 
HETATM 1222 O  O2D . HEM B 2 .   ? -7.784  10.996  -4.170  1.00 27.16 ? 154 HEM A O2D 1 
HETATM 1223 N  NA  . HEM B 2 .   ? -3.467  5.011   -5.210  1.00 2.74  ? 154 HEM A NA  1 
HETATM 1224 N  NB  . HEM B 2 .   ? -1.021  3.620   -4.860  1.00 7.23  ? 154 HEM A NB  1 
HETATM 1225 N  NC  . HEM B 2 .   ? 0.203   6.093   -4.561  1.00 11.09 ? 154 HEM A NC  1 
HETATM 1226 N  ND  . HEM B 2 .   ? -2.317  7.560   -4.937  1.00 10.45 ? 154 HEM A ND  1 
HETATM 1227 FE FE  . HEM B 2 .   ? -1.727  5.580   -5.204  1.00 10.85 ? 154 HEM A FE  1 
HETATM 1228 O  O   . HOH C 3 .   ? -7.848  7.624   10.069  1.00 16.54 ? 156 HOH A O   1 
HETATM 1229 O  O   . HOH C 3 .   ? 4.849   -8.085  -11.460 1.00 7.33  ? 157 HOH A O   1 
HETATM 1230 O  O   . HOH C 3 .   ? 8.357   -11.098 16.659  1.00 14.13 ? 158 HOH A O   1 
HETATM 1231 O  O   . HOH C 3 .   ? -4.058  -6.271  -7.187  1.00 26.07 ? 159 HOH A O   1 
HETATM 1232 O  O   . HOH C 3 .   ? 4.504   12.561  10.440  1.00 17.08 ? 160 HOH A O   1 
HETATM 1233 O  O   . HOH C 3 .   ? -2.759  -21.353 -11.428 1.00 20.56 ? 161 HOH A O   1 
HETATM 1234 O  O   . HOH C 3 .   ? -6.588  -11.533 -5.922  1.00 14.11 ? 162 HOH A O   1 
HETATM 1235 O  O   . HOH C 3 .   ? 1.859   -17.929 -14.206 1.00 9.21  ? 163 HOH A O   1 
HETATM 1236 O  O   . HOH C 3 .   ? -1.181  -9.013  -17.172 1.00 17.75 ? 164 HOH A O   1 
HETATM 1237 O  O   . HOH C 3 .   ? 0.808   -11.299 -16.837 1.00 14.70 ? 165 HOH A O   1 
HETATM 1238 O  O   . HOH C 3 .   ? 2.563   -10.111 -14.934 1.00 13.22 ? 166 HOH A O   1 
HETATM 1239 O  O   . HOH C 3 .   ? 3.705   -10.572 -12.528 1.00 12.84 ? 167 HOH A O   1 
HETATM 1240 O  O   . HOH C 3 .   ? 8.293   -8.229  -14.284 1.00 11.79 ? 168 HOH A O   1 
HETATM 1241 O  O   . HOH C 3 .   ? 8.714   -9.792  -11.913 1.00 9.97  ? 169 HOH A O   1 
HETATM 1242 O  O   . HOH C 3 .   ? 10.517  -9.043  -9.842  1.00 17.65 ? 170 HOH A O   1 
HETATM 1243 O  O   . HOH C 3 .   ? -8.093  2.389   -10.564 1.00 32.57 ? 171 HOH A O   1 
HETATM 1244 O  O   . HOH C 3 .   ? -12.384 -0.431  10.942  1.00 25.70 ? 172 HOH A O   1 
HETATM 1245 O  O   . HOH C 3 .   ? -10.546 9.110   -0.867  1.00 15.06 ? 173 HOH A O   1 
HETATM 1246 O  O   . HOH C 3 .   ? 12.600  -2.798  1.602   1.00 20.82 ? 174 HOH A O   1 
HETATM 1247 O  O   . HOH C 3 .   ? 11.612  -5.456  2.540   1.00 23.06 ? 175 HOH A O   1 
HETATM 1248 O  O   . HOH C 3 .   ? 2.229   -3.214  17.912  1.00 33.43 ? 176 HOH A O   1 
HETATM 1249 O  O   . HOH C 3 .   ? 6.028   -16.267 -10.963 1.00 11.66 ? 177 HOH A O   1 
HETATM 1250 O  O   . HOH C 3 .   ? -6.443  -8.830  -10.919 1.00 16.12 ? 178 HOH A O   1 
HETATM 1251 O  O   . HOH C 3 .   ? 12.085  -14.329 4.875   1.00 21.52 ? 179 HOH A O   1 
HETATM 1252 O  O   . HOH C 3 .   ? 10.940  8.581   -10.835 1.00 10.87 ? 180 HOH A O   1 
HETATM 1253 O  O   . HOH C 3 .   ? 9.001   -2.755  -7.811  1.00 13.07 ? 181 HOH A O   1 
HETATM 1254 O  O   . HOH C 3 .   ? 6.914   -1.591  -14.684 1.00 21.34 ? 182 HOH A O   1 
HETATM 1255 O  O   . HOH C 3 .   ? 5.898   -7.828  -14.350 1.00 26.53 ? 183 HOH A O   1 
HETATM 1256 O  O   . HOH C 3 .   ? 11.137  -8.249  -4.393  1.00 26.49 ? 184 HOH A O   1 
HETATM 1257 O  O   . HOH C 3 .   ? 1.404   -7.894  20.254  1.00 24.71 ? 185 HOH A O   1 
HETATM 1258 O  O   . HOH C 3 .   ? 1.096   -21.417 -3.769  1.00 37.70 ? 186 HOH A O   1 
HETATM 1259 O  O   . HOH C 3 .   ? -4.021  -8.398  -8.499  1.00 22.55 ? 187 HOH A O   1 
HETATM 1260 O  O   . HOH C 3 .   ? -11.240 1.797   1.235   1.00 20.43 ? 188 HOH A O   1 
HETATM 1261 O  O   . HOH C 3 .   ? -8.403  17.199  5.406   1.00 27.05 ? 189 HOH A O   1 
HETATM 1262 O  O   . HOH C 3 .   ? -11.243 3.160   16.062  1.00 28.80 ? 190 HOH A O   1 
HETATM 1263 O  O   . HOH C 3 .   ? -6.781  -15.117 7.517   1.00 29.02 ? 191 HOH A O   1 
HETATM 1264 O  O   . HOH C 3 .   ? -6.519  -11.657 11.637  1.00 18.36 ? 192 HOH A O   1 
HETATM 1265 O  O   . HOH C 3 .   ? 9.433   0.549   -4.296  1.00 35.40 ? 193 HOH A O   1 
HETATM 1266 O  O   . HOH C 3 .   ? 9.995   2.110   -7.214  1.00 35.13 ? 194 HOH A O   1 
HETATM 1267 O  O   . HOH C 3 .   ? 7.813   8.205   -13.126 1.00 13.93 ? 195 HOH A O   1 
HETATM 1268 O  O   . HOH C 3 .   ? 9.028   -1.636  -5.469  1.00 23.34 ? 196 HOH A O   1 
HETATM 1269 O  O   . HOH C 3 .   ? -7.811  -2.347  3.515   1.00 18.21 ? 197 HOH A O   1 
HETATM 1270 O  O   . HOH C 3 .   ? -2.391  13.361  14.408  1.00 38.54 ? 198 HOH A O   1 
HETATM 1271 O  O   . HOH C 3 .   ? -7.754  -7.624  15.796  1.00 35.87 ? 200 HOH A O   1 
HETATM 1272 O  O   . HOH C 3 .   ? -13.249 -0.255  22.323  1.00 43.84 ? 201 HOH A O   1 
HETATM 1273 O  O   . HOH C 3 .   ? -2.565  -16.364 13.932  1.00 32.04 ? 202 HOH A O   1 
HETATM 1274 O  O   . HOH C 3 .   ? -9.991  11.739  -1.889  1.00 33.97 ? 203 HOH A O   1 
HETATM 1275 O  O   . HOH C 3 .   ? -13.354 1.144   26.411  1.00 27.88 ? 204 HOH A O   1 
HETATM 1276 O  O   . HOH C 3 .   ? 0.390   -14.600 12.535  1.00 23.87 ? 205 HOH A O   1 
HETATM 1277 O  O   . HOH C 3 .   ? -4.540  -4.945  15.887  1.00 27.95 ? 206 HOH A O   1 
HETATM 1278 O  O   . HOH C 3 .   ? -6.847  8.186   14.355  1.00 20.92 ? 207 HOH A O   1 
HETATM 1279 O  O   . HOH C 3 .   ? -8.270  10.170  9.104   1.00 8.16  ? 208 HOH A O   1 
HETATM 1280 O  O   . HOH C 3 .   ? -0.273  1.288   14.853  1.00 45.39 ? 209 HOH A O   1 
HETATM 1281 O  O   . HOH C 3 .   ? 0.785   -4.703  19.530  1.00 55.92 ? 210 HOH A O   1 
HETATM 1282 O  O   . HOH C 3 .   ? -5.206  20.414  10.728  1.00 34.63 ? 211 HOH A O   1 
HETATM 1283 O  O   . HOH C 3 .   ? -0.995  3.652   16.015  1.00 40.78 ? 212 HOH A O   1 
HETATM 1284 O  O   . HOH C 3 .   ? 6.711   -6.231  15.616  1.00 39.14 ? 214 HOH A O   1 
HETATM 1285 O  O   . HOH C 3 .   ? 12.934  -5.661  -2.550  1.00 42.92 ? 215 HOH A O   1 
HETATM 1286 O  O   . HOH C 3 .   ? 10.821  7.714   -14.148 1.00 43.71 ? 217 HOH A O   1 
HETATM 1287 O  O   . HOH C 3 .   ? 12.103  -10.033 5.525   1.00 20.64 ? 218 HOH A O   1 
HETATM 1288 O  O   . HOH C 3 .   ? 7.281   -1.655  15.244  1.00 42.17 ? 219 HOH A O   1 
HETATM 1289 O  O   . HOH C 3 .   ? 5.761   16.926  -3.480  1.00 21.15 ? 220 HOH A O   1 
HETATM 1290 O  O   . HOH C 3 .   ? 13.513  10.751  -17.168 1.00 54.37 ? 221 HOH A O   1 
HETATM 1291 O  O   . HOH C 3 .   ? 13.608  4.787   -7.160  1.00 36.60 ? 222 HOH A O   1 
HETATM 1292 O  O   . HOH C 3 .   ? 3.890   19.486  6.487   1.00 47.98 ? 223 HOH A O   1 
HETATM 1293 O  O   . HOH C 3 .   ? 17.259  -6.314  5.412   1.00 37.37 ? 225 HOH A O   1 
HETATM 1294 O  O   . HOH C 3 .   ? 18.839  -7.116  3.680   1.00 37.48 ? 226 HOH A O   1 
HETATM 1295 O  O   . HOH C 3 .   ? 6.111   27.784  -4.584  1.00 50.30 ? 228 HOH A O   1 
HETATM 1296 O  O   . HOH C 3 .   ? 7.210   14.800  8.982   1.00 30.69 ? 229 HOH A O   1 
HETATM 1297 O  O   . HOH C 3 .   ? 4.232   23.403  6.680   1.00 48.95 ? 230 HOH A O   1 
HETATM 1298 O  O   . HOH C 3 .   ? -10.794 -7.213  9.427   1.00 26.84 ? 231 HOH A O   1 
HETATM 1299 O  O   . HOH C 3 .   ? 6.013   22.933  2.449   1.00 42.55 ? 232 HOH A O   1 
HETATM 1300 O  O   . HOH C 3 .   ? 5.602   12.586  13.112  1.00 33.55 ? 233 HOH A O   1 
HETATM 1301 O  O   . HOH C 3 .   ? 10.577  17.508  -3.155  1.00 36.35 ? 234 HOH A O   1 
HETATM 1302 O  O   . HOH C 3 .   ? 18.992  -5.785  7.001   1.00 55.70 ? 235 HOH A O   1 
HETATM 1303 O  O   . HOH C 3 .   ? 18.194  13.716  -19.008 1.00 18.51 ? 238 HOH A O   1 
HETATM 1304 O  O   . HOH C 3 .   ? 11.200  19.530  -1.290  1.00 36.28 ? 239 HOH A O   1 
HETATM 1305 O  O   . HOH C 3 .   ? 21.295  -5.280  6.817   1.00 27.81 ? 240 HOH A O   1 
HETATM 1306 O  O   . HOH C 3 .   ? -11.351 2.368   4.385   1.00 23.13 ? 241 HOH A O   1 
HETATM 1307 O  O   . HOH C 3 .   ? -3.672  11.070  -16.559 1.00 30.82 ? 244 HOH A O   1 
HETATM 1308 O  O   . HOH C 3 .   ? -25.506 2.396   -25.242 1.00 44.20 ? 246 HOH A O   1 
HETATM 1309 O  O   . HOH C 3 .   ? -29.009 6.967   -19.284 1.00 41.28 ? 247 HOH A O   1 
HETATM 1310 O  O   . HOH C 3 .   ? -20.166 -15.847 -1.565  1.00 34.65 ? 248 HOH A O   1 
HETATM 1311 O  O   . HOH C 3 .   ? -2.695  17.414  -13.535 1.00 56.21 ? 249 HOH A O   1 
HETATM 1312 O  O   . HOH C 3 .   ? -20.331 -4.275  -13.806 1.00 22.02 ? 250 HOH A O   1 
HETATM 1313 O  O   . HOH C 3 .   ? -1.058  15.630  -6.348  1.00 15.27 ? 251 HOH A O   1 
HETATM 1314 O  O   . HOH C 3 .   ? -29.535 -0.544  17.324  1.00 33.54 ? 252 HOH A O   1 
HETATM 1315 O  O   . HOH C 3 .   ? -24.141 4.689   -10.986 1.00 20.03 ? 253 HOH A O   1 
HETATM 1316 O  O   . HOH C 3 .   ? -21.551 -5.390  15.482  1.00 52.07 ? 254 HOH A O   1 
HETATM 1317 O  O   . HOH C 3 .   ? -15.251 -12.898 6.437   1.00 41.80 ? 255 HOH A O   1 
HETATM 1318 O  O   . HOH C 3 .   ? -8.263  -14.501 -0.386  1.00 26.17 ? 258 HOH A O   1 
HETATM 1319 O  O   . HOH C 3 .   ? -19.713 12.319  -1.296  1.00 30.77 ? 259 HOH A O   1 
HETATM 1320 O  O   . HOH C 3 .   ? -11.677 0.870   -11.317 1.00 53.66 ? 260 HOH A O   1 
HETATM 1321 O  O   . HOH C 3 .   ? -23.656 3.451   30.187  1.00 41.49 ? 261 HOH A O   1 
HETATM 1322 O  O   . HOH C 3 .   ? -8.912  -16.411 11.220  1.00 55.15 ? 263 HOH A O   1 
HETATM 1323 O  O   . HOH C 3 .   ? -10.032 -0.395  -5.348  1.00 29.38 ? 264 HOH A O   1 
HETATM 1324 O  O   . HOH C 3 .   ? -0.250  -2.080  -20.806 1.00 41.09 ? 266 HOH A O   1 
HETATM 1325 O  O   . HOH C 3 .   ? -17.619 16.480  4.129   1.00 44.50 ? 267 HOH A O   1 
HETATM 1326 O  O   . HOH C 3 .   ? -12.781 0.489   14.113  1.00 30.73 ? 268 HOH A O   1 
HETATM 1327 O  O   . HOH C 3 .   ? -8.617  7.893   -3.112  1.00 28.65 ? 269 HOH A O   1 
HETATM 1328 O  O   . HOH C 3 .   ? -3.281  9.561   -19.140 1.00 36.47 ? 270 HOH A O   1 
HETATM 1329 O  O   . HOH C 3 .   ? -5.889  11.903  -11.055 1.00 47.77 ? 271 HOH A O   1 
HETATM 1330 O  O   . HOH C 3 .   ? -12.451 16.991  -1.128  1.00 36.86 ? 272 HOH A O   1 
HETATM 1331 O  O   . HOH C 3 .   ? -2.375  -10.843 11.956  1.00 28.27 ? 274 HOH A O   1 
HETATM 1332 O  O   . HOH C 3 .   ? -30.579 8.209   -16.355 1.00 37.64 ? 275 HOH A O   1 
HETATM 1333 O  O   . HOH C 3 .   ? -11.109 15.932  3.476   1.00 24.48 ? 276 HOH A O   1 
HETATM 1334 O  O   . HOH C 3 .   ? -9.703  7.387   15.164  1.00 23.99 ? 278 HOH A O   1 
HETATM 1335 O  O   . HOH C 3 .   ? 3.134   -14.910 13.452  1.00 19.02 ? 279 HOH A O   1 
HETATM 1336 O  O   . HOH C 3 .   ? -9.413  18.661  2.136   1.00 45.37 ? 280 HOH A O   1 
HETATM 1337 O  O   . HOH C 3 .   ? 7.470   -4.076  -16.298 1.00 44.65 ? 281 HOH A O   1 
HETATM 1338 O  O   . HOH C 3 .   ? -18.292 -15.187 -3.631  1.00 45.49 ? 283 HOH A O   1 
HETATM 1339 O  O   . HOH C 3 .   ? 6.101   4.554   -14.558 1.00 32.44 ? 285 HOH A O   1 
HETATM 1340 O  O   . HOH C 3 .   ? -19.203 -0.795  -14.829 1.00 36.94 ? 286 HOH A O   1 
HETATM 1341 O  O   . HOH C 3 .   ? 9.712   -1.382  -12.710 1.00 31.48 ? 287 HOH A O   1 
HETATM 1342 O  O   . HOH C 3 .   ? -31.330 2.126   17.840  1.00 30.07 ? 288 HOH A O   1 
HETATM 1343 O  O   . HOH C 3 .   ? 13.939  -18.360 4.854   1.00 46.35 ? 289 HOH A O   1 
HETATM 1344 O  O   . HOH C 3 .   ? 11.188  -4.491  -7.966  1.00 25.91 ? 291 HOH A O   1 
HETATM 1345 O  O   . HOH C 3 .   ? 12.145  -9.491  -2.326  1.00 29.54 ? 292 HOH A O   1 
HETATM 1346 O  O   . HOH C 3 .   ? 6.930   -5.847  8.236   1.00 20.89 ? 293 HOH A O   1 
HETATM 1347 O  O   . HOH C 3 .   ? 2.056   0.085   18.277  1.00 57.72 ? 294 HOH A O   1 
HETATM 1348 O  O   . HOH C 3 .   ? -15.419 -9.014  -7.252  1.00 44.76 ? 295 HOH A O   1 
HETATM 1349 O  O   . HOH C 3 .   ? 2.109   -1.047  22.754  1.00 56.31 ? 297 HOH A O   1 
HETATM 1350 O  O   . HOH C 3 .   ? 7.655   -7.794  20.875  1.00 35.26 ? 298 HOH A O   1 
HETATM 1351 O  O   . HOH C 3 .   ? 7.970   -8.802  17.686  1.00 25.23 ? 299 HOH A O   1 
HETATM 1352 O  O   . HOH C 3 .   ? -14.498 -12.007 -4.971  1.00 52.40 ? 300 HOH A O   1 
HETATM 1353 O  O   . HOH C 3 .   ? -23.967 18.217  -13.959 1.00 38.43 ? 301 HOH A O   1 
HETATM 1354 O  O   . HOH C 3 .   ? 13.408  -7.913  -1.101  1.00 30.37 ? 302 HOH A O   1 
HETATM 1355 O  O   . HOH C 3 .   ? 0.493   7.944   15.656  1.00 43.45 ? 303 HOH A O   1 
HETATM 1356 O  O   . HOH C 3 .   ? 5.527   15.171  -8.560  1.00 43.61 ? 304 HOH A O   1 
HETATM 1357 O  O   . HOH C 3 .   ? -4.737  19.274  12.980  1.00 41.57 ? 305 HOH A O   1 
HETATM 1358 O  O   . HOH C 3 .   ? 13.452  -7.699  2.626   1.00 41.62 ? 306 HOH A O   1 
HETATM 1359 O  O   . HOH C 3 .   ? -11.777 -13.792 -2.846  1.00 39.00 ? 307 HOH A O   1 
HETATM 1360 O  O   . HOH C 3 .   ? 7.108   -0.164  12.726  1.00 23.52 ? 309 HOH A O   1 
HETATM 1361 O  O   . HOH C 3 .   ? 12.886  -9.675  7.928   1.00 26.23 ? 310 HOH A O   1 
HETATM 1362 O  O   . HOH C 3 .   ? -28.493 19.496  -0.519  1.00 23.78 ? 311 HOH A O   1 
HETATM 1363 O  O   . HOH C 3 .   ? 1.476   17.065  9.012   1.00 45.85 ? 312 HOH A O   1 
HETATM 1364 O  O   . HOH C 3 .   ? -10.257 -8.255  -13.306 1.00 24.95 ? 313 HOH A O   1 
HETATM 1365 O  O   . HOH C 3 .   ? -8.230  -8.617  -15.626 1.00 23.81 ? 315 HOH A O   1 
HETATM 1366 O  O   . HOH C 3 .   ? -3.472  -22.222 -8.260  1.00 24.61 ? 316 HOH A O   1 
HETATM 1367 O  O   . HOH C 3 .   ? 15.524  -8.418  7.274   1.00 47.89 ? 317 HOH A O   1 
HETATM 1368 O  O   . HOH C 3 .   ? 12.124  -5.211  9.752   1.00 49.05 ? 318 HOH A O   1 
HETATM 1369 O  O   . HOH C 3 .   ? 2.966   14.805  10.754  1.00 32.68 ? 319 HOH A O   1 
HETATM 1370 O  O   . HOH C 3 .   ? -2.205  -19.421 -13.058 1.00 33.83 ? 320 HOH A O   1 
HETATM 1371 O  O   . HOH C 3 .   ? -8.195  -12.728 -4.179  1.00 51.32 ? 323 HOH A O   1 
HETATM 1372 O  O   . HOH C 3 .   ? -7.263  -16.559 -0.032  1.00 29.58 ? 324 HOH A O   1 
HETATM 1373 O  O   . HOH C 3 .   ? 3.815   20.866  2.581   1.00 28.80 ? 325 HOH A O   1 
HETATM 1374 O  O   . HOH C 3 .   ? 7.323   19.003  -5.911  1.00 61.09 ? 327 HOH A O   1 
HETATM 1375 O  O   . HOH C 3 .   ? 5.009   18.888  2.701   1.00 34.62 ? 330 HOH A O   1 
HETATM 1376 O  O   . HOH C 3 .   ? 5.365   17.365  5.769   1.00 24.83 ? 331 HOH A O   1 
HETATM 1377 O  O   . HOH C 3 .   ? -14.766 3.586   -4.403  1.00 37.51 ? 332 HOH A O   1 
HETATM 1378 O  O   . HOH C 3 .   ? -9.411  -4.133  -4.504  1.00 19.56 ? 337 HOH A O   1 
HETATM 1379 O  O   . HOH C 3 .   ? 6.932   14.765  12.408  1.00 37.03 ? 338 HOH A O   1 
HETATM 1380 O  O   . HOH C 3 .   ? -11.196 1.639   -6.279  1.00 37.45 ? 340 HOH A O   1 
HETATM 1381 O  O   . HOH C 3 .   ? -7.707  -18.595 14.548  1.00 39.04 ? 341 HOH A O   1 
HETATM 1382 O  O   . HOH C 3 .   ? -5.086  -17.254 1.728   1.00 33.05 ? 342 HOH A O   1 
HETATM 1383 O  O   . HOH C 3 .   ? -8.485  5.643   -17.180 1.00 51.25 ? 344 HOH A O   1 
HETATM 1384 O  O   . HOH C 3 .   ? -2.639  -19.296 1.504   1.00 29.20 ? 345 HOH A O   1 
HETATM 1385 O  O   . HOH C 3 .   ? -11.892 7.735   -5.417  1.00 37.76 ? 346 HOH A O   1 
HETATM 1386 O  O   . HOH C 3 .   ? -14.248 15.928  -6.176  1.00 50.83 ? 348 HOH A O   1 
HETATM 1387 O  O   . HOH C 3 .   ? 2.910   -19.712 -7.231  1.00 30.31 ? 349 HOH A O   1 
HETATM 1388 O  O   . HOH C 3 .   ? -18.645 15.947  7.143   1.00 24.31 ? 350 HOH A O   1 
HETATM 1389 O  O   . HOH C 3 .   ? 4.064   -20.773 -4.843  1.00 35.02 ? 351 HOH A O   1 
HETATM 1390 O  O   . HOH C 3 .   ? -2.050  -16.640 9.089   1.00 31.81 ? 352 HOH A O   1 
HETATM 1391 O  O   . HOH C 3 .   ? -15.468 0.616   25.193  1.00 27.19 ? 353 HOH A O   1 
HETATM 1392 O  O   . HOH C 3 .   ? 3.601   -17.734 -6.985  1.00 33.89 ? 354 HOH A O   1 
HETATM 1393 O  O   . HOH C 3 .   ? -13.681 14.032  3.549   1.00 35.09 ? 356 HOH A O   1 
HETATM 1394 O  O   . HOH C 3 .   ? 5.488   -3.863  23.774  1.00 58.27 ? 359 HOH A O   1 
HETATM 1395 O  O   . HOH C 3 .   ? 19.588  -10.986 8.539   1.00 50.39 ? 361 HOH A O   1 
HETATM 1396 O  O   . HOH C 3 .   ? -32.848 8.120   -16.879 1.00 38.27 ? 363 HOH A O   1 
HETATM 1397 O  O   . HOH C 3 .   ? -2.097  -7.700  11.523  1.00 46.59 ? 364 HOH A O   1 
HETATM 1398 O  O   . HOH C 3 .   ? -9.854  15.964  0.656   1.00 60.74 ? 365 HOH A O   1 
HETATM 1399 O  O   . HOH C 3 .   ? -5.861  15.738  -5.907  1.00 42.96 ? 367 HOH A O   1 
HETATM 1400 O  O   . HOH C 3 .   ? -4.242  -5.435  19.879  1.00 47.48 ? 368 HOH A O   1 
HETATM 1401 O  O   . HOH C 3 .   ? 4.591   -16.868 13.871  1.00 26.95 ? 369 HOH A O   1 
HETATM 1402 O  O   . HOH C 3 .   ? -0.546  6.027   -1.340  1.00 25.59 ? 371 HOH A O   1 
HETATM 1403 O  O   . HOH C 3 .   ? -9.005  16.229  10.501  1.00 30.18 ? 372 HOH A O   1 
HETATM 1404 O  O   . HOH C 3 .   ? -2.060  -2.446  20.268  1.00 41.33 ? 373 HOH A O   1 
HETATM 1405 O  O   . HOH C 3 .   ? -23.105 5.194   -13.339 1.00 47.65 ? 374 HOH A O   1 
HETATM 1406 O  O   . HOH C 3 .   ? 11.831  -10.423 0.168   1.00 34.93 ? 377 HOH A O   1 
HETATM 1407 O  O   . HOH C 3 .   ? -26.522 -2.202  18.252  1.00 54.04 ? 379 HOH A O   1 
HETATM 1408 O  O   . HOH C 3 .   ? -15.306 0.498   -9.379  1.00 36.42 ? 381 HOH A O   1 
HETATM 1409 O  O   . HOH C 3 .   ? -26.615 18.525  -2.444  1.00 44.51 ? 383 HOH A O   1 
HETATM 1410 O  O   . HOH C 3 .   ? -7.577  -18.020 -3.097  1.00 40.18 ? 384 HOH A O   1 
HETATM 1411 O  O   . HOH C 3 .   ? -8.471  -22.336 7.587   1.00 41.19 ? 385 HOH A O   1 
HETATM 1412 O  O   . HOH C 3 .   ? 1.945   22.900  5.367   1.00 40.86 ? 387 HOH A O   1 
HETATM 1413 O  O   . HOH C 3 .   ? 13.619  -4.965  14.133  1.00 50.53 ? 388 HOH A O   1 
HETATM 1414 O  O   . HOH C 3 .   ? 17.916  -8.607  7.940   1.00 32.32 ? 389 HOH A O   1 
HETATM 1415 O  O   . HOH C 3 .   ? -4.879  -17.844 4.637   1.00 40.30 ? 390 HOH A O   1 
HETATM 1416 O  O   . HOH C 3 .   ? -10.952 -11.210 11.243  1.00 35.61 ? 391 HOH A O   1 
HETATM 1417 O  O   . HOH C 3 .   ? 18.187  -7.791  10.134  1.00 47.60 ? 392 HOH A O   1 
HETATM 1418 O  O   . HOH C 3 .   ? -4.816  -7.218  -11.017 1.00 25.53 ? 393 HOH A O   1 
HETATM 1419 O  O   . HOH C 3 .   ? -9.327  7.889   -19.361 1.00 46.37 ? 395 HOH A O   1 
HETATM 1420 O  O   . HOH C 3 .   ? -22.660 5.490   31.339  1.00 40.18 ? 396 HOH A O   1 
HETATM 1421 O  O   . HOH C 3 .   ? 8.932   13.639  13.080  1.00 51.61 ? 397 HOH A O   1 
HETATM 1422 O  O   . HOH C 3 .   ? -16.837 -1.108  25.061  1.00 39.59 ? 398 HOH A O   1 
HETATM 1423 O  O   . HOH C 3 .   ? -11.238 -3.576  16.467  1.00 61.07 ? 400 HOH A O   1 
HETATM 1424 O  O   . HOH C 3 .   ? -13.760 3.751   15.882  1.00 40.94 ? 401 HOH A O   1 
HETATM 1425 O  O   . HOH C 3 .   ? -13.217 1.032   19.253  1.00 38.34 ? 402 HOH A O   1 
HETATM 1426 O  O   . HOH C 3 .   ? -6.007  -5.203  22.770  1.00 43.42 ? 403 HOH A O   1 
HETATM 1427 O  O   . HOH C 3 .   ? -0.641  -15.656 10.376  1.00 55.04 ? 404 HOH A O   1 
HETATM 1428 O  O   . HOH C 3 .   ? 6.309   -6.308  -19.780 1.00 50.64 ? 405 HOH A O   1 
HETATM 1429 O  O   . HOH C 3 .   ? -28.771 -12.438 -6.050  1.00 34.14 ? 406 HOH A O   1 
HETATM 1430 O  O   . HOH C 3 .   ? -41.273 -8.186  23.815  1.00 46.54 ? 407 HOH A O   1 
HETATM 1431 O  O   . HOH C 3 .   ? -14.483 2.996   1.575   1.00 36.47 ? 408 HOH A O   1 
HETATM 1432 O  O   . HOH C 3 .   ? -3.349  21.867  15.462  1.00 46.60 ? 409 HOH A O   1 
HETATM 1433 O  O   . HOH C 3 .   ? 10.659  -11.315 16.037  1.00 36.96 ? 410 HOH A O   1 
HETATM 1434 O  O   . HOH C 3 .   ? -49.998 -25.381 10.979  1.00 48.66 ? 411 HOH A O   1 
HETATM 1435 O  O   . HOH C 3 .   ? -47.694 -4.910  -35.881 1.00 58.18 ? 412 HOH A O   1 
HETATM 1436 O  O   . HOH C 3 .   ? -53.085 0.626   -31.130 1.00 58.63 ? 413 HOH A O   1 
HETATM 1437 O  O   . HOH C 3 .   ? -7.462  -6.776  -6.971  1.00 24.14 ? 414 HOH A O   1 
HETATM 1438 O  O   . HOH C 3 .   ? -14.401 8.150   15.554  1.00 20.01 ? 415 HOH A O   1 
HETATM 1439 O  O   . HOH C 3 .   ? -8.903  17.927  8.261   1.00 27.82 ? 416 HOH A O   1 
HETATM 1440 O  O   . HOH C 3 .   ? -3.687  -5.052  -20.710 1.00 47.79 ? 417 HOH A O   1 
HETATM 1441 O  O   . HOH C 3 .   ? -10.167 -3.117  -20.367 1.00 36.60 ? 418 HOH A O   1 
HETATM 1442 O  O   . HOH C 3 .   ? -4.377  14.611  -4.114  1.00 37.22 ? 419 HOH A O   1 
HETATM 1443 O  O   . HOH C 3 .   ? 10.741  -16.025 4.059   1.00 30.93 ? 420 HOH A O   1 
HETATM 1444 O  O   . HOH C 3 .   ? -6.659  -4.475  14.505  1.00 31.07 ? 421 HOH A O   1 
HETATM 1445 O  O   . HOH C 3 .   ? 17.963  -9.498  5.629   1.00 47.25 ? 422 HOH A O   1 
HETATM 1446 O  O   . HOH C 3 .   ? 10.105  13.700  9.827   1.00 47.33 ? 423 HOH A O   1 
HETATM 1447 O  O   . HOH C 3 .   ? -2.015  3.542   -18.342 1.00 44.09 ? 424 HOH A O   1 
HETATM 1448 O  O   . HOH C 3 .   ? 9.391   -1.379  -9.977  1.00 33.90 ? 425 HOH A O   1 
HETATM 1449 O  O   . HOH C 3 .   ? 3.521   4.535   18.431  1.00 45.40 ? 426 HOH A O   1 
HETATM 1450 O  O   . HOH C 3 .   ? -4.720  -22.694 -5.877  1.00 32.58 ? 427 HOH A O   1 
HETATM 1451 O  O   . HOH C 3 .   ? 0.488   19.942  1.371   1.00 37.92 ? 428 HOH A O   1 
HETATM 1452 O  O   . HOH C 3 .   ? 14.633  -2.686  -0.973  1.00 41.42 ? 429 HOH A O   1 
HETATM 1453 O  O   . HOH C 3 .   ? -4.947  9.490   18.463  1.00 48.84 ? 430 HOH A O   1 
HETATM 1454 O  O   . HOH C 3 .   ? 3.305   -23.821 -1.187  1.00 39.72 ? 431 HOH A O   1 
HETATM 1455 O  O   . HOH C 3 .   ? -0.490  17.355  -10.027 1.00 43.65 ? 432 HOH A O   1 
HETATM 1456 O  O   . HOH C 3 .   ? -3.238  -2.138  16.895  1.00 43.56 ? 433 HOH A O   1 
HETATM 1457 O  O   . HOH C 3 .   ? 3.913   -17.147 -13.811 1.00 40.92 ? 434 HOH A O   1 
HETATM 1458 O  O   . HOH C 3 .   ? 2.579   17.360  -10.670 1.00 47.59 ? 435 HOH A O   1 
HETATM 1459 O  O   . HOH C 3 .   ? -7.003  16.526  13.443  1.00 38.15 ? 436 HOH A O   1 
HETATM 1460 O  O   . HOH C 3 .   ? 0.431   22.351  16.224  1.00 41.38 ? 437 HOH A O   1 
HETATM 1461 O  O   . HOH C 3 .   ? -18.996 13.879  1.313   1.00 48.61 ? 438 HOH A O   1 
HETATM 1462 O  O   . HOH C 3 .   ? -7.387  14.751  -14.288 1.00 49.96 ? 439 HOH A O   1 
HETATM 1463 O  O   . HOH C 3 .   ? 4.402   -0.761  17.434  1.00 40.99 ? 440 HOH A O   1 
HETATM 1464 O  O   . HOH C 3 .   ? -5.802  -21.551 -3.947  1.00 45.17 ? 441 HOH A O   1 
HETATM 1465 O  O   . HOH C 3 .   ? 5.814   6.953   -14.848 1.00 41.22 ? 442 HOH A O   1 
HETATM 1466 O  O   . HOH C 3 .   ? 1.451   -6.215  -16.735 1.00 45.87 ? 443 HOH A O   1 
HETATM 1467 O  O   . HOH C 3 .   ? -0.531  11.132  16.673  1.00 50.32 ? 444 HOH A O   1 
HETATM 1468 O  O   . HOH C 3 .   ? -6.932  -9.257  -8.117  1.00 44.60 ? 445 HOH A O   1 
HETATM 1469 O  O   . HOH C 3 .   ? -7.040  -14.883 10.448  1.00 64.34 ? 452 HOH A O   1 
HETATM 1470 O  O   . HOH C 3 .   ? -7.262  19.681  3.574   1.00 45.94 ? 453 HOH A O   1 
# 
